data_2M9A
#
_entry.id   2M9A
#
loop_
_entity.id
_entity.type
_entity.pdbx_description
1 polymer 'E3 ubiquitin-protein ligase ZFP91'
2 non-polymer 'ZINC ION'
#
_entity_poly.entity_id   1
_entity_poly.type   'polypeptide(L)'
_entity_poly.pdbx_seq_one_letter_code
;MGHHHHHHSHMRDYICEYCARAFKSSHNLAVHRMIHTGEKPLQCEICGFTCRQKASLNWHMKKHDADSFYQFSCNICGKK
FEKKDSVVAHKAKSHPEV
;
_entity_poly.pdbx_strand_id   A
#
loop_
_chem_comp.id
_chem_comp.type
_chem_comp.name
_chem_comp.formula
ZN non-polymer 'ZINC ION' 'Zn 2'
#
# COMPACT_ATOMS: atom_id res chain seq x y z
N HIS A 10 8.10 23.81 -16.49
CA HIS A 10 7.08 23.75 -15.44
C HIS A 10 5.68 23.93 -16.06
N MET A 11 5.09 22.82 -16.55
CA MET A 11 3.68 22.77 -17.02
C MET A 11 3.04 21.46 -16.53
N ARG A 12 3.67 20.33 -16.87
CA ARG A 12 3.24 18.98 -16.42
C ARG A 12 4.15 18.51 -15.27
N ASP A 13 4.64 19.50 -14.50
CA ASP A 13 5.63 19.30 -13.45
C ASP A 13 5.04 19.77 -12.13
N TYR A 14 4.24 18.90 -11.54
CA TYR A 14 3.46 19.14 -10.34
C TYR A 14 4.36 19.05 -9.10
N ILE A 15 4.60 20.21 -8.46
CA ILE A 15 5.50 20.34 -7.31
C ILE A 15 4.67 20.61 -6.05
N CYS A 16 4.97 19.86 -4.98
CA CYS A 16 4.30 19.97 -3.67
C CYS A 16 5.06 20.99 -2.81
N GLU A 17 5.26 22.17 -3.41
CA GLU A 17 6.06 23.32 -2.91
C GLU A 17 7.56 23.00 -2.60
N TYR A 18 7.80 21.96 -1.79
CA TYR A 18 9.10 21.67 -1.15
C TYR A 18 9.42 20.18 -1.30
N CYS A 19 8.40 19.37 -1.02
CA CYS A 19 8.53 17.92 -0.84
C CYS A 19 7.94 17.14 -2.04
N ALA A 20 8.14 17.69 -3.25
CA ALA A 20 8.05 16.93 -4.50
C ALA A 20 9.11 17.42 -5.47
N ARG A 21 9.96 16.48 -5.92
CA ARG A 21 11.01 16.78 -6.92
C ARG A 21 10.35 17.12 -8.28
N ALA A 22 9.50 16.21 -8.82
CA ALA A 22 8.52 16.51 -9.87
C ALA A 22 7.61 15.31 -10.10
N PHE A 23 6.30 15.53 -10.10
CA PHE A 23 5.30 14.52 -10.49
C PHE A 23 4.67 14.95 -11.82
N LYS A 24 4.16 13.98 -12.60
CA LYS A 24 3.54 14.27 -13.91
C LYS A 24 2.00 14.30 -13.85
N SER A 25 1.44 14.19 -12.63
CA SER A 25 -0.01 14.25 -12.40
C SER A 25 -0.29 14.80 -10.98
N SER A 26 -1.33 15.65 -10.91
CA SER A 26 -1.86 16.23 -9.65
C SER A 26 -2.17 15.13 -8.60
N HIS A 27 -2.71 13.99 -9.07
CA HIS A 27 -3.05 12.85 -8.19
C HIS A 27 -1.78 12.16 -7.66
N ASN A 28 -0.75 12.03 -8.52
CA ASN A 28 0.55 11.39 -8.14
C ASN A 28 1.18 12.11 -6.93
N LEU A 29 1.21 13.44 -7.01
CA LEU A 29 1.68 14.32 -5.92
C LEU A 29 0.75 14.19 -4.70
N ALA A 30 -0.56 14.06 -4.96
CA ALA A 30 -1.60 13.90 -3.91
C ALA A 30 -1.44 12.58 -3.12
N VAL A 31 -0.87 11.55 -3.79
CA VAL A 31 -0.53 10.25 -3.18
C VAL A 31 0.51 10.44 -2.05
N HIS A 32 1.55 11.26 -2.30
CA HIS A 32 2.54 11.67 -1.27
C HIS A 32 1.89 12.62 -0.25
N ARG A 33 1.00 13.49 -0.76
CA ARG A 33 0.42 14.62 -0.01
C ARG A 33 -0.53 14.15 1.12
N MET A 34 -0.61 12.82 1.39
CA MET A 34 -1.37 12.18 2.53
C MET A 34 -1.16 12.87 3.91
N ILE A 35 -0.13 13.70 4.01
CA ILE A 35 0.22 14.47 5.19
C ILE A 35 -0.61 15.80 5.17
N HIS A 36 -0.52 16.58 4.08
CA HIS A 36 -1.14 17.94 3.98
C HIS A 36 -2.40 18.04 3.05
N THR A 37 -2.89 16.93 2.45
CA THR A 37 -3.86 17.01 1.32
C THR A 37 -5.34 17.19 1.78
N GLY A 38 -5.76 16.48 2.85
CA GLY A 38 -7.15 16.50 3.32
C GLY A 38 -7.93 15.22 2.98
N GLU A 39 -7.61 14.59 1.84
CA GLU A 39 -8.29 13.34 1.40
C GLU A 39 -7.64 12.12 2.08
N LYS A 40 -6.30 12.06 1.97
CA LYS A 40 -5.43 11.01 2.54
C LYS A 40 -5.68 9.64 1.86
N PRO A 41 -4.79 9.22 0.89
CA PRO A 41 -4.80 7.84 0.31
C PRO A 41 -4.32 6.77 1.35
N LEU A 42 -3.66 5.69 0.89
CA LEU A 42 -3.26 4.57 1.76
C LEU A 42 -1.78 4.21 1.59
N GLN A 43 -0.99 4.38 2.68
CA GLN A 43 0.43 4.00 2.73
C GLN A 43 0.60 2.76 3.64
N CYS A 44 1.51 1.88 3.23
CA CYS A 44 1.99 0.75 4.02
C CYS A 44 2.73 1.27 5.27
N GLU A 45 2.11 1.02 6.44
CA GLU A 45 2.55 1.53 7.77
C GLU A 45 3.74 0.68 8.34
N ILE A 46 4.55 0.10 7.45
CA ILE A 46 5.63 -0.85 7.79
C ILE A 46 6.98 -0.26 7.30
N CYS A 47 6.88 0.74 6.41
CA CYS A 47 7.94 1.09 5.49
C CYS A 47 7.38 2.34 4.78
N GLY A 48 7.50 2.41 3.48
CA GLY A 48 6.82 3.43 2.68
C GLY A 48 6.43 2.84 1.34
N PHE A 49 5.18 3.00 0.87
CA PHE A 49 4.65 2.40 -0.35
C PHE A 49 3.20 2.86 -0.34
N THR A 50 2.79 3.70 -1.28
CA THR A 50 1.52 4.40 -1.18
C THR A 50 0.75 4.19 -2.48
N CYS A 51 -0.56 4.00 -2.34
CA CYS A 51 -1.46 3.67 -3.44
C CYS A 51 -2.89 4.12 -3.15
N ARG A 52 -3.71 4.12 -4.21
CA ARG A 52 -5.10 4.61 -4.17
C ARG A 52 -6.07 3.47 -3.79
N GLN A 53 -5.74 2.22 -4.16
CA GLN A 53 -6.61 1.03 -3.95
C GLN A 53 -6.11 0.25 -2.71
N LYS A 54 -7.06 -0.21 -1.87
CA LYS A 54 -6.73 -0.87 -0.59
C LYS A 54 -5.95 -2.19 -0.76
N ALA A 55 -6.27 -2.96 -1.81
CA ALA A 55 -5.61 -4.26 -2.07
C ALA A 55 -4.09 -4.12 -2.37
N SER A 56 -3.73 -3.12 -3.20
CA SER A 56 -2.34 -2.96 -3.71
C SER A 56 -1.28 -2.85 -2.56
N LEU A 57 -1.52 -2.01 -1.53
CA LEU A 57 -0.64 -1.95 -0.35
C LEU A 57 -0.88 -3.16 0.57
N ASN A 58 -2.16 -3.59 0.71
CA ASN A 58 -2.55 -4.69 1.63
C ASN A 58 -1.75 -5.97 1.42
N TRP A 59 -1.56 -6.33 0.15
CA TRP A 59 -0.86 -7.57 -0.21
C TRP A 59 0.65 -7.34 -0.14
N HIS A 60 1.10 -6.14 -0.54
CA HIS A 60 2.48 -5.67 -0.26
C HIS A 60 2.84 -5.73 1.27
N MET A 61 1.86 -5.51 2.17
CA MET A 61 2.08 -5.66 3.64
C MET A 61 2.20 -7.15 4.02
N LYS A 62 1.37 -7.98 3.35
CA LYS A 62 1.44 -9.45 3.44
C LYS A 62 2.84 -9.98 3.00
N LYS A 63 3.43 -9.28 2.02
CA LYS A 63 4.82 -9.51 1.55
C LYS A 63 5.85 -9.39 2.69
N HIS A 64 5.57 -8.57 3.72
CA HIS A 64 6.48 -8.38 4.87
C HIS A 64 6.17 -9.42 5.98
N ASP A 65 4.91 -9.92 5.99
CA ASP A 65 4.30 -10.61 7.15
C ASP A 65 5.19 -11.76 7.66
N ALA A 66 5.34 -12.76 6.79
CA ALA A 66 6.27 -13.88 6.99
C ALA A 66 7.42 -13.78 5.98
N ASP A 67 7.55 -12.57 5.39
CA ASP A 67 8.48 -12.22 4.31
C ASP A 67 8.27 -13.10 3.05
N SER A 68 7.15 -12.83 2.39
CA SER A 68 6.87 -13.33 1.03
C SER A 68 7.58 -12.44 -0.04
N PHE A 69 8.16 -11.31 0.41
CA PHE A 69 8.85 -10.34 -0.46
C PHE A 69 10.22 -10.91 -0.87
N TYR A 70 10.91 -11.57 0.09
CA TYR A 70 12.22 -12.16 -0.14
C TYR A 70 12.20 -13.65 0.27
N GLN A 71 12.65 -13.99 1.50
CA GLN A 71 12.79 -15.38 1.96
C GLN A 71 11.88 -15.65 3.18
N PHE A 72 12.34 -15.27 4.40
CA PHE A 72 11.63 -15.50 5.67
C PHE A 72 12.13 -14.43 6.65
N SER A 73 11.19 -13.74 7.28
CA SER A 73 11.41 -12.70 8.31
C SER A 73 10.14 -12.53 9.10
N CYS A 74 10.25 -11.87 10.25
CA CYS A 74 9.10 -11.37 11.00
C CYS A 74 8.87 -9.91 10.62
N ASN A 75 7.65 -9.57 10.15
CA ASN A 75 7.29 -8.17 9.81
C ASN A 75 7.56 -7.22 10.98
N ILE A 76 7.26 -7.69 12.19
CA ILE A 76 7.17 -6.83 13.37
C ILE A 76 8.55 -6.63 14.03
N CYS A 77 9.34 -7.70 14.25
CA CYS A 77 10.63 -7.56 14.98
C CYS A 77 11.82 -8.16 14.21
N GLY A 78 11.57 -8.66 12.97
CA GLY A 78 12.63 -9.16 12.06
C GLY A 78 13.56 -10.18 12.68
N LYS A 79 13.00 -11.09 13.52
CA LYS A 79 13.77 -12.09 14.25
C LYS A 79 14.47 -13.08 13.29
N LYS A 80 13.84 -13.33 12.10
CA LYS A 80 14.34 -14.24 11.06
C LYS A 80 14.12 -15.69 11.49
N PHE A 81 13.38 -16.44 10.66
CA PHE A 81 13.01 -17.86 10.94
C PHE A 81 13.32 -18.77 9.74
N GLU A 82 13.35 -20.09 10.01
CA GLU A 82 13.55 -21.14 9.01
C GLU A 82 12.41 -21.18 7.97
N LYS A 83 11.17 -21.07 8.46
CA LYS A 83 9.97 -21.22 7.63
C LYS A 83 8.91 -20.20 8.09
N LYS A 84 8.01 -19.87 7.17
CA LYS A 84 6.92 -18.91 7.39
C LYS A 84 5.99 -19.38 8.52
N ASP A 85 5.86 -20.71 8.65
CA ASP A 85 5.11 -21.34 9.75
C ASP A 85 5.64 -20.90 11.13
N SER A 86 6.97 -20.85 11.26
CA SER A 86 7.63 -20.39 12.48
C SER A 86 7.34 -18.91 12.76
N VAL A 87 7.16 -18.11 11.69
CA VAL A 87 6.94 -16.66 11.80
C VAL A 87 5.52 -16.35 12.26
N VAL A 88 4.56 -17.05 11.64
CA VAL A 88 3.11 -16.86 11.82
C VAL A 88 2.71 -17.37 13.20
N ALA A 89 3.35 -18.49 13.60
CA ALA A 89 3.17 -19.09 14.93
C ALA A 89 3.73 -18.13 16.00
N HIS A 90 4.89 -17.54 15.68
CA HIS A 90 5.58 -16.59 16.58
C HIS A 90 4.82 -15.25 16.70
N LYS A 91 4.23 -14.79 15.60
CA LYS A 91 3.58 -13.47 15.53
C LYS A 91 2.27 -13.48 16.32
N ALA A 92 1.56 -14.62 16.21
CA ALA A 92 0.29 -14.85 16.91
C ALA A 92 0.49 -14.95 18.45
N LYS A 93 1.72 -15.28 18.89
CA LYS A 93 2.04 -15.48 20.33
C LYS A 93 2.79 -14.27 20.93
N SER A 94 3.85 -13.83 20.24
CA SER A 94 4.80 -12.82 20.73
C SER A 94 4.35 -11.40 20.38
N HIS A 95 3.27 -11.26 19.58
CA HIS A 95 2.72 -9.95 19.19
C HIS A 95 1.18 -9.98 19.27
N PRO A 96 0.58 -10.10 20.50
CA PRO A 96 -0.86 -9.89 20.70
C PRO A 96 -1.23 -8.39 20.55
N GLU A 97 -0.33 -7.52 21.05
CA GLU A 97 -0.40 -6.08 20.94
C GLU A 97 0.98 -5.61 20.45
N VAL A 98 1.06 -5.34 19.14
CA VAL A 98 2.28 -4.82 18.48
C VAL A 98 2.80 -3.50 19.14
ZN ZN B . 4.31 17.49 0.32
ZN ZN C . 8.35 -10.92 15.86
ZN ZN D . 5.78 -2.03 2.84
N HIS A 10 6.27 25.35 -14.12
CA HIS A 10 6.00 23.93 -13.83
C HIS A 10 4.66 23.57 -14.48
N MET A 11 4.68 23.45 -15.82
CA MET A 11 3.50 23.15 -16.65
C MET A 11 3.42 21.64 -16.90
N ARG A 12 4.59 21.01 -17.13
CA ARG A 12 4.73 19.54 -17.35
C ARG A 12 5.40 18.87 -16.13
N ASP A 13 5.26 19.54 -14.99
CA ASP A 13 5.92 19.20 -13.73
C ASP A 13 4.95 19.53 -12.60
N TYR A 14 4.29 18.50 -12.09
CA TYR A 14 3.32 18.63 -11.01
C TYR A 14 4.07 18.53 -9.68
N ILE A 15 4.24 19.69 -9.04
CA ILE A 15 5.04 19.83 -7.81
C ILE A 15 4.10 20.11 -6.65
N CYS A 16 4.30 19.40 -5.54
CA CYS A 16 3.58 19.61 -4.27
C CYS A 16 3.70 21.08 -3.81
N GLU A 17 4.97 21.56 -3.72
CA GLU A 17 5.32 22.95 -3.35
C GLU A 17 6.85 23.05 -3.16
N TYR A 18 7.38 22.16 -2.32
CA TYR A 18 8.81 22.14 -1.92
C TYR A 18 9.26 20.68 -1.83
N CYS A 19 8.38 19.89 -1.19
CA CYS A 19 8.55 18.45 -1.00
C CYS A 19 7.96 17.69 -2.20
N ALA A 20 8.58 17.93 -3.36
CA ALA A 20 8.38 17.12 -4.58
C ALA A 20 9.57 17.26 -5.53
N ARG A 21 10.04 16.11 -6.05
CA ARG A 21 10.96 16.07 -7.19
C ARG A 21 10.22 16.56 -8.46
N ALA A 22 9.44 15.67 -9.10
CA ALA A 22 8.44 16.04 -10.11
C ALA A 22 7.53 14.85 -10.37
N PHE A 23 6.22 15.05 -10.22
CA PHE A 23 5.20 14.02 -10.44
C PHE A 23 4.53 14.25 -11.80
N LYS A 24 4.06 13.17 -12.43
CA LYS A 24 3.39 13.23 -13.74
C LYS A 24 1.94 13.75 -13.62
N SER A 25 1.37 13.72 -12.40
CA SER A 25 -0.03 14.08 -12.16
C SER A 25 -0.20 14.75 -10.79
N SER A 26 -1.22 15.63 -10.71
CA SER A 26 -1.69 16.23 -9.45
C SER A 26 -2.16 15.15 -8.45
N HIS A 27 -2.73 14.06 -8.98
CA HIS A 27 -3.18 12.90 -8.19
C HIS A 27 -1.98 12.06 -7.72
N ASN A 28 -0.94 11.97 -8.56
CA ASN A 28 0.34 11.30 -8.22
C ASN A 28 0.99 12.00 -7.00
N LEU A 29 1.06 13.34 -7.07
CA LEU A 29 1.61 14.19 -5.97
C LEU A 29 0.70 14.12 -4.74
N ALA A 30 -0.63 14.01 -5.00
CA ALA A 30 -1.67 13.90 -3.94
C ALA A 30 -1.44 12.67 -3.03
N VAL A 31 -0.87 11.61 -3.63
CA VAL A 31 -0.46 10.37 -2.92
C VAL A 31 0.52 10.68 -1.76
N HIS A 32 1.57 11.46 -2.06
CA HIS A 32 2.58 11.87 -1.07
C HIS A 32 1.97 12.95 -0.16
N ARG A 33 1.11 13.78 -0.76
CA ARG A 33 0.48 14.95 -0.12
C ARG A 33 -0.44 14.52 1.05
N MET A 34 -0.67 13.18 1.22
CA MET A 34 -1.52 12.57 2.30
C MET A 34 -1.32 13.15 3.74
N ILE A 35 -0.21 13.90 3.94
CA ILE A 35 0.10 14.60 5.19
C ILE A 35 -0.61 15.99 5.21
N HIS A 36 -0.44 16.77 4.13
CA HIS A 36 -1.00 18.16 3.97
C HIS A 36 -2.26 18.19 3.04
N THR A 37 -2.81 17.01 2.72
CA THR A 37 -3.62 16.78 1.49
C THR A 37 -4.87 17.70 1.32
N GLY A 38 -5.90 17.57 2.18
CA GLY A 38 -7.13 18.36 2.04
C GLY A 38 -7.96 17.93 0.83
N GLU A 39 -7.95 16.61 0.57
CA GLU A 39 -8.59 15.96 -0.60
C GLU A 39 -8.56 14.44 -0.39
N LYS A 40 -7.52 13.98 0.35
CA LYS A 40 -7.44 12.65 0.98
C LYS A 40 -7.37 11.49 -0.04
N PRO A 41 -6.15 10.96 -0.34
CA PRO A 41 -6.00 9.62 -0.95
C PRO A 41 -6.17 8.52 0.14
N LEU A 42 -6.37 7.29 -0.29
CA LEU A 42 -6.62 6.15 0.61
C LEU A 42 -5.34 5.29 0.68
N GLN A 43 -4.78 5.11 1.89
CA GLN A 43 -3.49 4.41 2.07
C GLN A 43 -3.75 3.05 2.75
N CYS A 44 -2.95 2.04 2.34
CA CYS A 44 -3.00 0.70 2.91
C CYS A 44 -2.45 0.73 4.34
N GLU A 45 -3.34 0.56 5.32
CA GLU A 45 -2.99 0.60 6.76
C GLU A 45 -2.56 -0.80 7.25
N ILE A 46 -1.77 -1.49 6.41
CA ILE A 46 -1.25 -2.85 6.67
C ILE A 46 0.28 -2.85 6.36
N CYS A 47 0.77 -1.77 5.70
CA CYS A 47 2.09 -1.71 5.11
C CYS A 47 2.17 -0.26 4.60
N GLY A 48 2.44 -0.04 3.33
CA GLY A 48 2.20 1.24 2.68
C GLY A 48 1.89 0.98 1.20
N PHE A 49 0.86 1.61 0.59
CA PHE A 49 0.43 1.38 -0.79
C PHE A 49 -0.78 2.29 -0.92
N THR A 50 -0.73 3.30 -1.78
CA THR A 50 -1.77 4.32 -1.82
C THR A 50 -2.58 4.18 -3.13
N CYS A 51 -3.84 4.50 -3.00
CA CYS A 51 -4.83 4.50 -4.06
C CYS A 51 -5.80 5.66 -3.80
N ARG A 52 -6.90 5.73 -4.57
CA ARG A 52 -7.98 6.71 -4.37
C ARG A 52 -9.36 6.02 -4.40
N GLN A 53 -9.41 4.81 -4.98
CA GLN A 53 -10.63 3.99 -5.11
C GLN A 53 -10.60 2.89 -4.05
N LYS A 54 -11.66 2.81 -3.22
CA LYS A 54 -11.75 1.93 -2.03
C LYS A 54 -11.44 0.44 -2.34
N ALA A 55 -12.19 -0.12 -3.31
CA ALA A 55 -12.03 -1.53 -3.73
C ALA A 55 -10.58 -1.87 -4.12
N SER A 56 -9.92 -0.92 -4.81
CA SER A 56 -8.55 -1.09 -5.35
C SER A 56 -7.50 -1.49 -4.26
N LEU A 57 -7.37 -0.70 -3.17
CA LEU A 57 -6.47 -1.04 -2.05
C LEU A 57 -7.04 -2.19 -1.19
N ASN A 58 -8.39 -2.32 -1.20
CA ASN A 58 -9.10 -3.49 -0.63
C ASN A 58 -8.75 -4.80 -1.35
N TRP A 59 -8.33 -4.72 -2.61
CA TRP A 59 -7.88 -5.89 -3.37
C TRP A 59 -6.41 -6.18 -3.02
N HIS A 60 -5.62 -5.11 -2.87
CA HIS A 60 -4.26 -5.20 -2.34
C HIS A 60 -4.19 -5.81 -0.89
N MET A 61 -5.23 -5.63 -0.04
CA MET A 61 -5.25 -6.32 1.29
C MET A 61 -5.51 -7.82 1.10
N LYS A 62 -6.29 -8.17 0.06
CA LYS A 62 -6.48 -9.57 -0.37
C LYS A 62 -5.13 -10.22 -0.80
N LYS A 63 -4.22 -9.40 -1.36
CA LYS A 63 -2.83 -9.82 -1.63
C LYS A 63 -2.08 -10.16 -0.30
N HIS A 64 -2.39 -9.41 0.79
CA HIS A 64 -1.93 -9.74 2.17
C HIS A 64 -2.67 -10.99 2.73
N ASP A 65 -3.90 -11.23 2.22
CA ASP A 65 -4.77 -12.35 2.68
C ASP A 65 -4.33 -13.64 1.95
N ALA A 66 -3.55 -13.47 0.87
CA ALA A 66 -2.88 -14.56 0.18
C ALA A 66 -1.80 -15.16 1.09
N ASP A 67 -0.85 -14.28 1.54
CA ASP A 67 0.23 -14.59 2.52
C ASP A 67 1.38 -15.44 1.90
N SER A 68 1.04 -16.34 0.98
CA SER A 68 1.96 -17.27 0.33
C SER A 68 3.06 -16.57 -0.53
N PHE A 69 2.88 -15.27 -0.81
CA PHE A 69 3.89 -14.46 -1.54
C PHE A 69 5.24 -14.48 -0.82
N TYR A 70 5.16 -14.27 0.52
CA TYR A 70 6.34 -14.04 1.38
C TYR A 70 7.35 -13.09 0.69
N GLN A 71 6.94 -11.82 0.57
CA GLN A 71 7.61 -10.82 -0.29
C GLN A 71 9.07 -10.60 0.11
N PHE A 72 9.34 -10.67 1.41
CA PHE A 72 10.68 -10.57 1.99
C PHE A 72 11.01 -11.84 2.77
N SER A 73 12.29 -12.05 2.99
CA SER A 73 12.85 -13.16 3.72
C SER A 73 14.09 -12.72 4.49
N CYS A 74 14.51 -13.55 5.44
CA CYS A 74 15.72 -13.34 6.22
C CYS A 74 16.73 -14.37 5.75
N ASN A 75 17.84 -13.95 5.15
CA ASN A 75 18.85 -14.88 4.59
C ASN A 75 19.57 -15.69 5.69
N ILE A 76 19.43 -15.25 6.96
CA ILE A 76 20.16 -15.84 8.10
C ILE A 76 19.35 -16.99 8.76
N CYS A 77 18.00 -16.87 8.88
CA CYS A 77 17.19 -17.95 9.52
C CYS A 77 15.88 -18.26 8.78
N GLY A 78 15.61 -17.51 7.68
CA GLY A 78 14.48 -17.80 6.80
C GLY A 78 13.13 -17.57 7.44
N LYS A 79 13.03 -16.51 8.25
CA LYS A 79 11.81 -16.19 8.98
C LYS A 79 10.65 -15.79 8.02
N LYS A 80 10.98 -15.01 6.95
CA LYS A 80 10.04 -14.49 5.94
C LYS A 80 9.17 -13.36 6.54
N PHE A 81 9.33 -12.15 5.97
CA PHE A 81 8.63 -10.93 6.42
C PHE A 81 7.86 -10.28 5.26
N GLU A 82 6.93 -9.38 5.62
CA GLU A 82 6.15 -8.59 4.65
C GLU A 82 6.98 -7.48 4.00
N LYS A 83 7.78 -6.75 4.82
CA LYS A 83 8.42 -5.50 4.39
C LYS A 83 9.79 -5.31 5.05
N LYS A 84 10.59 -4.38 4.47
CA LYS A 84 11.95 -4.00 4.91
C LYS A 84 11.99 -3.67 6.42
N ASP A 85 10.92 -2.99 6.88
CA ASP A 85 10.77 -2.55 8.28
C ASP A 85 10.96 -3.71 9.26
N SER A 86 10.31 -4.84 8.94
CA SER A 86 10.35 -6.05 9.76
C SER A 86 11.73 -6.77 9.70
N VAL A 87 12.37 -6.73 8.50
CA VAL A 87 13.59 -7.53 8.19
C VAL A 87 14.83 -6.93 8.86
N VAL A 88 15.01 -5.62 8.63
CA VAL A 88 16.21 -4.86 9.02
C VAL A 88 16.22 -4.68 10.54
N ALA A 89 14.99 -4.55 11.11
CA ALA A 89 14.78 -4.46 12.56
C ALA A 89 15.19 -5.79 13.21
N HIS A 90 14.76 -6.90 12.58
CA HIS A 90 14.98 -8.26 13.09
C HIS A 90 16.46 -8.70 12.97
N LYS A 91 17.13 -8.25 11.91
CA LYS A 91 18.54 -8.60 11.64
C LYS A 91 19.47 -7.87 12.62
N ALA A 92 19.18 -6.58 12.81
CA ALA A 92 19.94 -5.70 13.70
C ALA A 92 19.83 -6.13 15.18
N LYS A 93 18.76 -6.88 15.53
CA LYS A 93 18.50 -7.29 16.92
C LYS A 93 18.80 -8.80 17.14
N SER A 94 18.26 -9.66 16.27
CA SER A 94 18.24 -11.12 16.46
C SER A 94 19.49 -11.79 15.86
N HIS A 95 20.29 -11.01 15.09
CA HIS A 95 21.54 -11.50 14.45
C HIS A 95 22.66 -10.43 14.55
N PRO A 96 23.11 -10.04 15.79
CA PRO A 96 24.26 -9.11 15.96
C PRO A 96 25.59 -9.73 15.47
N GLU A 97 25.63 -11.07 15.49
CA GLU A 97 26.72 -11.86 14.96
C GLU A 97 26.14 -12.84 13.92
N VAL A 98 26.19 -12.43 12.65
CA VAL A 98 25.72 -13.23 11.50
C VAL A 98 26.71 -14.38 11.19
ZN ZN B . 4.39 17.61 0.12
ZN ZN C . -0.37 -3.32 1.84
ZN ZN D . 16.52 -14.06 11.05
N HIS A 10 8.51 23.79 -16.47
CA HIS A 10 7.20 23.56 -15.80
C HIS A 10 6.09 23.43 -16.86
N MET A 11 5.77 22.17 -17.22
CA MET A 11 4.66 21.79 -18.13
C MET A 11 3.79 20.73 -17.45
N ARG A 12 4.44 19.65 -17.00
CA ARG A 12 3.83 18.55 -16.24
C ARG A 12 4.65 18.37 -14.96
N ASP A 13 4.79 19.47 -14.21
CA ASP A 13 5.68 19.58 -13.05
C ASP A 13 4.88 20.12 -11.88
N TYR A 14 4.19 19.20 -11.21
CA TYR A 14 3.31 19.48 -10.07
C TYR A 14 4.08 19.20 -8.78
N ILE A 15 4.22 20.23 -7.94
CA ILE A 15 5.18 20.27 -6.81
C ILE A 15 4.40 20.41 -5.49
N CYS A 16 5.03 20.01 -4.37
CA CYS A 16 4.44 20.15 -3.01
C CYS A 16 4.96 21.43 -2.31
N GLU A 17 6.02 22.03 -2.93
CA GLU A 17 6.56 23.39 -2.64
C GLU A 17 7.77 23.31 -1.67
N TYR A 18 7.90 22.20 -0.93
CA TYR A 18 9.01 22.01 0.02
C TYR A 18 9.57 20.59 -0.13
N CYS A 19 8.64 19.62 -0.08
CA CYS A 19 8.95 18.18 -0.18
C CYS A 19 8.20 17.55 -1.36
N ALA A 20 8.66 17.87 -2.57
CA ALA A 20 8.33 17.10 -3.79
C ALA A 20 9.19 17.47 -4.98
N ARG A 21 9.45 16.43 -5.80
CA ARG A 21 9.93 16.58 -7.17
C ARG A 21 8.75 16.97 -8.09
N ALA A 22 8.97 16.91 -9.40
CA ALA A 22 7.94 17.15 -10.42
C ALA A 22 7.08 15.88 -10.59
N PHE A 23 5.76 16.04 -10.44
CA PHE A 23 4.77 14.96 -10.68
C PHE A 23 3.94 15.31 -11.92
N LYS A 24 3.50 14.29 -12.66
CA LYS A 24 2.69 14.46 -13.87
C LYS A 24 1.35 15.16 -13.57
N SER A 25 0.81 14.95 -12.35
CA SER A 25 -0.51 15.43 -11.95
C SER A 25 -0.53 15.84 -10.46
N SER A 26 -1.41 16.80 -10.14
CA SER A 26 -1.68 17.24 -8.76
C SER A 26 -2.16 16.06 -7.88
N HIS A 27 -2.95 15.16 -8.49
CA HIS A 27 -3.45 13.92 -7.85
C HIS A 27 -2.32 12.89 -7.62
N ASN A 28 -1.35 12.84 -8.56
CA ASN A 28 -0.14 12.00 -8.43
C ASN A 28 0.70 12.43 -7.20
N LEU A 29 0.88 13.74 -7.07
CA LEU A 29 1.54 14.38 -5.91
C LEU A 29 0.68 14.24 -4.64
N ALA A 30 -0.66 14.18 -4.83
CA ALA A 30 -1.64 13.96 -3.73
C ALA A 30 -1.43 12.58 -3.05
N VAL A 31 -0.88 11.61 -3.82
CA VAL A 31 -0.46 10.31 -3.27
C VAL A 31 0.66 10.51 -2.20
N HIS A 32 1.69 11.32 -2.54
CA HIS A 32 2.76 11.75 -1.58
C HIS A 32 2.15 12.55 -0.41
N ARG A 33 1.16 13.38 -0.76
CA ARG A 33 0.48 14.32 0.16
C ARG A 33 -0.32 13.58 1.26
N MET A 34 -0.26 12.22 1.28
CA MET A 34 -0.81 11.35 2.37
C MET A 34 -0.48 11.86 3.81
N ILE A 35 0.55 12.72 3.91
CA ILE A 35 1.01 13.35 5.14
C ILE A 35 0.21 14.67 5.41
N HIS A 36 0.11 15.58 4.42
CA HIS A 36 -0.51 16.94 4.59
C HIS A 36 -1.95 17.01 4.03
N THR A 37 -2.47 15.87 3.58
CA THR A 37 -3.68 15.79 2.71
C THR A 37 -4.95 16.42 3.35
N GLY A 38 -5.35 15.93 4.53
CA GLY A 38 -6.64 16.26 5.14
C GLY A 38 -7.80 15.44 4.52
N GLU A 39 -7.67 15.10 3.23
CA GLU A 39 -8.59 14.24 2.47
C GLU A 39 -8.44 12.79 2.92
N LYS A 40 -7.15 12.36 3.03
CA LYS A 40 -6.74 10.98 3.30
C LYS A 40 -7.11 10.04 2.13
N PRO A 41 -6.13 9.72 1.21
CA PRO A 41 -6.35 8.75 0.11
C PRO A 41 -6.46 7.30 0.64
N LEU A 42 -6.46 6.31 -0.26
CA LEU A 42 -6.73 4.90 0.09
C LEU A 42 -5.39 4.17 0.20
N GLN A 43 -5.06 3.62 1.38
CA GLN A 43 -3.73 3.06 1.64
C GLN A 43 -3.83 1.70 2.36
N CYS A 44 -2.90 0.79 2.02
CA CYS A 44 -2.75 -0.52 2.67
C CYS A 44 -2.34 -0.35 4.14
N GLU A 45 -3.29 -0.63 5.04
CA GLU A 45 -3.09 -0.55 6.50
C GLU A 45 -2.32 -1.77 7.09
N ILE A 46 -1.68 -2.57 6.20
CA ILE A 46 -0.86 -3.72 6.61
C ILE A 46 0.61 -3.28 6.67
N CYS A 47 1.06 -2.70 5.54
CA CYS A 47 2.38 -2.10 5.44
C CYS A 47 2.11 -0.64 5.09
N GLY A 48 2.37 -0.23 3.85
CA GLY A 48 1.74 0.90 3.23
C GLY A 48 1.66 0.65 1.72
N PHE A 49 0.87 1.44 0.97
CA PHE A 49 0.74 1.39 -0.49
C PHE A 49 -0.46 2.29 -0.73
N THR A 50 -0.26 3.44 -1.34
CA THR A 50 -1.30 4.45 -1.43
C THR A 50 -1.68 4.64 -2.89
N CYS A 51 -2.97 4.65 -3.11
CA CYS A 51 -3.62 4.79 -4.41
C CYS A 51 -4.97 5.49 -4.23
N ARG A 52 -5.63 5.78 -5.35
CA ARG A 52 -6.97 6.40 -5.38
C ARG A 52 -8.05 5.34 -5.70
N GLN A 53 -7.61 4.08 -5.82
CA GLN A 53 -8.47 2.96 -6.24
C GLN A 53 -8.34 1.82 -5.20
N LYS A 54 -9.37 1.68 -4.34
CA LYS A 54 -9.38 0.69 -3.24
C LYS A 54 -9.21 -0.76 -3.74
N ALA A 55 -9.68 -1.01 -4.98
CA ALA A 55 -9.50 -2.30 -5.68
C ALA A 55 -8.01 -2.72 -5.77
N SER A 56 -7.13 -1.72 -6.01
CA SER A 56 -5.68 -1.92 -6.17
C SER A 56 -5.04 -2.46 -4.88
N LEU A 57 -5.27 -1.74 -3.75
CA LEU A 57 -4.70 -2.12 -2.43
C LEU A 57 -5.45 -3.32 -1.82
N ASN A 58 -6.73 -3.51 -2.16
CA ASN A 58 -7.54 -4.70 -1.76
C ASN A 58 -6.82 -6.02 -2.09
N TRP A 59 -6.38 -6.16 -3.34
CA TRP A 59 -5.73 -7.40 -3.79
C TRP A 59 -4.25 -7.42 -3.39
N HIS A 60 -3.63 -6.23 -3.35
CA HIS A 60 -2.34 -6.01 -2.66
C HIS A 60 -2.30 -6.57 -1.20
N MET A 61 -3.37 -6.39 -0.38
CA MET A 61 -3.40 -7.02 0.98
C MET A 61 -3.58 -8.54 0.90
N LYS A 62 -4.31 -9.00 -0.14
CA LYS A 62 -4.40 -10.44 -0.49
C LYS A 62 -3.01 -11.05 -0.79
N LYS A 63 -2.06 -10.21 -1.26
CA LYS A 63 -0.65 -10.62 -1.44
C LYS A 63 0.00 -10.99 -0.08
N HIS A 64 -0.40 -10.26 0.98
CA HIS A 64 0.08 -10.50 2.37
C HIS A 64 -0.68 -11.69 2.98
N ASP A 65 -1.95 -11.82 2.58
CA ASP A 65 -2.92 -12.76 3.18
C ASP A 65 -2.78 -14.15 2.56
N ALA A 66 -2.23 -14.19 1.35
CA ALA A 66 -2.01 -15.43 0.58
C ALA A 66 -0.51 -15.78 0.52
N ASP A 67 0.36 -14.95 1.15
CA ASP A 67 1.85 -15.08 1.08
C ASP A 67 2.36 -15.05 -0.38
N SER A 68 1.52 -14.54 -1.29
CA SER A 68 1.81 -14.46 -2.73
C SER A 68 2.72 -13.26 -3.04
N PHE A 69 2.92 -12.38 -2.05
CA PHE A 69 3.81 -11.22 -2.17
C PHE A 69 5.28 -11.69 -2.19
N TYR A 70 5.60 -12.68 -1.33
CA TYR A 70 6.97 -13.21 -1.18
C TYR A 70 7.29 -14.19 -2.34
N GLN A 71 6.94 -15.50 -2.18
CA GLN A 71 7.15 -16.51 -3.24
C GLN A 71 5.79 -16.98 -3.79
N PHE A 72 5.28 -18.11 -3.26
CA PHE A 72 4.08 -18.80 -3.76
C PHE A 72 3.50 -19.55 -2.56
N SER A 73 2.20 -19.41 -2.38
CA SER A 73 1.47 -20.13 -1.35
C SER A 73 -0.01 -20.21 -1.70
N CYS A 74 -0.71 -21.09 -0.98
CA CYS A 74 -2.17 -21.20 -1.05
C CYS A 74 -2.76 -20.29 0.01
N ASN A 75 -3.65 -19.38 -0.41
CA ASN A 75 -4.28 -18.38 0.48
C ASN A 75 -4.95 -19.00 1.74
N ILE A 76 -5.43 -20.24 1.58
CA ILE A 76 -6.38 -20.86 2.52
C ILE A 76 -5.73 -21.90 3.47
N CYS A 77 -4.66 -22.61 3.03
CA CYS A 77 -3.99 -23.62 3.89
C CYS A 77 -2.46 -23.54 3.80
N GLY A 78 -1.92 -22.58 2.99
CA GLY A 78 -0.49 -22.36 2.87
C GLY A 78 0.31 -23.58 2.39
N LYS A 79 -0.32 -24.37 1.51
CA LYS A 79 0.17 -25.68 1.06
C LYS A 79 1.53 -25.57 0.31
N LYS A 80 1.75 -24.44 -0.40
CA LYS A 80 3.01 -24.12 -1.11
C LYS A 80 3.15 -24.95 -2.39
N PHE A 81 3.17 -24.25 -3.54
CA PHE A 81 3.32 -24.87 -4.87
C PHE A 81 4.40 -24.15 -5.69
N GLU A 82 4.94 -24.83 -6.71
CA GLU A 82 6.02 -24.30 -7.54
C GLU A 82 5.54 -23.17 -8.47
N LYS A 83 4.25 -23.23 -8.89
CA LYS A 83 3.66 -22.26 -9.79
C LYS A 83 2.29 -21.84 -9.26
N LYS A 84 1.94 -20.59 -9.54
CA LYS A 84 0.66 -19.98 -9.18
C LYS A 84 -0.51 -20.78 -9.77
N ASP A 85 -0.29 -21.33 -10.97
CA ASP A 85 -1.26 -22.18 -11.68
C ASP A 85 -1.71 -23.35 -10.80
N SER A 86 -0.74 -24.02 -10.15
CA SER A 86 -1.00 -25.21 -9.32
C SER A 86 -1.79 -24.83 -8.04
N VAL A 87 -1.59 -23.57 -7.57
CA VAL A 87 -2.25 -23.03 -6.36
C VAL A 87 -3.75 -22.81 -6.61
N VAL A 88 -4.02 -22.19 -7.76
CA VAL A 88 -5.37 -21.78 -8.21
C VAL A 88 -6.17 -23.03 -8.59
N ALA A 89 -5.44 -24.00 -9.19
CA ALA A 89 -6.01 -25.29 -9.60
C ALA A 89 -6.36 -26.12 -8.36
N HIS A 90 -5.47 -26.07 -7.36
CA HIS A 90 -5.65 -26.80 -6.06
C HIS A 90 -6.77 -26.15 -5.24
N LYS A 91 -6.89 -24.83 -5.33
CA LYS A 91 -7.82 -24.02 -4.52
C LYS A 91 -9.25 -24.28 -5.00
N ALA A 92 -9.40 -24.41 -6.32
CA ALA A 92 -10.68 -24.68 -6.96
C ALA A 92 -11.20 -26.11 -6.65
N LYS A 93 -10.28 -27.00 -6.21
CA LYS A 93 -10.61 -28.41 -5.86
C LYS A 93 -10.85 -28.56 -4.35
N SER A 94 -9.90 -28.03 -3.57
CA SER A 94 -9.82 -28.22 -2.13
C SER A 94 -10.74 -27.23 -1.38
N HIS A 95 -10.93 -26.03 -1.95
CA HIS A 95 -11.64 -24.93 -1.27
C HIS A 95 -12.65 -24.19 -2.24
N PRO A 96 -13.61 -24.92 -2.92
CA PRO A 96 -14.71 -24.26 -3.70
C PRO A 96 -15.63 -23.44 -2.77
N GLU A 97 -15.85 -23.99 -1.56
CA GLU A 97 -16.68 -23.40 -0.53
C GLU A 97 -15.77 -23.06 0.66
N VAL A 98 -15.37 -21.80 0.73
CA VAL A 98 -14.54 -21.25 1.82
C VAL A 98 -15.17 -19.91 2.29
ZN ZN B . 4.96 17.21 0.92
ZN ZN C . 0.88 -3.83 1.85
ZN ZN D . -5.09 -25.01 0.00
N HIS A 10 8.53 23.05 -15.44
CA HIS A 10 7.64 24.19 -15.12
C HIS A 10 6.51 24.34 -16.18
N MET A 11 5.76 23.25 -16.47
CA MET A 11 4.60 23.28 -17.41
C MET A 11 3.70 22.02 -17.29
N ARG A 12 4.33 20.85 -17.14
CA ARG A 12 3.61 19.54 -17.03
C ARG A 12 4.37 18.74 -15.95
N ASP A 13 4.23 19.20 -14.71
CA ASP A 13 4.97 18.68 -13.55
C ASP A 13 4.42 19.33 -12.27
N TYR A 14 3.62 18.57 -11.53
CA TYR A 14 2.99 19.03 -10.29
C TYR A 14 3.94 18.88 -9.10
N ILE A 15 4.17 19.99 -8.40
CA ILE A 15 5.16 20.11 -7.33
C ILE A 15 4.38 20.37 -6.02
N CYS A 16 4.96 19.93 -4.90
CA CYS A 16 4.40 20.17 -3.54
C CYS A 16 4.84 21.56 -3.04
N GLU A 17 5.93 22.07 -3.68
CA GLU A 17 6.48 23.44 -3.49
C GLU A 17 7.29 23.52 -2.17
N TYR A 18 7.36 22.38 -1.45
CA TYR A 18 8.01 22.27 -0.14
C TYR A 18 8.84 20.98 -0.12
N CYS A 19 8.16 19.89 -0.51
CA CYS A 19 8.73 18.53 -0.53
C CYS A 19 8.17 17.73 -1.73
N ALA A 20 8.69 18.03 -2.93
CA ALA A 20 8.49 17.21 -4.15
C ALA A 20 9.44 17.65 -5.26
N ARG A 21 10.00 16.65 -5.95
CA ARG A 21 10.74 16.85 -7.19
C ARG A 21 9.75 17.23 -8.32
N ALA A 22 9.02 16.24 -8.88
CA ALA A 22 7.91 16.48 -9.83
C ALA A 22 7.04 15.23 -9.94
N PHE A 23 5.74 15.43 -10.20
CA PHE A 23 4.78 14.34 -10.44
C PHE A 23 4.03 14.57 -11.76
N LYS A 24 3.60 13.47 -12.38
CA LYS A 24 2.80 13.50 -13.62
C LYS A 24 1.44 14.22 -13.43
N SER A 25 0.84 14.13 -12.23
CA SER A 25 -0.46 14.76 -11.93
C SER A 25 -0.54 15.21 -10.46
N SER A 26 -1.47 16.13 -10.20
CA SER A 26 -1.80 16.61 -8.84
C SER A 26 -2.22 15.46 -7.89
N HIS A 27 -2.92 14.46 -8.46
CA HIS A 27 -3.35 13.23 -7.72
C HIS A 27 -2.18 12.23 -7.51
N ASN A 28 -1.28 12.14 -8.49
CA ASN A 28 0.02 11.41 -8.35
C ASN A 28 0.78 11.97 -7.12
N LEU A 29 0.89 13.28 -7.12
CA LEU A 29 1.42 14.08 -6.01
C LEU A 29 0.61 13.90 -4.72
N ALA A 30 -0.72 13.84 -4.83
CA ALA A 30 -1.65 13.61 -3.68
C ALA A 30 -1.32 12.30 -2.91
N VAL A 31 -0.71 11.33 -3.62
CA VAL A 31 -0.19 10.08 -3.03
C VAL A 31 0.90 10.38 -1.97
N HIS A 32 1.82 11.30 -2.32
CA HIS A 32 2.84 11.82 -1.36
C HIS A 32 2.20 12.76 -0.33
N ARG A 33 1.35 13.66 -0.85
CA ARG A 33 0.69 14.73 -0.10
C ARG A 33 -0.26 14.17 0.98
N MET A 34 -0.44 12.83 1.02
CA MET A 34 -1.21 12.08 2.06
C MET A 34 -0.88 12.49 3.54
N ILE A 35 0.21 13.24 3.72
CA ILE A 35 0.61 13.83 4.99
C ILE A 35 -0.14 15.19 5.20
N HIS A 36 -0.07 16.11 4.19
CA HIS A 36 -0.65 17.50 4.29
C HIS A 36 -1.97 17.71 3.50
N THR A 37 -2.51 16.67 2.83
CA THR A 37 -3.56 16.84 1.79
C THR A 37 -4.93 17.25 2.38
N GLY A 38 -5.39 16.52 3.40
CA GLY A 38 -6.79 16.57 3.84
C GLY A 38 -7.68 15.64 3.02
N GLU A 39 -7.34 15.42 1.73
CA GLU A 39 -8.03 14.48 0.83
C GLU A 39 -7.15 13.21 0.68
N LYS A 40 -7.18 12.36 1.71
CA LYS A 40 -6.43 11.07 1.73
C LYS A 40 -6.73 10.22 0.47
N PRO A 41 -5.68 9.68 -0.22
CA PRO A 41 -5.86 8.69 -1.32
C PRO A 41 -6.22 7.30 -0.76
N LEU A 42 -6.26 6.30 -1.65
CA LEU A 42 -6.65 4.92 -1.28
C LEU A 42 -5.38 4.08 -1.20
N GLN A 43 -4.89 3.87 0.03
CA GLN A 43 -3.55 3.33 0.31
C GLN A 43 -3.71 2.02 1.11
N CYS A 44 -2.97 0.98 0.70
CA CYS A 44 -2.94 -0.32 1.38
C CYS A 44 -2.14 -0.23 2.69
N GLU A 45 -2.82 -0.24 3.85
CA GLU A 45 -2.17 -0.17 5.17
C GLU A 45 -1.77 -1.57 5.68
N ILE A 46 -1.22 -2.38 4.74
CA ILE A 46 -0.78 -3.76 4.97
C ILE A 46 0.69 -3.87 4.46
N CYS A 47 1.17 -2.74 3.91
CA CYS A 47 2.41 -2.61 3.16
C CYS A 47 2.41 -1.16 2.63
N GLY A 48 2.76 -0.93 1.38
CA GLY A 48 2.60 0.37 0.73
C GLY A 48 2.25 0.12 -0.72
N PHE A 49 1.16 0.71 -1.26
CA PHE A 49 0.58 0.35 -2.55
C PHE A 49 -0.60 1.31 -2.64
N THR A 50 -0.56 2.28 -3.55
CA THR A 50 -1.55 3.36 -3.56
C THR A 50 -2.25 3.40 -4.91
N CYS A 51 -3.52 3.74 -4.84
CA CYS A 51 -4.43 3.79 -5.97
C CYS A 51 -5.46 4.90 -5.79
N ARG A 52 -6.21 5.14 -6.87
CA ARG A 52 -7.40 6.00 -6.89
C ARG A 52 -8.63 5.15 -7.25
N GLN A 53 -8.38 3.88 -7.62
CA GLN A 53 -9.40 2.84 -7.79
C GLN A 53 -9.35 1.93 -6.55
N LYS A 54 -10.41 1.98 -5.71
CA LYS A 54 -10.52 1.17 -4.49
C LYS A 54 -10.43 -0.33 -4.79
N ALA A 55 -10.96 -0.72 -5.97
CA ALA A 55 -10.93 -2.10 -6.49
C ALA A 55 -9.50 -2.67 -6.56
N SER A 56 -8.55 -1.83 -7.02
CA SER A 56 -7.13 -2.20 -7.21
C SER A 56 -6.49 -2.75 -5.92
N LEU A 57 -6.58 -1.99 -4.81
CA LEU A 57 -6.09 -2.41 -3.50
C LEU A 57 -7.03 -3.46 -2.83
N ASN A 58 -8.32 -3.41 -3.17
CA ASN A 58 -9.35 -4.37 -2.68
C ASN A 58 -8.99 -5.84 -2.94
N TRP A 59 -8.52 -6.16 -4.15
CA TRP A 59 -8.08 -7.54 -4.48
C TRP A 59 -6.64 -7.77 -3.99
N HIS A 60 -5.77 -6.75 -4.16
CA HIS A 60 -4.41 -6.73 -3.60
C HIS A 60 -4.30 -7.13 -2.09
N MET A 61 -5.29 -6.77 -1.25
CA MET A 61 -5.30 -7.22 0.18
C MET A 61 -5.58 -8.73 0.28
N LYS A 62 -6.47 -9.24 -0.59
CA LYS A 62 -6.74 -10.69 -0.76
C LYS A 62 -5.45 -11.45 -1.10
N LYS A 63 -4.60 -10.79 -1.92
CA LYS A 63 -3.28 -11.32 -2.30
C LYS A 63 -2.38 -11.52 -1.07
N HIS A 64 -2.55 -10.67 -0.03
CA HIS A 64 -1.79 -10.78 1.25
C HIS A 64 -2.30 -11.96 2.11
N ASP A 65 -3.46 -12.51 1.73
CA ASP A 65 -4.05 -13.68 2.41
C ASP A 65 -3.83 -14.92 1.51
N ALA A 66 -3.52 -14.68 0.22
CA ALA A 66 -3.45 -15.72 -0.83
C ALA A 66 -2.01 -16.20 -1.03
N ASP A 67 -1.04 -15.30 -0.78
CA ASP A 67 0.39 -15.59 -1.05
C ASP A 67 1.03 -16.37 0.11
N SER A 68 0.25 -16.58 1.19
CA SER A 68 0.73 -17.18 2.44
C SER A 68 0.76 -18.71 2.31
N PHE A 69 -0.40 -19.34 2.08
CA PHE A 69 -0.52 -20.82 1.89
C PHE A 69 -1.24 -21.15 0.58
N TYR A 70 -2.20 -20.30 0.19
CA TYR A 70 -3.15 -20.56 -0.92
C TYR A 70 -2.43 -20.80 -2.27
N GLN A 71 -1.27 -20.13 -2.49
CA GLN A 71 -0.42 -20.39 -3.66
C GLN A 71 0.40 -21.67 -3.40
N PHE A 72 1.52 -21.52 -2.65
CA PHE A 72 2.47 -22.59 -2.33
C PHE A 72 3.14 -22.14 -1.03
N SER A 73 3.30 -23.07 -0.12
CA SER A 73 3.96 -22.82 1.16
C SER A 73 4.49 -24.11 1.76
N CYS A 74 5.34 -23.92 2.75
CA CYS A 74 5.64 -24.95 3.75
C CYS A 74 4.69 -24.70 4.90
N ASN A 75 3.80 -25.65 5.20
CA ASN A 75 2.75 -25.45 6.25
C ASN A 75 3.35 -25.34 7.66
N ILE A 76 4.67 -25.62 7.80
CA ILE A 76 5.35 -25.63 9.09
C ILE A 76 6.10 -24.30 9.35
N CYS A 77 6.70 -23.67 8.31
CA CYS A 77 7.48 -22.41 8.52
C CYS A 77 7.25 -21.37 7.41
N GLY A 78 6.28 -21.62 6.52
CA GLY A 78 5.84 -20.67 5.49
C GLY A 78 6.95 -20.15 4.59
N LYS A 79 7.85 -21.04 4.16
CA LYS A 79 8.96 -20.68 3.28
C LYS A 79 8.50 -20.24 1.86
N LYS A 80 7.47 -20.92 1.29
CA LYS A 80 6.99 -20.71 -0.11
C LYS A 80 8.02 -21.27 -1.10
N PHE A 81 7.60 -22.27 -1.87
CA PHE A 81 8.43 -22.90 -2.93
C PHE A 81 7.69 -22.83 -4.27
N GLU A 82 8.42 -23.19 -5.34
CA GLU A 82 7.85 -23.32 -6.69
C GLU A 82 6.81 -24.45 -6.76
N LYS A 83 7.11 -25.58 -6.09
CA LYS A 83 6.25 -26.76 -6.10
C LYS A 83 6.27 -27.41 -4.72
N LYS A 84 5.22 -28.19 -4.44
CA LYS A 84 5.07 -28.91 -3.18
C LYS A 84 6.11 -30.03 -3.02
N ASP A 85 6.68 -30.49 -4.15
CA ASP A 85 7.82 -31.43 -4.15
C ASP A 85 9.01 -30.80 -3.43
N SER A 86 9.30 -29.52 -3.73
CA SER A 86 10.39 -28.76 -3.08
C SER A 86 10.09 -28.54 -1.58
N VAL A 87 8.79 -28.48 -1.23
CA VAL A 87 8.31 -28.24 0.15
C VAL A 87 8.57 -29.47 1.01
N VAL A 88 8.15 -30.63 0.47
CA VAL A 88 8.19 -31.94 1.15
C VAL A 88 9.63 -32.45 1.20
N ALA A 89 10.41 -32.11 0.16
CA ALA A 89 11.85 -32.40 0.10
C ALA A 89 12.58 -31.61 1.20
N HIS A 90 12.11 -30.37 1.41
CA HIS A 90 12.60 -29.50 2.50
C HIS A 90 12.07 -29.96 3.88
N LYS A 91 10.83 -30.47 3.90
CA LYS A 91 10.07 -30.77 5.13
C LYS A 91 10.66 -31.98 5.88
N ALA A 92 10.93 -33.04 5.11
CA ALA A 92 11.48 -34.30 5.63
C ALA A 92 12.88 -34.11 6.23
N LYS A 93 13.55 -33.01 5.82
CA LYS A 93 14.93 -32.69 6.27
C LYS A 93 14.90 -31.64 7.41
N SER A 94 14.13 -30.57 7.21
CA SER A 94 14.14 -29.39 8.07
C SER A 94 13.21 -29.56 9.29
N HIS A 95 12.25 -30.50 9.20
CA HIS A 95 11.24 -30.71 10.27
C HIS A 95 11.04 -32.24 10.51
N PRO A 96 12.10 -32.97 11.03
CA PRO A 96 11.97 -34.37 11.52
C PRO A 96 10.80 -34.55 12.52
N GLU A 97 10.62 -33.54 13.40
CA GLU A 97 9.62 -33.52 14.45
C GLU A 97 8.53 -32.52 14.08
N VAL A 98 7.45 -33.05 13.53
CA VAL A 98 6.19 -32.33 13.29
C VAL A 98 5.00 -33.31 13.44
ZN ZN B . 4.85 17.47 0.58
ZN ZN C . -0.43 -4.34 0.20
ZN ZN D . 9.65 -25.51 6.50
N HIS A 10 8.96 25.16 -16.74
CA HIS A 10 8.03 24.10 -16.32
C HIS A 10 6.88 23.99 -17.32
N MET A 11 6.52 22.75 -17.68
CA MET A 11 5.45 22.45 -18.65
C MET A 11 4.48 21.45 -18.01
N ARG A 12 5.02 20.32 -17.54
CA ARG A 12 4.25 19.26 -16.87
C ARG A 12 4.91 18.96 -15.50
N ASP A 13 4.57 19.79 -14.50
CA ASP A 13 5.17 19.78 -13.17
C ASP A 13 4.06 20.10 -12.15
N TYR A 14 3.57 19.05 -11.50
CA TYR A 14 2.64 19.16 -10.36
C TYR A 14 3.43 19.02 -9.06
N ILE A 15 3.48 20.10 -8.27
CA ILE A 15 4.35 20.20 -7.09
C ILE A 15 3.48 20.39 -5.85
N CYS A 16 3.81 19.64 -4.80
CA CYS A 16 3.21 19.77 -3.46
C CYS A 16 3.41 21.20 -2.91
N GLU A 17 4.69 21.68 -2.95
CA GLU A 17 5.12 23.03 -2.50
C GLU A 17 6.66 23.06 -2.37
N TYR A 18 7.16 22.10 -1.59
CA TYR A 18 8.56 22.06 -1.11
C TYR A 18 9.05 20.63 -1.23
N CYS A 19 8.24 19.73 -0.64
CA CYS A 19 8.50 18.28 -0.62
C CYS A 19 7.85 17.63 -1.84
N ALA A 20 8.32 18.07 -3.02
CA ALA A 20 8.01 17.44 -4.30
C ALA A 20 9.11 17.69 -5.33
N ARG A 21 9.58 16.60 -5.94
CA ARG A 21 10.48 16.65 -7.11
C ARG A 21 9.65 17.18 -8.31
N ALA A 22 8.85 16.28 -8.93
CA ALA A 22 7.75 16.63 -9.84
C ALA A 22 6.85 15.41 -10.03
N PHE A 23 5.54 15.64 -10.07
CA PHE A 23 4.54 14.61 -10.34
C PHE A 23 3.82 14.92 -11.65
N LYS A 24 3.45 13.88 -12.41
CA LYS A 24 2.76 14.03 -13.71
C LYS A 24 1.26 14.34 -13.54
N SER A 25 0.74 14.22 -12.30
CA SER A 25 -0.68 14.49 -11.98
C SER A 25 -0.81 15.08 -10.56
N SER A 26 -1.82 15.96 -10.40
CA SER A 26 -2.17 16.57 -9.10
C SER A 26 -2.61 15.52 -8.06
N HIS A 27 -3.29 14.45 -8.53
CA HIS A 27 -3.71 13.34 -7.66
C HIS A 27 -2.50 12.48 -7.25
N ASN A 28 -1.53 12.36 -8.18
CA ASN A 28 -0.27 11.63 -7.95
C ASN A 28 0.53 12.25 -6.77
N LEU A 29 0.58 13.59 -6.73
CA LEU A 29 1.19 14.34 -5.62
C LEU A 29 0.39 14.14 -4.32
N ALA A 30 -0.95 14.00 -4.48
CA ALA A 30 -1.87 13.71 -3.36
C ALA A 30 -1.57 12.36 -2.66
N VAL A 31 -0.99 11.41 -3.43
CA VAL A 31 -0.48 10.12 -2.90
C VAL A 31 0.67 10.35 -1.87
N HIS A 32 1.66 11.18 -2.27
CA HIS A 32 2.77 11.62 -1.38
C HIS A 32 2.22 12.42 -0.19
N ARG A 33 1.16 13.18 -0.47
CA ARG A 33 0.49 14.09 0.47
C ARG A 33 -0.20 13.32 1.65
N MET A 34 -0.03 11.97 1.69
CA MET A 34 -0.44 11.08 2.85
C MET A 34 -0.02 11.61 4.25
N ILE A 35 0.90 12.58 4.27
CA ILE A 35 1.34 13.31 5.45
C ILE A 35 0.37 14.51 5.74
N HIS A 36 0.07 15.34 4.71
CA HIS A 36 -0.65 16.65 4.89
C HIS A 36 -2.15 16.56 4.52
N THR A 37 -2.59 15.46 3.88
CA THR A 37 -3.87 15.42 3.12
C THR A 37 -5.12 15.42 4.02
N GLY A 38 -5.09 14.65 5.12
CA GLY A 38 -6.31 14.33 5.89
C GLY A 38 -7.10 13.15 5.28
N GLU A 39 -7.02 12.99 3.95
CA GLU A 39 -7.68 11.93 3.19
C GLU A 39 -6.62 10.93 2.73
N LYS A 40 -6.18 10.07 3.67
CA LYS A 40 -5.12 9.04 3.43
C LYS A 40 -5.39 8.21 2.14
N PRO A 41 -4.35 8.00 1.24
CA PRO A 41 -4.52 7.24 -0.01
C PRO A 41 -4.72 5.74 0.26
N LEU A 42 -4.85 4.97 -0.82
CA LEU A 42 -5.22 3.56 -0.75
C LEU A 42 -3.96 2.72 -0.95
N GLN A 43 -3.29 2.40 0.18
CA GLN A 43 -1.99 1.74 0.20
C GLN A 43 -2.07 0.42 0.97
N CYS A 44 -1.33 -0.58 0.47
CA CYS A 44 -1.16 -1.87 1.10
C CYS A 44 -0.31 -1.73 2.36
N GLU A 45 -0.95 -1.87 3.53
CA GLU A 45 -0.31 -1.77 4.84
C GLU A 45 0.11 -3.18 5.30
N ILE A 46 0.76 -3.89 4.37
CA ILE A 46 1.30 -5.24 4.53
C ILE A 46 2.80 -5.21 4.12
N CYS A 47 3.22 -4.07 3.53
CA CYS A 47 4.45 -3.94 2.75
C CYS A 47 4.42 -2.46 2.31
N GLY A 48 4.48 -2.18 1.05
CA GLY A 48 4.03 -0.91 0.48
C GLY A 48 3.52 -1.14 -0.94
N PHE A 49 2.46 -0.45 -1.42
CA PHE A 49 1.93 -0.59 -2.79
C PHE A 49 0.74 0.34 -2.79
N THR A 50 0.77 1.44 -3.54
CA THR A 50 -0.27 2.46 -3.44
C THR A 50 -0.97 2.62 -4.79
N CYS A 51 -2.24 2.95 -4.71
CA CYS A 51 -3.11 3.20 -5.87
C CYS A 51 -4.22 4.19 -5.51
N ARG A 52 -4.94 4.67 -6.54
CA ARG A 52 -6.17 5.46 -6.38
C ARG A 52 -7.37 4.52 -6.20
N GLN A 53 -7.34 3.38 -6.92
CA GLN A 53 -8.46 2.42 -6.98
C GLN A 53 -8.28 1.35 -5.90
N LYS A 54 -9.34 1.11 -5.10
CA LYS A 54 -9.32 0.12 -4.00
C LYS A 54 -9.05 -1.29 -4.54
N ALA A 55 -9.69 -1.62 -5.68
CA ALA A 55 -9.54 -2.92 -6.35
C ALA A 55 -8.05 -3.28 -6.61
N SER A 56 -7.27 -2.28 -7.06
CA SER A 56 -5.85 -2.45 -7.42
C SER A 56 -5.02 -3.11 -6.27
N LEU A 57 -5.10 -2.54 -5.05
CA LEU A 57 -4.47 -3.12 -3.87
C LEU A 57 -5.29 -4.33 -3.31
N ASN A 58 -6.63 -4.34 -3.51
CA ASN A 58 -7.51 -5.44 -3.01
C ASN A 58 -7.15 -6.80 -3.63
N TRP A 59 -6.65 -6.78 -4.87
CA TRP A 59 -6.16 -7.97 -5.55
C TRP A 59 -4.76 -8.30 -5.03
N HIS A 60 -3.88 -7.28 -5.03
CA HIS A 60 -2.53 -7.35 -4.45
C HIS A 60 -2.43 -7.93 -3.00
N MET A 61 -3.41 -7.66 -2.10
CA MET A 61 -3.41 -8.23 -0.72
C MET A 61 -3.73 -9.74 -0.78
N LYS A 62 -4.60 -10.11 -1.72
CA LYS A 62 -4.91 -11.52 -2.04
C LYS A 62 -3.70 -12.23 -2.68
N LYS A 63 -2.84 -11.46 -3.37
CA LYS A 63 -1.51 -11.95 -3.87
C LYS A 63 -0.58 -12.38 -2.70
N HIS A 64 -0.69 -11.69 -1.53
CA HIS A 64 0.00 -12.12 -0.28
C HIS A 64 -0.70 -13.35 0.36
N ASP A 65 -1.98 -13.54 0.01
CA ASP A 65 -2.83 -14.60 0.61
C ASP A 65 -2.80 -15.85 -0.32
N ALA A 66 -2.40 -15.59 -1.59
CA ALA A 66 -2.28 -16.62 -2.64
C ALA A 66 -1.00 -17.43 -2.46
N ASP A 67 0.00 -16.81 -1.77
CA ASP A 67 1.27 -17.47 -1.42
C ASP A 67 2.04 -17.81 -2.72
N SER A 68 2.24 -16.77 -3.54
CA SER A 68 2.89 -16.90 -4.85
C SER A 68 4.40 -16.67 -4.72
N PHE A 69 4.79 -15.42 -4.39
CA PHE A 69 6.20 -15.00 -4.23
C PHE A 69 6.50 -14.59 -2.78
N TYR A 70 5.53 -14.79 -1.88
CA TYR A 70 5.63 -14.39 -0.46
C TYR A 70 5.53 -15.64 0.42
N GLN A 71 6.03 -16.77 -0.12
CA GLN A 71 5.79 -18.10 0.41
C GLN A 71 6.50 -18.32 1.75
N PHE A 72 7.67 -17.68 1.91
CA PHE A 72 8.51 -17.80 3.09
C PHE A 72 8.93 -16.39 3.50
N SER A 73 8.92 -16.13 4.79
CA SER A 73 9.27 -14.83 5.36
C SER A 73 9.72 -14.98 6.82
N CYS A 74 10.35 -13.92 7.34
CA CYS A 74 10.87 -13.90 8.71
C CYS A 74 9.82 -13.22 9.60
N ASN A 75 9.25 -13.95 10.58
CA ASN A 75 8.25 -13.39 11.52
C ASN A 75 8.85 -12.22 12.35
N ILE A 76 10.19 -12.10 12.37
CA ILE A 76 10.90 -11.09 13.15
C ILE A 76 11.24 -9.87 12.27
N CYS A 77 11.60 -10.13 10.97
CA CYS A 77 11.98 -9.04 10.02
C CYS A 77 11.86 -9.54 8.56
N GLY A 78 10.63 -9.99 8.22
CA GLY A 78 10.16 -10.43 6.87
C GLY A 78 10.85 -9.84 5.64
N LYS A 79 12.08 -10.33 5.39
CA LYS A 79 12.85 -10.04 4.17
C LYS A 79 12.53 -11.06 3.04
N LYS A 80 11.77 -12.14 3.39
CA LYS A 80 11.24 -13.15 2.43
C LYS A 80 12.41 -13.98 1.86
N PHE A 81 12.50 -15.25 2.30
CA PHE A 81 13.65 -16.12 1.98
C PHE A 81 13.24 -17.26 1.03
N GLU A 82 14.25 -17.96 0.48
CA GLU A 82 14.08 -19.11 -0.41
C GLU A 82 13.29 -20.26 0.25
N LYS A 83 13.40 -20.36 1.58
CA LYS A 83 12.70 -21.37 2.38
C LYS A 83 12.69 -20.97 3.85
N LYS A 84 11.78 -21.60 4.61
CA LYS A 84 11.68 -21.39 6.06
C LYS A 84 12.94 -21.91 6.77
N ASP A 85 13.58 -22.91 6.15
CA ASP A 85 14.91 -23.41 6.56
C ASP A 85 15.96 -22.28 6.51
N SER A 86 15.90 -21.42 5.46
CA SER A 86 16.77 -20.22 5.34
C SER A 86 16.44 -19.18 6.43
N VAL A 87 15.16 -19.12 6.85
CA VAL A 87 14.65 -18.15 7.84
C VAL A 87 15.15 -18.52 9.25
N VAL A 88 15.12 -19.83 9.54
CA VAL A 88 15.56 -20.41 10.84
C VAL A 88 17.08 -20.35 10.93
N ALA A 89 17.73 -20.56 9.77
CA ALA A 89 19.19 -20.47 9.64
C ALA A 89 19.63 -19.02 9.88
N HIS A 90 18.82 -18.09 9.33
CA HIS A 90 19.02 -16.62 9.47
C HIS A 90 18.67 -16.16 10.91
N LYS A 91 17.68 -16.83 11.51
CA LYS A 91 17.16 -16.49 12.86
C LYS A 91 18.22 -16.86 13.90
N ALA A 92 18.96 -17.93 13.59
CA ALA A 92 20.08 -18.41 14.41
C ALA A 92 21.21 -17.36 14.46
N LYS A 93 21.39 -16.61 13.36
CA LYS A 93 22.54 -15.68 13.20
C LYS A 93 22.18 -14.26 13.66
N SER A 94 21.03 -13.77 13.18
CA SER A 94 20.61 -12.38 13.35
C SER A 94 19.79 -12.19 14.64
N HIS A 95 19.17 -13.30 15.13
CA HIS A 95 18.23 -13.25 16.27
C HIS A 95 18.55 -14.39 17.32
N PRO A 96 19.84 -14.61 17.75
CA PRO A 96 20.18 -15.76 18.65
C PRO A 96 19.57 -15.60 20.07
N GLU A 97 19.34 -14.33 20.48
CA GLU A 97 18.73 -13.97 21.75
C GLU A 97 17.75 -12.80 21.49
N VAL A 98 16.44 -13.13 21.42
CA VAL A 98 15.35 -12.14 21.31
C VAL A 98 14.08 -12.71 22.02
ZN ZN B . 4.43 17.32 0.66
ZN ZN C . 1.56 -5.65 -0.37
ZN ZN D . 14.97 -11.79 10.64
N HIS A 10 1.75 25.30 -17.31
CA HIS A 10 2.56 24.90 -16.12
C HIS A 10 2.59 23.36 -15.95
N MET A 11 2.08 22.61 -16.95
CA MET A 11 2.16 21.14 -17.00
C MET A 11 3.62 20.73 -17.28
N ARG A 12 4.45 20.80 -16.23
CA ARG A 12 5.90 20.57 -16.29
C ARG A 12 6.41 20.35 -14.86
N ASP A 13 6.48 19.06 -14.46
CA ASP A 13 7.10 18.62 -13.20
C ASP A 13 6.45 19.30 -11.98
N TYR A 14 5.42 18.65 -11.46
CA TYR A 14 4.62 19.15 -10.34
C TYR A 14 5.35 18.94 -9.01
N ILE A 15 5.56 20.06 -8.30
CA ILE A 15 6.40 20.11 -7.12
C ILE A 15 5.53 20.41 -5.89
N CYS A 16 5.49 19.45 -4.96
CA CYS A 16 4.84 19.58 -3.63
C CYS A 16 5.41 20.78 -2.83
N GLU A 17 6.69 21.18 -3.17
CA GLU A 17 7.36 22.48 -2.81
C GLU A 17 8.59 22.23 -1.92
N TYR A 18 8.58 21.11 -1.20
CA TYR A 18 9.66 20.75 -0.25
C TYR A 18 10.04 19.28 -0.46
N CYS A 19 9.01 18.44 -0.52
CA CYS A 19 9.14 16.97 -0.69
C CYS A 19 8.54 16.54 -2.04
N ALA A 20 9.16 17.04 -3.13
CA ALA A 20 8.97 16.51 -4.49
C ALA A 20 10.09 17.00 -5.40
N ARG A 21 10.96 16.07 -5.86
CA ARG A 21 11.91 16.41 -6.91
C ARG A 21 11.12 16.67 -8.21
N ALA A 22 10.15 15.76 -8.52
CA ALA A 22 9.01 16.06 -9.41
C ALA A 22 8.00 14.90 -9.41
N PHE A 23 6.72 15.24 -9.61
CA PHE A 23 5.66 14.28 -9.92
C PHE A 23 5.09 14.65 -11.30
N LYS A 24 4.64 13.62 -12.05
CA LYS A 24 4.10 13.80 -13.41
C LYS A 24 2.80 14.62 -13.43
N SER A 25 2.04 14.61 -12.32
CA SER A 25 0.74 15.26 -12.25
C SER A 25 0.45 15.83 -10.85
N SER A 26 -0.45 16.82 -10.82
CA SER A 26 -1.04 17.37 -9.58
C SER A 26 -1.78 16.28 -8.76
N HIS A 27 -2.45 15.37 -9.49
CA HIS A 27 -3.18 14.21 -8.90
C HIS A 27 -2.17 13.21 -8.31
N ASN A 28 -1.05 13.02 -9.03
CA ASN A 28 0.06 12.12 -8.65
C ASN A 28 0.67 12.55 -7.30
N LEU A 29 1.01 13.85 -7.22
CA LEU A 29 1.59 14.46 -6.00
C LEU A 29 0.58 14.47 -4.86
N ALA A 30 -0.72 14.63 -5.20
CA ALA A 30 -1.85 14.65 -4.23
C ALA A 30 -1.93 13.35 -3.39
N VAL A 31 -1.55 12.22 -4.02
CA VAL A 31 -1.56 10.90 -3.35
C VAL A 31 -0.47 10.85 -2.25
N HIS A 32 0.71 11.42 -2.54
CA HIS A 32 1.82 11.55 -1.59
C HIS A 32 1.47 12.60 -0.51
N ARG A 33 0.82 13.69 -0.97
CA ARG A 33 0.44 14.86 -0.16
C ARG A 33 -0.58 14.49 0.94
N MET A 34 -1.08 13.22 0.92
CA MET A 34 -2.02 12.66 1.92
C MET A 34 -1.66 12.91 3.42
N ILE A 35 -0.41 13.34 3.66
CA ILE A 35 0.14 13.71 4.96
C ILE A 35 -0.22 15.20 5.26
N HIS A 36 0.15 16.10 4.33
CA HIS A 36 -0.01 17.58 4.50
C HIS A 36 -1.21 18.15 3.71
N THR A 37 -2.01 17.30 3.08
CA THR A 37 -3.03 17.74 2.09
C THR A 37 -4.10 18.63 2.74
N GLY A 38 -4.46 18.33 4.01
CA GLY A 38 -5.51 19.07 4.73
C GLY A 38 -6.92 18.59 4.38
N GLU A 39 -7.07 18.01 3.16
CA GLU A 39 -8.30 17.44 2.64
C GLU A 39 -7.97 16.02 2.16
N LYS A 40 -8.09 15.04 3.09
CA LYS A 40 -7.79 13.60 2.83
C LYS A 40 -8.59 13.10 1.59
N PRO A 41 -7.89 12.76 0.44
CA PRO A 41 -8.57 12.40 -0.84
C PRO A 41 -9.44 11.13 -0.70
N LEU A 42 -8.78 9.98 -0.49
CA LEU A 42 -9.42 8.66 -0.40
C LEU A 42 -8.63 7.81 0.62
N GLN A 43 -9.12 7.76 1.88
CA GLN A 43 -8.45 7.06 2.98
C GLN A 43 -9.46 6.19 3.76
N CYS A 44 -8.99 5.00 4.19
CA CYS A 44 -9.75 4.08 5.05
C CYS A 44 -10.02 4.72 6.41
N GLU A 45 -11.30 5.04 6.66
CA GLU A 45 -11.76 5.71 7.90
C GLU A 45 -12.02 4.67 9.04
N ILE A 46 -11.27 3.54 9.02
CA ILE A 46 -11.37 2.46 10.00
C ILE A 46 -10.03 2.35 10.74
N CYS A 47 -8.96 2.16 9.94
CA CYS A 47 -7.59 2.31 10.41
C CYS A 47 -7.10 3.51 9.61
N GLY A 48 -6.11 3.35 8.77
CA GLY A 48 -5.89 4.22 7.63
C GLY A 48 -5.32 3.42 6.47
N PHE A 49 -5.35 3.95 5.24
CA PHE A 49 -4.87 3.29 4.03
C PHE A 49 -5.33 4.23 2.94
N THR A 50 -4.39 4.89 2.26
CA THR A 50 -4.74 5.92 1.31
C THR A 50 -4.34 5.44 -0.09
N CYS A 51 -5.20 5.71 -1.04
CA CYS A 51 -5.01 5.33 -2.45
C CYS A 51 -5.60 6.39 -3.38
N ARG A 52 -5.16 6.35 -4.64
CA ARG A 52 -5.65 7.20 -5.71
C ARG A 52 -7.03 6.71 -6.22
N GLN A 53 -7.24 5.39 -6.15
CA GLN A 53 -8.46 4.73 -6.60
C GLN A 53 -9.29 4.28 -5.39
N LYS A 54 -10.54 4.77 -5.31
CA LYS A 54 -11.50 4.42 -4.24
C LYS A 54 -11.62 2.90 -4.05
N ALA A 55 -11.76 2.17 -5.16
CA ALA A 55 -11.98 0.69 -5.16
C ALA A 55 -10.90 -0.08 -4.35
N SER A 56 -9.67 0.46 -4.33
CA SER A 56 -8.54 -0.18 -3.59
C SER A 56 -8.81 -0.21 -2.07
N LEU A 57 -9.08 0.96 -1.47
CA LEU A 57 -9.37 1.09 -0.03
C LEU A 57 -10.78 0.60 0.31
N ASN A 58 -11.69 0.75 -0.64
CA ASN A 58 -13.09 0.26 -0.54
C ASN A 58 -13.19 -1.22 -0.16
N TRP A 59 -12.41 -2.07 -0.85
CA TRP A 59 -12.43 -3.52 -0.59
C TRP A 59 -11.63 -3.81 0.68
N HIS A 60 -10.45 -3.14 0.82
CA HIS A 60 -9.66 -3.11 2.07
C HIS A 60 -10.51 -2.82 3.36
N MET A 61 -11.48 -1.88 3.29
CA MET A 61 -12.38 -1.59 4.42
C MET A 61 -13.39 -2.73 4.67
N LYS A 62 -13.95 -3.25 3.58
CA LYS A 62 -14.81 -4.45 3.62
C LYS A 62 -14.05 -5.69 4.17
N LYS A 63 -12.71 -5.68 4.02
CA LYS A 63 -11.83 -6.71 4.64
C LYS A 63 -11.93 -6.65 6.20
N HIS A 64 -12.02 -5.43 6.77
CA HIS A 64 -12.30 -5.22 8.23
C HIS A 64 -13.71 -5.74 8.61
N ASP A 65 -14.63 -5.75 7.62
CA ASP A 65 -16.03 -6.21 7.82
C ASP A 65 -16.13 -7.71 7.53
N ALA A 66 -15.06 -8.27 6.94
CA ALA A 66 -14.95 -9.71 6.68
C ALA A 66 -14.70 -10.45 8.01
N ASP A 67 -13.71 -9.94 8.81
CA ASP A 67 -13.36 -10.46 10.16
C ASP A 67 -12.61 -11.82 10.13
N SER A 68 -12.80 -12.63 9.06
CA SER A 68 -12.18 -13.97 8.87
C SER A 68 -10.63 -13.92 8.76
N PHE A 69 -10.07 -12.70 8.65
CA PHE A 69 -8.62 -12.48 8.46
C PHE A 69 -8.07 -11.63 9.63
N TYR A 70 -8.97 -10.89 10.32
CA TYR A 70 -8.58 -9.86 11.31
C TYR A 70 -8.94 -10.28 12.74
N GLN A 71 -9.72 -11.36 12.89
CA GLN A 71 -10.19 -11.85 14.21
C GLN A 71 -9.67 -13.27 14.51
N PHE A 72 -8.77 -13.77 13.67
CA PHE A 72 -8.25 -15.15 13.75
C PHE A 72 -6.75 -15.09 13.47
N SER A 73 -5.98 -15.77 14.30
CA SER A 73 -4.53 -15.74 14.30
C SER A 73 -4.00 -16.95 15.07
N CYS A 74 -3.22 -17.78 14.39
CA CYS A 74 -2.41 -18.82 15.05
C CYS A 74 -1.24 -18.13 15.80
N ASN A 75 -0.99 -18.57 17.05
CA ASN A 75 0.01 -17.95 17.97
C ASN A 75 1.44 -17.97 17.40
N ILE A 76 1.74 -18.94 16.52
CA ILE A 76 3.11 -19.21 16.07
C ILE A 76 3.24 -18.89 14.57
N CYS A 77 2.18 -19.21 13.81
CA CYS A 77 2.16 -19.02 12.35
C CYS A 77 0.72 -18.76 11.90
N GLY A 78 0.17 -17.63 12.38
CA GLY A 78 -1.09 -17.01 11.91
C GLY A 78 -1.39 -17.13 10.42
N LYS A 79 -1.83 -18.33 10.01
CA LYS A 79 -2.31 -18.60 8.66
C LYS A 79 -3.63 -17.85 8.36
N LYS A 80 -4.43 -17.60 9.44
CA LYS A 80 -5.79 -17.00 9.36
C LYS A 80 -6.80 -18.02 8.83
N PHE A 81 -7.71 -18.44 9.73
CA PHE A 81 -8.72 -19.47 9.49
C PHE A 81 -10.12 -18.85 9.59
N GLU A 82 -11.11 -19.47 8.94
CA GLU A 82 -12.50 -18.97 8.92
C GLU A 82 -13.21 -19.12 10.29
N LYS A 83 -12.83 -20.16 11.08
CA LYS A 83 -13.46 -20.44 12.38
C LYS A 83 -12.38 -20.75 13.42
N LYS A 84 -12.70 -20.44 14.68
CA LYS A 84 -11.81 -20.70 15.84
C LYS A 84 -11.54 -22.20 15.99
N ASP A 85 -12.51 -23.03 15.58
CA ASP A 85 -12.36 -24.50 15.54
C ASP A 85 -11.10 -24.89 14.76
N SER A 86 -10.91 -24.27 13.57
CA SER A 86 -9.76 -24.54 12.71
C SER A 86 -8.43 -24.06 13.34
N VAL A 87 -8.47 -22.99 14.15
CA VAL A 87 -7.27 -22.37 14.76
C VAL A 87 -6.74 -23.26 15.91
N VAL A 88 -7.69 -23.69 16.75
CA VAL A 88 -7.43 -24.48 17.98
C VAL A 88 -7.05 -25.90 17.60
N ALA A 89 -7.71 -26.42 16.54
CA ALA A 89 -7.42 -27.76 15.99
C ALA A 89 -6.00 -27.77 15.40
N HIS A 90 -5.66 -26.66 14.71
CA HIS A 90 -4.33 -26.50 14.06
C HIS A 90 -3.21 -26.36 15.10
N LYS A 91 -3.50 -25.66 16.20
CA LYS A 91 -2.55 -25.40 17.29
C LYS A 91 -2.28 -26.70 18.06
N ALA A 92 -3.35 -27.48 18.30
CA ALA A 92 -3.26 -28.80 18.96
C ALA A 92 -2.50 -29.82 18.08
N LYS A 93 -2.59 -29.61 16.76
CA LYS A 93 -2.04 -30.51 15.75
C LYS A 93 -0.55 -30.25 15.53
N SER A 94 -0.21 -28.99 15.26
CA SER A 94 1.10 -28.58 14.76
C SER A 94 1.97 -27.98 15.88
N HIS A 95 1.34 -27.61 17.02
CA HIS A 95 2.04 -26.89 18.12
C HIS A 95 1.67 -27.44 19.54
N PRO A 96 1.79 -28.80 19.82
CA PRO A 96 1.76 -29.33 21.22
C PRO A 96 2.91 -28.76 22.11
N GLU A 97 3.97 -28.30 21.43
CA GLU A 97 5.08 -27.56 22.04
C GLU A 97 5.06 -26.16 21.42
N VAL A 98 4.44 -25.23 22.13
CA VAL A 98 4.36 -23.81 21.75
C VAL A 98 5.71 -23.10 22.05
ZN ZN B . 4.94 16.52 0.26
ZN ZN C . -8.09 -0.15 7.04
ZN ZN D . 0.46 -22.48 13.39
N HIS A 10 8.59 22.02 -17.90
CA HIS A 10 7.82 21.12 -18.80
C HIS A 10 6.39 21.62 -19.00
N MET A 11 6.01 22.71 -18.27
CA MET A 11 4.62 23.28 -18.27
C MET A 11 3.59 22.25 -17.73
N ARG A 12 4.11 21.39 -16.83
CA ARG A 12 3.40 20.24 -16.24
C ARG A 12 4.27 19.73 -15.08
N ASP A 13 4.31 20.51 -14.00
CA ASP A 13 5.23 20.32 -12.89
C ASP A 13 4.49 20.63 -11.59
N TYR A 14 4.01 19.57 -10.95
CA TYR A 14 3.26 19.65 -9.68
C TYR A 14 4.26 19.52 -8.52
N ILE A 15 4.50 20.64 -7.81
CA ILE A 15 5.49 20.71 -6.74
C ILE A 15 4.73 20.84 -5.40
N CYS A 16 5.32 20.33 -4.31
CA CYS A 16 4.68 20.30 -2.98
C CYS A 16 5.11 21.53 -2.14
N GLU A 17 6.31 22.09 -2.52
CA GLU A 17 6.95 23.34 -2.00
C GLU A 17 8.27 23.01 -1.26
N TYR A 18 8.36 21.79 -0.69
CA TYR A 18 9.55 21.33 0.05
C TYR A 18 9.91 19.90 -0.36
N CYS A 19 8.90 19.03 -0.29
CA CYS A 19 9.06 17.56 -0.48
C CYS A 19 8.34 17.07 -1.75
N ALA A 20 8.73 17.65 -2.90
CA ALA A 20 8.41 17.14 -4.24
C ALA A 20 9.37 17.72 -5.25
N ARG A 21 10.20 16.87 -5.88
CA ARG A 21 11.08 17.33 -6.96
C ARG A 21 10.20 17.73 -8.17
N ALA A 22 9.26 16.84 -8.57
CA ALA A 22 8.08 17.18 -9.41
C ALA A 22 7.12 16.00 -9.45
N PHE A 23 5.88 16.25 -9.89
CA PHE A 23 4.91 15.21 -10.24
C PHE A 23 4.29 15.52 -11.60
N LYS A 24 4.03 14.45 -12.37
CA LYS A 24 3.31 14.51 -13.64
C LYS A 24 1.80 14.70 -13.41
N SER A 25 1.32 14.29 -12.21
CA SER A 25 -0.13 14.22 -11.89
C SER A 25 -0.37 14.70 -10.45
N SER A 26 -1.47 15.46 -10.27
CA SER A 26 -1.96 15.88 -8.95
C SER A 26 -2.50 14.66 -8.13
N HIS A 27 -2.95 13.60 -8.84
CA HIS A 27 -3.37 12.33 -8.19
C HIS A 27 -2.17 11.58 -7.60
N ASN A 28 -1.05 11.62 -8.32
CA ASN A 28 0.23 11.02 -7.90
C ASN A 28 0.76 11.76 -6.66
N LEU A 29 0.69 13.09 -6.75
CA LEU A 29 1.01 14.02 -5.68
C LEU A 29 0.10 13.81 -4.45
N ALA A 30 -1.18 13.48 -4.69
CA ALA A 30 -2.16 13.13 -3.61
C ALA A 30 -1.72 11.88 -2.82
N VAL A 31 -1.07 10.92 -3.52
CA VAL A 31 -0.51 9.69 -2.92
C VAL A 31 0.59 10.04 -1.89
N HIS A 32 1.48 10.97 -2.27
CA HIS A 32 2.52 11.53 -1.38
C HIS A 32 1.90 12.41 -0.29
N ARG A 33 0.86 13.16 -0.69
CA ARG A 33 0.20 14.18 0.14
C ARG A 33 -0.57 13.56 1.31
N MET A 34 -0.55 12.21 1.42
CA MET A 34 -1.10 11.44 2.58
C MET A 34 -0.72 11.99 3.99
N ILE A 35 0.32 12.84 4.03
CA ILE A 35 0.76 13.57 5.21
C ILE A 35 -0.05 14.90 5.33
N HIS A 36 -0.05 15.74 4.26
CA HIS A 36 -0.59 17.14 4.30
C HIS A 36 -2.05 17.19 3.77
N THR A 37 -2.65 16.03 3.53
CA THR A 37 -3.78 15.83 2.58
C THR A 37 -5.03 16.71 2.87
N GLY A 38 -5.70 16.50 4.01
CA GLY A 38 -6.97 17.19 4.30
C GLY A 38 -8.10 16.66 3.40
N GLU A 39 -8.01 15.33 3.12
CA GLU A 39 -8.83 14.61 2.11
C GLU A 39 -9.09 13.19 2.63
N LYS A 40 -8.06 12.63 3.30
CA LYS A 40 -8.06 11.30 3.94
C LYS A 40 -8.05 10.19 2.87
N PRO A 41 -6.84 9.90 2.25
CA PRO A 41 -6.70 8.83 1.25
C PRO A 41 -6.63 7.44 1.91
N LEU A 42 -6.69 6.40 1.11
CA LEU A 42 -6.78 5.01 1.57
C LEU A 42 -5.48 4.28 1.21
N GLN A 43 -5.01 3.43 2.14
CA GLN A 43 -3.71 2.74 2.02
C GLN A 43 -3.97 1.23 2.18
N CYS A 44 -3.21 0.41 1.42
CA CYS A 44 -3.32 -1.05 1.50
C CYS A 44 -2.91 -1.53 2.90
N GLU A 45 -3.93 -1.92 3.70
CA GLU A 45 -3.77 -2.46 5.07
C GLU A 45 -2.78 -3.64 5.12
N ILE A 46 -2.67 -4.38 4.00
CA ILE A 46 -1.82 -5.58 3.91
C ILE A 46 -0.34 -5.16 3.82
N CYS A 47 -0.04 -4.19 2.93
CA CYS A 47 1.34 -3.70 2.76
C CYS A 47 1.36 -2.18 2.49
N GLY A 48 1.28 -1.81 1.20
CA GLY A 48 1.47 -0.43 0.74
C GLY A 48 0.77 -0.25 -0.59
N PHE A 49 -0.01 0.84 -0.79
CA PHE A 49 -0.59 1.26 -2.07
C PHE A 49 -1.60 2.33 -1.65
N THR A 50 -1.37 3.59 -2.03
CA THR A 50 -2.24 4.68 -1.57
C THR A 50 -2.97 5.26 -2.79
N CYS A 51 -4.26 5.47 -2.62
CA CYS A 51 -5.13 6.09 -3.63
C CYS A 51 -6.39 6.65 -3.00
N ARG A 52 -7.02 7.59 -3.73
CA ARG A 52 -8.31 8.22 -3.34
C ARG A 52 -9.50 7.31 -3.74
N GLN A 53 -9.22 6.26 -4.52
CA GLN A 53 -10.23 5.28 -4.99
C GLN A 53 -10.09 3.99 -4.16
N LYS A 54 -11.09 3.72 -3.29
CA LYS A 54 -11.15 2.46 -2.49
C LYS A 54 -11.03 1.22 -3.39
N ALA A 55 -11.71 1.28 -4.53
CA ALA A 55 -11.68 0.22 -5.56
C ALA A 55 -10.24 -0.14 -5.99
N SER A 56 -9.39 0.90 -6.15
CA SER A 56 -8.02 0.76 -6.69
C SER A 56 -7.14 -0.15 -5.79
N LEU A 57 -7.08 0.14 -4.46
CA LEU A 57 -6.30 -0.68 -3.50
C LEU A 57 -7.02 -2.01 -3.20
N ASN A 58 -8.37 -1.98 -3.20
CA ASN A 58 -9.22 -3.20 -3.07
C ASN A 58 -8.85 -4.29 -4.08
N TRP A 59 -8.59 -3.90 -5.33
CA TRP A 59 -8.28 -4.87 -6.40
C TRP A 59 -6.80 -5.29 -6.30
N HIS A 60 -5.92 -4.33 -5.97
CA HIS A 60 -4.54 -4.62 -5.47
C HIS A 60 -4.51 -5.71 -4.34
N MET A 61 -5.53 -5.74 -3.45
CA MET A 61 -5.67 -6.82 -2.44
C MET A 61 -6.08 -8.18 -3.06
N LYS A 62 -6.91 -8.15 -4.11
CA LYS A 62 -7.16 -9.34 -4.96
C LYS A 62 -5.85 -9.84 -5.64
N LYS A 63 -4.89 -8.92 -5.86
CA LYS A 63 -3.54 -9.26 -6.36
C LYS A 63 -2.75 -10.05 -5.27
N HIS A 64 -3.03 -9.76 -3.98
CA HIS A 64 -2.48 -10.52 -2.83
C HIS A 64 -3.10 -11.93 -2.75
N ASP A 65 -4.27 -12.13 -3.38
CA ASP A 65 -4.99 -13.42 -3.33
C ASP A 65 -4.23 -14.50 -4.13
N ALA A 66 -3.66 -14.10 -5.27
CA ALA A 66 -2.74 -14.95 -6.06
C ALA A 66 -1.38 -15.07 -5.33
N ASP A 67 -0.94 -13.90 -4.83
CA ASP A 67 0.14 -13.77 -3.84
C ASP A 67 1.51 -13.71 -4.52
N SER A 68 1.94 -14.87 -5.06
CA SER A 68 3.32 -15.12 -5.53
C SER A 68 3.78 -14.18 -6.67
N PHE A 69 2.82 -13.80 -7.54
CA PHE A 69 3.11 -13.04 -8.79
C PHE A 69 2.07 -11.93 -9.04
N TYR A 70 1.18 -11.72 -8.04
CA TYR A 70 0.14 -10.65 -8.04
C TYR A 70 -0.89 -10.72 -9.20
N GLN A 71 -0.81 -11.72 -10.08
CA GLN A 71 -1.78 -11.90 -11.17
C GLN A 71 -2.88 -12.86 -10.69
N PHE A 72 -2.94 -14.08 -11.26
CA PHE A 72 -3.93 -15.11 -10.90
C PHE A 72 -3.19 -16.44 -11.01
N SER A 73 -3.42 -17.31 -10.05
CA SER A 73 -2.63 -18.52 -9.86
C SER A 73 -3.54 -19.69 -9.46
N CYS A 74 -3.34 -20.80 -10.15
CA CYS A 74 -3.98 -22.08 -9.82
C CYS A 74 -3.28 -22.69 -8.60
N ASN A 75 -4.02 -23.03 -7.54
CA ASN A 75 -3.41 -23.60 -6.31
C ASN A 75 -2.72 -24.95 -6.60
N ILE A 76 -3.21 -25.66 -7.62
CA ILE A 76 -2.80 -27.03 -7.93
C ILE A 76 -1.56 -27.08 -8.84
N CYS A 77 -1.49 -26.25 -9.93
CA CYS A 77 -0.35 -26.30 -10.88
C CYS A 77 0.23 -24.91 -11.18
N GLY A 78 -0.40 -23.84 -10.61
CA GLY A 78 0.11 -22.47 -10.71
C GLY A 78 0.33 -21.98 -12.12
N LYS A 79 -0.49 -22.47 -13.06
CA LYS A 79 -0.30 -22.23 -14.50
C LYS A 79 -0.38 -20.73 -14.88
N LYS A 80 -1.08 -19.90 -14.05
CA LYS A 80 -1.19 -18.43 -14.22
C LYS A 80 -2.21 -18.07 -15.32
N PHE A 81 -3.27 -17.34 -14.91
CA PHE A 81 -4.39 -16.96 -15.80
C PHE A 81 -4.64 -15.44 -15.78
N GLU A 82 -5.36 -14.97 -16.82
CA GLU A 82 -5.74 -13.55 -16.94
C GLU A 82 -6.83 -13.12 -15.93
N LYS A 83 -7.75 -14.05 -15.57
CA LYS A 83 -8.79 -13.78 -14.56
C LYS A 83 -9.18 -15.06 -13.80
N LYS A 84 -9.88 -14.85 -12.68
CA LYS A 84 -10.36 -15.91 -11.77
C LYS A 84 -11.24 -16.93 -12.52
N ASP A 85 -12.10 -16.41 -13.42
CA ASP A 85 -13.00 -17.24 -14.25
C ASP A 85 -12.24 -18.33 -15.01
N SER A 86 -11.07 -17.96 -15.56
CA SER A 86 -10.24 -18.88 -16.34
C SER A 86 -9.67 -20.01 -15.45
N VAL A 87 -9.40 -19.68 -14.16
CA VAL A 87 -8.75 -20.60 -13.20
C VAL A 87 -9.74 -21.68 -12.72
N VAL A 88 -10.96 -21.20 -12.43
CA VAL A 88 -12.06 -22.00 -11.84
C VAL A 88 -12.58 -22.99 -12.88
N ALA A 89 -12.68 -22.49 -14.13
CA ALA A 89 -13.13 -23.27 -15.27
C ALA A 89 -12.08 -24.34 -15.61
N HIS A 90 -10.80 -23.94 -15.45
CA HIS A 90 -9.64 -24.81 -15.70
C HIS A 90 -9.56 -25.96 -14.68
N LYS A 91 -9.75 -25.63 -13.39
CA LYS A 91 -9.46 -26.54 -12.25
C LYS A 91 -10.47 -27.69 -12.23
N ALA A 92 -11.73 -27.31 -12.51
CA ALA A 92 -12.86 -28.24 -12.60
C ALA A 92 -12.63 -29.34 -13.66
N LYS A 93 -11.87 -29.00 -14.73
CA LYS A 93 -11.68 -29.86 -15.93
C LYS A 93 -10.31 -30.57 -15.91
N SER A 94 -9.28 -29.83 -15.49
CA SER A 94 -7.87 -30.23 -15.58
C SER A 94 -7.45 -31.06 -14.36
N HIS A 95 -8.26 -30.98 -13.27
CA HIS A 95 -7.96 -31.67 -12.00
C HIS A 95 -9.22 -32.38 -11.43
N PRO A 96 -9.88 -33.34 -12.19
CA PRO A 96 -11.03 -34.12 -11.65
C PRO A 96 -10.59 -35.07 -10.51
N GLU A 97 -9.40 -35.71 -10.67
CA GLU A 97 -8.77 -36.53 -9.63
C GLU A 97 -7.51 -35.78 -9.16
N VAL A 98 -7.68 -35.03 -8.09
CA VAL A 98 -6.59 -34.32 -7.40
C VAL A 98 -6.54 -34.75 -5.91
ZN ZN B . 4.97 17.00 0.70
ZN ZN C . -0.65 -4.56 -0.76
ZN ZN D . -4.19 -26.19 -12.61
N HIS A 10 9.26 22.37 -18.14
CA HIS A 10 8.66 22.36 -16.79
C HIS A 10 7.33 23.17 -16.78
N MET A 11 6.19 22.45 -16.91
CA MET A 11 4.83 23.05 -16.92
C MET A 11 3.76 22.02 -16.52
N ARG A 12 3.89 20.76 -17.00
CA ARG A 12 3.03 19.62 -16.56
C ARG A 12 3.62 18.98 -15.27
N ASP A 13 3.99 19.85 -14.31
CA ASP A 13 4.80 19.49 -13.15
C ASP A 13 4.08 19.96 -11.89
N TYR A 14 3.33 19.04 -11.32
CA TYR A 14 2.59 19.17 -10.07
C TYR A 14 3.58 19.05 -8.89
N ILE A 15 3.69 20.09 -8.08
CA ILE A 15 4.69 20.16 -6.99
C ILE A 15 3.98 20.17 -5.63
N CYS A 16 4.65 19.66 -4.59
CA CYS A 16 4.16 19.68 -3.19
C CYS A 16 4.47 21.04 -2.52
N GLU A 17 5.50 21.74 -3.07
CA GLU A 17 5.90 23.12 -2.68
C GLU A 17 6.88 23.08 -1.46
N TYR A 18 7.09 21.86 -0.90
CA TYR A 18 7.92 21.66 0.29
C TYR A 18 8.85 20.47 0.07
N CYS A 19 8.23 19.36 -0.35
CA CYS A 19 8.93 18.09 -0.63
C CYS A 19 8.30 17.36 -1.82
N ALA A 20 8.66 17.82 -3.02
CA ALA A 20 8.44 17.11 -4.29
C ALA A 20 9.32 17.72 -5.37
N ARG A 21 10.08 16.88 -6.08
CA ARG A 21 10.91 17.32 -7.21
C ARG A 21 9.97 17.80 -8.34
N ALA A 22 9.10 16.89 -8.85
CA ALA A 22 8.00 17.21 -9.77
C ALA A 22 7.20 15.92 -10.01
N PHE A 23 5.89 16.08 -10.21
CA PHE A 23 5.00 14.97 -10.59
C PHE A 23 4.35 15.31 -11.92
N LYS A 24 4.24 14.31 -12.82
CA LYS A 24 3.53 14.49 -14.09
C LYS A 24 2.03 14.14 -13.93
N SER A 25 1.61 13.76 -12.71
CA SER A 25 0.21 13.44 -12.40
C SER A 25 -0.20 14.04 -11.03
N SER A 26 -1.37 14.71 -11.01
CA SER A 26 -1.97 15.30 -9.79
C SER A 26 -2.29 14.22 -8.73
N HIS A 27 -2.76 13.05 -9.21
CA HIS A 27 -3.06 11.89 -8.33
C HIS A 27 -1.79 11.38 -7.62
N ASN A 28 -0.67 11.36 -8.35
CA ASN A 28 0.64 10.87 -7.84
C ASN A 28 1.08 11.72 -6.63
N LEU A 29 0.95 13.04 -6.81
CA LEU A 29 1.23 14.06 -5.78
C LEU A 29 0.30 13.87 -4.56
N ALA A 30 -0.97 13.59 -4.81
CA ALA A 30 -1.98 13.37 -3.74
C ALA A 30 -1.66 12.12 -2.88
N VAL A 31 -1.02 11.11 -3.51
CA VAL A 31 -0.53 9.89 -2.82
C VAL A 31 0.59 10.25 -1.82
N HIS A 32 1.51 11.14 -2.25
CA HIS A 32 2.58 11.70 -1.41
C HIS A 32 1.99 12.62 -0.30
N ARG A 33 0.99 13.40 -0.70
CA ARG A 33 0.35 14.44 0.13
C ARG A 33 -0.40 13.81 1.34
N MET A 34 -0.42 12.46 1.43
CA MET A 34 -0.99 11.67 2.56
C MET A 34 -0.58 12.20 3.98
N ILE A 35 0.57 12.91 4.03
CA ILE A 35 1.14 13.46 5.25
C ILE A 35 0.54 14.88 5.54
N HIS A 36 0.36 15.72 4.50
CA HIS A 36 -0.04 17.14 4.65
C HIS A 36 -1.56 17.36 4.43
N THR A 37 -2.21 16.40 3.77
CA THR A 37 -3.50 16.60 3.08
C THR A 37 -4.66 17.02 4.01
N GLY A 38 -4.85 16.30 5.12
CA GLY A 38 -6.09 16.39 5.89
C GLY A 38 -7.18 15.48 5.35
N GLU A 39 -7.19 15.22 4.03
CA GLU A 39 -8.07 14.24 3.40
C GLU A 39 -7.22 13.07 2.89
N LYS A 40 -6.86 12.21 3.84
CA LYS A 40 -5.94 11.06 3.61
C LYS A 40 -6.51 10.15 2.50
N PRO A 41 -5.75 9.92 1.37
CA PRO A 41 -6.26 9.18 0.19
C PRO A 41 -6.63 7.71 0.53
N LEU A 42 -5.65 6.80 0.46
CA LEU A 42 -5.82 5.38 0.76
C LEU A 42 -4.52 4.88 1.39
N GLN A 43 -4.52 4.76 2.72
CA GLN A 43 -3.33 4.37 3.49
C GLN A 43 -3.75 3.46 4.65
N CYS A 44 -3.09 2.30 4.71
CA CYS A 44 -3.32 1.25 5.72
C CYS A 44 -2.94 1.75 7.12
N GLU A 45 -3.99 1.96 7.96
CA GLU A 45 -3.87 2.48 9.34
C GLU A 45 -3.63 1.32 10.33
N ILE A 46 -2.66 0.46 9.98
CA ILE A 46 -2.27 -0.75 10.73
C ILE A 46 -0.71 -0.78 10.82
N CYS A 47 -0.07 0.20 10.17
CA CYS A 47 1.34 0.23 9.86
C CYS A 47 1.50 1.56 9.11
N GLY A 48 2.19 1.55 8.00
CA GLY A 48 2.09 2.61 7.01
C GLY A 48 2.30 1.98 5.64
N PHE A 49 1.44 2.20 4.62
CA PHE A 49 1.47 1.47 3.36
C PHE A 49 0.37 2.14 2.54
N THR A 50 0.72 2.83 1.46
CA THR A 50 -0.20 3.72 0.76
C THR A 50 -0.45 3.18 -0.65
N CYS A 51 -1.69 3.28 -1.08
CA CYS A 51 -2.18 2.74 -2.35
C CYS A 51 -3.02 3.79 -3.11
N ARG A 52 -3.19 3.54 -4.41
CA ARG A 52 -4.09 4.31 -5.29
C ARG A 52 -5.43 3.58 -5.43
N GLN A 53 -5.35 2.23 -5.37
CA GLN A 53 -6.52 1.34 -5.42
C GLN A 53 -6.93 0.92 -4.00
N LYS A 54 -8.24 1.05 -3.70
CA LYS A 54 -8.85 0.65 -2.41
C LYS A 54 -8.62 -0.85 -2.13
N ALA A 55 -8.81 -1.67 -3.17
CA ALA A 55 -8.56 -3.13 -3.11
C ALA A 55 -7.11 -3.47 -2.64
N SER A 56 -6.13 -2.68 -3.12
CA SER A 56 -4.69 -2.92 -2.87
C SER A 56 -4.37 -2.96 -1.35
N LEU A 57 -4.73 -1.88 -0.60
CA LEU A 57 -4.51 -1.84 0.86
C LEU A 57 -5.52 -2.72 1.62
N ASN A 58 -6.74 -2.89 1.05
CA ASN A 58 -7.79 -3.79 1.60
C ASN A 58 -7.32 -5.25 1.73
N TRP A 59 -6.57 -5.73 0.75
CA TRP A 59 -6.08 -7.11 0.74
C TRP A 59 -4.85 -7.19 1.65
N HIS A 60 -3.95 -6.20 1.49
CA HIS A 60 -2.85 -5.94 2.41
C HIS A 60 -3.25 -5.89 3.93
N MET A 61 -4.41 -5.32 4.29
CA MET A 61 -4.85 -5.30 5.72
C MET A 61 -5.26 -6.70 6.21
N LYS A 62 -5.87 -7.49 5.29
CA LYS A 62 -6.16 -8.93 5.53
C LYS A 62 -4.84 -9.74 5.71
N LYS A 63 -3.78 -9.28 5.04
CA LYS A 63 -2.42 -9.85 5.23
C LYS A 63 -1.94 -9.75 6.69
N HIS A 64 -2.40 -8.71 7.43
CA HIS A 64 -2.09 -8.55 8.88
C HIS A 64 -2.96 -9.49 9.75
N ASP A 65 -3.98 -10.14 9.16
CA ASP A 65 -4.99 -10.91 9.93
C ASP A 65 -4.56 -12.39 10.04
N ALA A 66 -3.89 -12.89 9.00
CA ALA A 66 -3.40 -14.27 8.96
C ALA A 66 -1.85 -14.30 9.02
N ASP A 67 -1.24 -13.08 9.18
CA ASP A 67 0.22 -12.80 9.11
C ASP A 67 1.10 -13.81 9.84
N SER A 68 1.34 -14.92 9.15
CA SER A 68 2.30 -15.95 9.58
C SER A 68 3.75 -15.55 9.25
N PHE A 69 3.92 -14.50 8.42
CA PHE A 69 5.24 -13.89 8.15
C PHE A 69 5.73 -13.15 9.40
N TYR A 70 4.76 -12.54 10.13
CA TYR A 70 5.00 -11.75 11.35
C TYR A 70 5.95 -10.58 11.05
N GLN A 71 5.36 -9.51 10.50
CA GLN A 71 6.07 -8.31 10.04
C GLN A 71 6.70 -7.56 11.22
N PHE A 72 5.93 -7.44 12.30
CA PHE A 72 6.30 -6.67 13.50
C PHE A 72 6.94 -7.63 14.51
N SER A 73 7.99 -7.14 15.17
CA SER A 73 8.77 -7.92 16.14
C SER A 73 9.39 -7.00 17.20
N CYS A 74 9.82 -7.62 18.28
CA CYS A 74 10.63 -6.99 19.33
C CYS A 74 12.09 -7.39 19.08
N ASN A 75 13.00 -6.42 18.94
CA ASN A 75 14.43 -6.71 18.68
C ASN A 75 15.12 -7.30 19.94
N ILE A 76 14.39 -7.37 21.06
CA ILE A 76 14.92 -7.80 22.37
C ILE A 76 14.36 -9.19 22.71
N CYS A 77 13.11 -9.45 22.25
CA CYS A 77 12.42 -10.74 22.44
C CYS A 77 11.14 -10.73 21.58
N GLY A 78 11.36 -10.80 20.25
CA GLY A 78 10.33 -10.90 19.20
C GLY A 78 9.13 -11.80 19.47
N LYS A 79 8.20 -11.30 20.30
CA LYS A 79 6.90 -11.91 20.56
C LYS A 79 6.01 -11.87 19.30
N LYS A 80 6.33 -10.93 18.36
CA LYS A 80 5.67 -10.77 17.05
C LYS A 80 4.26 -10.22 17.25
N PHE A 81 4.09 -8.92 16.98
CA PHE A 81 2.88 -8.17 17.37
C PHE A 81 2.01 -7.85 16.16
N GLU A 82 0.73 -7.54 16.44
CA GLU A 82 -0.28 -7.13 15.44
C GLU A 82 0.13 -5.86 14.67
N LYS A 83 0.75 -4.90 15.40
CA LYS A 83 1.20 -3.63 14.83
C LYS A 83 2.14 -2.90 15.79
N LYS A 84 2.71 -1.80 15.27
CA LYS A 84 3.77 -0.99 15.92
C LYS A 84 3.35 -0.50 17.32
N ASP A 85 2.06 -0.19 17.48
CA ASP A 85 1.49 0.28 18.76
C ASP A 85 1.80 -0.70 19.91
N SER A 86 1.59 -2.00 19.64
CA SER A 86 1.83 -3.07 20.63
C SER A 86 3.34 -3.25 20.91
N VAL A 87 4.18 -2.97 19.90
CA VAL A 87 5.65 -3.19 19.96
C VAL A 87 6.30 -2.13 20.86
N VAL A 88 5.86 -0.89 20.64
CA VAL A 88 6.34 0.32 21.33
C VAL A 88 5.85 0.32 22.78
N ALA A 89 4.58 -0.16 22.95
CA ALA A 89 3.97 -0.32 24.27
C ALA A 89 4.68 -1.42 25.05
N HIS A 90 5.06 -2.50 24.33
CA HIS A 90 5.73 -3.67 24.92
C HIS A 90 7.12 -3.32 25.45
N LYS A 91 7.94 -2.65 24.61
CA LYS A 91 9.39 -2.46 24.87
C LYS A 91 9.58 -1.45 26.03
N ALA A 92 8.74 -0.42 26.02
CA ALA A 92 8.77 0.63 27.05
C ALA A 92 8.41 0.09 28.46
N LYS A 93 7.67 -1.04 28.49
CA LYS A 93 7.22 -1.66 29.78
C LYS A 93 8.12 -2.84 30.17
N SER A 94 8.44 -3.68 29.19
CA SER A 94 9.18 -4.94 29.38
C SER A 94 10.69 -4.69 29.45
N HIS A 95 11.16 -3.59 28.82
CA HIS A 95 12.60 -3.29 28.72
C HIS A 95 12.90 -1.79 29.01
N PRO A 96 12.58 -1.26 30.26
CA PRO A 96 13.16 0.02 30.72
C PRO A 96 14.66 -0.18 31.14
N GLU A 97 14.98 -1.43 31.50
CA GLU A 97 16.32 -1.91 31.76
C GLU A 97 16.56 -3.13 30.86
N VAL A 98 17.23 -2.88 29.73
CA VAL A 98 17.65 -3.91 28.77
C VAL A 98 19.16 -4.19 28.97
ZN ZN B . 5.37 16.96 0.78
ZN ZN C . -0.45 -2.50 6.59
ZN ZN D . 10.60 -7.74 24.25
N HIS A 10 4.89 27.12 -19.02
CA HIS A 10 5.25 25.71 -19.32
C HIS A 10 5.40 24.94 -18.01
N MET A 11 4.63 23.83 -17.88
CA MET A 11 4.64 22.98 -16.69
C MET A 11 4.11 21.58 -17.05
N ARG A 12 4.77 20.55 -16.50
CA ARG A 12 4.35 19.14 -16.63
C ARG A 12 4.86 18.35 -15.43
N ASP A 13 5.02 19.06 -14.32
CA ASP A 13 5.69 18.58 -13.11
C ASP A 13 5.07 19.28 -11.88
N TYR A 14 4.16 18.55 -11.27
CA TYR A 14 3.50 18.91 -10.02
C TYR A 14 4.45 18.68 -8.84
N ILE A 15 4.73 19.77 -8.11
CA ILE A 15 5.72 19.77 -7.03
C ILE A 15 4.97 19.79 -5.68
N CYS A 16 5.58 19.18 -4.65
CA CYS A 16 5.02 19.19 -3.28
C CYS A 16 5.40 20.46 -2.56
N GLU A 17 4.67 20.69 -1.48
CA GLU A 17 4.77 21.88 -0.64
C GLU A 17 6.20 22.03 -0.06
N TYR A 18 6.86 20.88 0.19
CA TYR A 18 8.20 20.86 0.80
C TYR A 18 9.07 19.80 0.10
N CYS A 19 8.49 18.59 -0.03
CA CYS A 19 9.23 17.39 -0.47
C CYS A 19 8.59 16.69 -1.70
N ALA A 20 8.72 17.33 -2.88
CA ALA A 20 8.78 16.61 -4.18
C ALA A 20 9.78 17.25 -5.15
N ARG A 21 10.58 16.39 -5.79
CA ARG A 21 11.42 16.79 -6.93
C ARG A 21 10.52 17.12 -8.15
N ALA A 22 9.71 16.14 -8.63
CA ALA A 22 8.66 16.36 -9.64
C ALA A 22 7.80 15.10 -9.84
N PHE A 23 6.47 15.29 -9.86
CA PHE A 23 5.51 14.25 -10.28
C PHE A 23 4.82 14.72 -11.56
N LYS A 24 4.76 13.88 -12.59
CA LYS A 24 4.09 14.24 -13.87
C LYS A 24 2.55 14.08 -13.77
N SER A 25 2.05 13.73 -12.57
CA SER A 25 0.61 13.58 -12.29
C SER A 25 0.28 14.22 -10.93
N SER A 26 -0.82 14.98 -10.90
CA SER A 26 -1.35 15.63 -9.68
C SER A 26 -1.92 14.58 -8.69
N HIS A 27 -2.41 13.44 -9.23
CA HIS A 27 -2.92 12.31 -8.43
C HIS A 27 -1.78 11.71 -7.58
N ASN A 28 -0.59 11.54 -8.19
CA ASN A 28 0.63 11.02 -7.52
C ASN A 28 0.98 11.85 -6.27
N LEU A 29 1.02 13.16 -6.49
CA LEU A 29 1.36 14.15 -5.48
C LEU A 29 0.26 14.24 -4.39
N ALA A 30 -1.02 14.05 -4.78
CA ALA A 30 -2.16 14.04 -3.83
C ALA A 30 -2.07 12.82 -2.87
N VAL A 31 -1.74 11.65 -3.45
CA VAL A 31 -1.50 10.40 -2.70
C VAL A 31 -0.27 10.53 -1.78
N HIS A 32 0.74 11.25 -2.28
CA HIS A 32 1.96 11.60 -1.52
C HIS A 32 1.61 12.54 -0.35
N ARG A 33 0.71 13.50 -0.61
CA ARG A 33 0.34 14.57 0.34
C ARG A 33 -0.59 14.02 1.48
N MET A 34 -0.73 12.67 1.52
CA MET A 34 -1.36 11.91 2.64
C MET A 34 -0.83 12.30 4.05
N ILE A 35 0.42 12.76 4.06
CA ILE A 35 1.16 13.11 5.27
C ILE A 35 0.87 14.59 5.66
N HIS A 36 0.57 15.44 4.65
CA HIS A 36 0.52 16.91 4.84
C HIS A 36 -0.91 17.49 5.02
N THR A 37 -1.78 17.29 4.01
CA THR A 37 -2.88 18.25 3.71
C THR A 37 -4.30 17.81 4.15
N GLY A 38 -4.45 16.94 5.16
CA GLY A 38 -5.80 16.53 5.59
C GLY A 38 -6.49 15.57 4.63
N GLU A 39 -5.72 14.59 4.15
CA GLU A 39 -6.07 13.74 3.01
C GLU A 39 -5.49 12.35 3.25
N LYS A 40 -6.35 11.36 3.41
CA LYS A 40 -5.96 9.93 3.38
C LYS A 40 -6.56 9.29 2.13
N PRO A 41 -5.80 9.22 0.99
CA PRO A 41 -6.31 8.74 -0.32
C PRO A 41 -6.85 7.29 -0.24
N LEU A 42 -5.94 6.33 0.01
CA LEU A 42 -6.24 4.91 0.19
C LEU A 42 -5.23 4.37 1.21
N GLN A 43 -5.58 4.41 2.50
CA GLN A 43 -4.62 4.15 3.60
C GLN A 43 -5.24 3.25 4.69
N CYS A 44 -4.43 2.27 5.13
CA CYS A 44 -4.72 1.40 6.29
C CYS A 44 -4.59 2.20 7.58
N GLU A 45 -5.73 2.56 8.19
CA GLU A 45 -5.78 3.27 9.47
C GLU A 45 -5.90 2.26 10.64
N ILE A 46 -5.02 1.26 10.61
CA ILE A 46 -4.79 0.32 11.71
C ILE A 46 -3.36 0.58 12.18
N CYS A 47 -2.42 0.49 11.23
CA CYS A 47 -1.02 0.79 11.45
C CYS A 47 -0.77 2.05 10.62
N GLY A 48 0.02 1.96 9.58
CA GLY A 48 -0.07 2.83 8.41
C GLY A 48 0.37 2.03 7.18
N PHE A 49 -0.09 2.38 5.96
CA PHE A 49 0.15 1.62 4.73
C PHE A 49 -0.71 2.29 3.66
N THR A 50 -0.11 2.90 2.65
CA THR A 50 -0.84 3.62 1.61
C THR A 50 -0.36 3.13 0.25
N CYS A 51 -1.31 2.94 -0.63
CA CYS A 51 -1.08 2.46 -1.99
C CYS A 51 -1.89 3.25 -3.01
N ARG A 52 -1.53 3.05 -4.28
CA ARG A 52 -2.21 3.64 -5.43
C ARG A 52 -3.60 3.01 -5.61
N GLN A 53 -3.70 1.71 -5.29
CA GLN A 53 -4.96 0.95 -5.38
C GLN A 53 -5.33 0.37 -4.00
N LYS A 54 -6.62 0.53 -3.63
CA LYS A 54 -7.17 -0.05 -2.39
C LYS A 54 -7.05 -1.59 -2.38
N ALA A 55 -6.90 -2.18 -3.59
CA ALA A 55 -6.68 -3.63 -3.80
C ALA A 55 -5.50 -4.19 -2.96
N SER A 56 -4.52 -3.31 -2.64
CA SER A 56 -3.37 -3.65 -1.77
C SER A 56 -3.76 -3.66 -0.26
N LEU A 57 -4.32 -2.54 0.24
CA LEU A 57 -4.56 -2.34 1.70
C LEU A 57 -5.79 -3.14 2.22
N ASN A 58 -6.83 -3.28 1.39
CA ASN A 58 -8.09 -3.99 1.79
C ASN A 58 -7.87 -5.44 2.29
N TRP A 59 -6.93 -6.18 1.69
CA TRP A 59 -6.53 -7.53 2.22
C TRP A 59 -5.45 -7.39 3.31
N HIS A 60 -4.54 -6.42 3.14
CA HIS A 60 -3.54 -6.05 4.19
C HIS A 60 -4.17 -5.83 5.62
N MET A 61 -5.42 -5.34 5.74
CA MET A 61 -6.12 -5.32 7.06
C MET A 61 -6.50 -6.74 7.56
N LYS A 62 -6.79 -7.67 6.62
CA LYS A 62 -6.94 -9.12 6.93
C LYS A 62 -5.66 -9.70 7.58
N LYS A 63 -4.49 -9.12 7.24
CA LYS A 63 -3.20 -9.50 7.85
C LYS A 63 -3.20 -9.18 9.37
N HIS A 64 -3.82 -8.06 9.73
CA HIS A 64 -3.97 -7.64 11.15
C HIS A 64 -4.98 -8.53 11.87
N ASP A 65 -5.89 -9.13 11.09
CA ASP A 65 -6.93 -10.04 11.58
C ASP A 65 -6.35 -11.46 11.72
N ALA A 66 -5.27 -11.73 10.95
CA ALA A 66 -4.69 -13.08 10.76
C ALA A 66 -3.35 -13.24 11.52
N ASP A 67 -2.86 -12.15 12.13
CA ASP A 67 -1.65 -12.18 12.96
C ASP A 67 -2.03 -12.07 14.44
N SER A 68 -3.27 -11.61 14.71
CA SER A 68 -3.76 -11.39 16.08
C SER A 68 -4.46 -12.65 16.63
N PHE A 69 -5.65 -13.01 16.08
CA PHE A 69 -6.47 -14.13 16.61
C PHE A 69 -7.06 -15.03 15.51
N TYR A 70 -7.60 -14.42 14.44
CA TYR A 70 -8.26 -15.18 13.35
C TYR A 70 -7.19 -15.53 12.30
N GLN A 71 -6.26 -16.38 12.73
CA GLN A 71 -5.01 -16.73 12.01
C GLN A 71 -5.30 -17.21 10.59
N PHE A 72 -6.13 -18.25 10.48
CA PHE A 72 -6.55 -18.84 9.22
C PHE A 72 -8.03 -19.17 9.34
N SER A 73 -8.76 -18.88 8.28
CA SER A 73 -10.21 -19.01 8.20
C SER A 73 -10.57 -19.99 7.08
N CYS A 74 -11.56 -20.84 7.35
CA CYS A 74 -12.16 -21.68 6.32
C CYS A 74 -13.27 -20.85 5.69
N ASN A 75 -13.05 -20.34 4.47
CA ASN A 75 -13.99 -19.40 3.79
C ASN A 75 -15.41 -19.98 3.61
N ILE A 76 -15.60 -21.29 3.89
CA ILE A 76 -16.91 -21.97 3.80
C ILE A 76 -17.65 -21.99 5.16
N CYS A 77 -16.97 -22.38 6.28
CA CYS A 77 -17.67 -22.57 7.59
C CYS A 77 -16.96 -21.88 8.77
N GLY A 78 -15.89 -21.13 8.48
CA GLY A 78 -15.15 -20.34 9.47
C GLY A 78 -14.63 -21.16 10.65
N LYS A 79 -14.24 -22.43 10.37
CA LYS A 79 -13.83 -23.38 11.41
C LYS A 79 -12.53 -22.93 12.13
N LYS A 80 -11.66 -22.18 11.41
CA LYS A 80 -10.44 -21.53 11.96
C LYS A 80 -9.37 -22.57 12.29
N PHE A 81 -8.23 -22.50 11.61
CA PHE A 81 -7.09 -23.45 11.82
C PHE A 81 -5.78 -22.71 12.08
N GLU A 82 -4.83 -23.44 12.68
CA GLU A 82 -3.47 -22.95 12.97
C GLU A 82 -2.68 -22.64 11.69
N LYS A 83 -2.84 -23.49 10.66
CA LYS A 83 -2.12 -23.37 9.40
C LYS A 83 -3.07 -23.63 8.23
N LYS A 84 -2.70 -23.04 7.08
CA LYS A 84 -3.42 -23.18 5.81
C LYS A 84 -3.49 -24.64 5.36
N ASP A 85 -2.45 -25.43 5.71
CA ASP A 85 -2.40 -26.89 5.45
C ASP A 85 -3.62 -27.60 6.06
N SER A 86 -3.94 -27.23 7.32
CA SER A 86 -5.09 -27.80 8.04
C SER A 86 -6.43 -27.35 7.42
N VAL A 87 -6.46 -26.13 6.83
CA VAL A 87 -7.69 -25.53 6.24
C VAL A 87 -8.05 -26.22 4.91
N VAL A 88 -7.02 -26.35 4.07
CA VAL A 88 -7.13 -26.85 2.69
C VAL A 88 -7.35 -28.37 2.71
N ALA A 89 -6.71 -29.04 3.70
CA ALA A 89 -6.92 -30.47 3.96
C ALA A 89 -8.37 -30.70 4.40
N HIS A 90 -8.87 -29.77 5.24
CA HIS A 90 -10.25 -29.80 5.76
C HIS A 90 -11.27 -29.43 4.67
N LYS A 91 -10.91 -28.51 3.77
CA LYS A 91 -11.82 -28.01 2.73
C LYS A 91 -12.02 -29.07 1.65
N ALA A 92 -10.93 -29.80 1.38
CA ALA A 92 -10.91 -30.93 0.44
C ALA A 92 -11.85 -32.05 0.92
N LYS A 93 -11.86 -32.28 2.25
CA LYS A 93 -12.52 -33.46 2.85
C LYS A 93 -13.95 -33.15 3.36
N SER A 94 -14.10 -32.03 4.10
CA SER A 94 -15.34 -31.65 4.77
C SER A 94 -16.32 -31.01 3.77
N HIS A 95 -15.78 -30.51 2.64
CA HIS A 95 -16.57 -29.79 1.62
C HIS A 95 -16.11 -30.25 0.20
N PRO A 96 -16.37 -31.55 -0.22
CA PRO A 96 -16.17 -32.03 -1.62
C PRO A 96 -16.69 -31.04 -2.69
N GLU A 97 -17.79 -30.37 -2.38
CA GLU A 97 -18.38 -29.30 -3.16
C GLU A 97 -18.14 -28.00 -2.37
N VAL A 98 -17.09 -27.29 -2.78
CA VAL A 98 -16.78 -25.93 -2.27
C VAL A 98 -17.89 -24.94 -2.68
ZN ZN B . 5.74 16.11 0.58
ZN ZN C . -1.83 -2.06 8.32
ZN ZN D . -14.95 -25.75 6.66
N HIS A 10 7.31 23.79 -14.79
CA HIS A 10 5.89 24.11 -15.02
C HIS A 10 5.49 23.77 -16.47
N MET A 11 4.97 22.54 -16.67
CA MET A 11 4.39 22.08 -17.96
C MET A 11 3.65 20.75 -17.75
N ARG A 12 4.31 19.82 -17.05
CA ARG A 12 3.78 18.47 -16.73
C ARG A 12 4.43 17.98 -15.42
N ASP A 13 4.78 18.95 -14.58
CA ASP A 13 5.65 18.76 -13.42
C ASP A 13 5.16 19.65 -12.27
N TYR A 14 4.35 19.00 -11.43
CA TYR A 14 3.64 19.63 -10.30
C TYR A 14 4.39 19.36 -9.01
N ILE A 15 4.57 20.41 -8.20
CA ILE A 15 5.49 20.42 -7.06
C ILE A 15 4.70 20.58 -5.76
N CYS A 16 5.23 19.99 -4.68
CA CYS A 16 4.67 20.14 -3.31
C CYS A 16 5.22 21.43 -2.65
N GLU A 17 6.36 21.92 -3.20
CA GLU A 17 7.00 23.23 -2.88
C GLU A 17 7.93 23.14 -1.63
N TYR A 18 7.97 21.94 -1.01
CA TYR A 18 8.83 21.66 0.15
C TYR A 18 9.48 20.29 -0.03
N CYS A 19 8.61 19.31 -0.36
CA CYS A 19 9.00 17.90 -0.57
C CYS A 19 8.32 17.31 -1.81
N ALA A 20 8.85 17.67 -2.98
CA ALA A 20 8.60 16.97 -4.27
C ALA A 20 9.55 17.52 -5.34
N ARG A 21 10.29 16.63 -6.04
CA ARG A 21 11.08 17.05 -7.21
C ARG A 21 10.10 17.43 -8.35
N ALA A 22 9.23 16.48 -8.75
CA ALA A 22 8.03 16.76 -9.56
C ALA A 22 7.19 15.47 -9.69
N PHE A 23 5.88 15.66 -9.88
CA PHE A 23 4.94 14.58 -10.21
C PHE A 23 4.17 14.97 -11.48
N LYS A 24 3.72 13.98 -12.26
CA LYS A 24 3.02 14.23 -13.54
C LYS A 24 1.73 15.09 -13.37
N SER A 25 1.08 14.97 -12.20
CA SER A 25 -0.20 15.64 -11.93
C SER A 25 -0.28 16.11 -10.46
N SER A 26 -1.14 17.12 -10.23
CA SER A 26 -1.48 17.61 -8.87
C SER A 26 -2.07 16.47 -7.99
N HIS A 27 -2.85 15.57 -8.62
CA HIS A 27 -3.45 14.41 -7.94
C HIS A 27 -2.38 13.33 -7.65
N ASN A 28 -1.43 13.18 -8.59
CA ASN A 28 -0.27 12.28 -8.42
C ASN A 28 0.56 12.69 -7.19
N LEU A 29 0.84 14.01 -7.08
CA LEU A 29 1.52 14.61 -5.91
C LEU A 29 0.62 14.53 -4.65
N ALA A 30 -0.71 14.53 -4.87
CA ALA A 30 -1.71 14.33 -3.77
C ALA A 30 -1.58 12.93 -3.13
N VAL A 31 -1.10 11.94 -3.90
CA VAL A 31 -0.81 10.58 -3.38
C VAL A 31 0.39 10.63 -2.39
N HIS A 32 1.42 11.43 -2.73
CA HIS A 32 2.55 11.75 -1.82
C HIS A 32 2.04 12.57 -0.62
N ARG A 33 1.10 13.47 -0.91
CA ARG A 33 0.51 14.42 0.05
C ARG A 33 -0.38 13.71 1.09
N MET A 34 -0.40 12.36 1.07
CA MET A 34 -1.06 11.49 2.11
C MET A 34 -0.72 11.91 3.57
N ILE A 35 0.36 12.70 3.73
CA ILE A 35 0.79 13.30 4.99
C ILE A 35 0.06 14.67 5.22
N HIS A 36 0.10 15.60 4.23
CA HIS A 36 -0.43 17.01 4.38
C HIS A 36 -1.83 17.19 3.72
N THR A 37 -2.44 16.10 3.25
CA THR A 37 -3.59 16.14 2.30
C THR A 37 -4.82 16.92 2.83
N GLY A 38 -5.33 16.53 3.99
CA GLY A 38 -6.59 17.07 4.52
C GLY A 38 -7.82 16.34 3.95
N GLU A 39 -7.72 15.86 2.69
CA GLU A 39 -8.79 15.07 2.03
C GLU A 39 -8.64 13.57 2.36
N LYS A 40 -7.39 13.08 2.21
CA LYS A 40 -7.01 11.66 2.22
C LYS A 40 -7.51 10.92 0.96
N PRO A 41 -6.61 10.27 0.15
CA PRO A 41 -7.02 9.28 -0.85
C PRO A 41 -7.47 7.95 -0.17
N LEU A 42 -7.70 6.90 -0.95
CA LEU A 42 -8.16 5.61 -0.41
C LEU A 42 -6.93 4.76 -0.12
N GLN A 43 -6.52 4.75 1.16
CA GLN A 43 -5.22 4.24 1.61
C GLN A 43 -5.42 3.15 2.66
N CYS A 44 -4.75 2.01 2.46
CA CYS A 44 -4.65 0.94 3.45
C CYS A 44 -3.78 1.42 4.63
N GLU A 45 -4.45 1.68 5.77
CA GLU A 45 -3.81 2.18 7.01
C GLU A 45 -3.18 1.04 7.84
N ILE A 46 -2.76 -0.04 7.14
CA ILE A 46 -2.35 -1.32 7.75
C ILE A 46 -0.87 -1.60 7.37
N CYS A 47 -0.29 -0.70 6.54
CA CYS A 47 0.99 -0.85 5.86
C CYS A 47 1.13 0.46 5.07
N GLY A 48 1.28 0.39 3.77
CA GLY A 48 0.98 1.47 2.86
C GLY A 48 0.56 0.85 1.53
N PHE A 49 -0.51 1.31 0.86
CA PHE A 49 -1.04 0.70 -0.37
C PHE A 49 -2.22 1.61 -0.70
N THR A 50 -2.13 2.36 -1.78
CA THR A 50 -3.06 3.46 -2.03
C THR A 50 -3.64 3.31 -3.44
N CYS A 51 -4.89 3.71 -3.57
CA CYS A 51 -5.65 3.62 -4.82
C CYS A 51 -6.80 4.64 -4.79
N ARG A 52 -7.58 4.69 -5.87
CA ARG A 52 -8.84 5.44 -5.94
C ARG A 52 -10.04 4.47 -6.01
N GLN A 53 -9.73 3.16 -6.07
CA GLN A 53 -10.72 2.07 -5.98
C GLN A 53 -10.57 1.43 -4.59
N LYS A 54 -11.52 1.74 -3.69
CA LYS A 54 -11.50 1.26 -2.28
C LYS A 54 -11.46 -0.28 -2.17
N ALA A 55 -12.10 -0.97 -3.13
CA ALA A 55 -12.09 -2.44 -3.23
C ALA A 55 -10.65 -3.01 -3.28
N SER A 56 -9.76 -2.34 -4.04
CA SER A 56 -8.33 -2.74 -4.24
C SER A 56 -7.60 -2.98 -2.89
N LEU A 57 -7.66 -1.99 -2.01
CA LEU A 57 -7.06 -2.06 -0.67
C LEU A 57 -7.92 -2.87 0.31
N ASN A 58 -9.24 -2.86 0.11
CA ASN A 58 -10.20 -3.56 0.99
C ASN A 58 -9.99 -5.09 1.02
N TRP A 59 -9.75 -5.70 -0.15
CA TRP A 59 -9.56 -7.16 -0.25
C TRP A 59 -8.11 -7.49 0.14
N HIS A 60 -7.18 -6.60 -0.28
CA HIS A 60 -5.79 -6.54 0.22
C HIS A 60 -5.68 -6.51 1.78
N MET A 61 -6.67 -5.92 2.47
CA MET A 61 -6.76 -5.93 3.93
C MET A 61 -7.14 -7.34 4.46
N LYS A 62 -8.06 -8.01 3.76
CA LYS A 62 -8.36 -9.45 3.98
C LYS A 62 -7.08 -10.32 3.77
N LYS A 63 -6.24 -9.88 2.83
CA LYS A 63 -4.92 -10.50 2.58
C LYS A 63 -3.99 -10.34 3.79
N HIS A 64 -4.15 -9.26 4.58
CA HIS A 64 -3.40 -9.09 5.87
C HIS A 64 -3.90 -10.07 6.96
N ASP A 65 -5.03 -10.73 6.70
CA ASP A 65 -5.62 -11.74 7.60
C ASP A 65 -5.30 -13.15 7.04
N ALA A 66 -4.93 -13.19 5.74
CA ALA A 66 -4.75 -14.43 4.98
C ALA A 66 -3.26 -14.84 4.94
N ASP A 67 -2.37 -13.85 4.68
CA ASP A 67 -0.95 -14.14 4.35
C ASP A 67 -0.12 -14.57 5.58
N SER A 68 -0.77 -14.68 6.75
CA SER A 68 -0.13 -15.09 8.00
C SER A 68 0.02 -16.63 8.03
N PHE A 69 -1.13 -17.35 8.05
CA PHE A 69 -1.16 -18.84 8.12
C PHE A 69 -2.20 -19.44 7.16
N TYR A 70 -3.27 -18.69 6.86
CA TYR A 70 -4.44 -19.20 6.11
C TYR A 70 -4.57 -18.48 4.78
N GLN A 71 -3.61 -18.72 3.88
CA GLN A 71 -3.47 -17.98 2.61
C GLN A 71 -4.51 -18.43 1.56
N PHE A 72 -5.21 -19.53 1.85
CA PHE A 72 -6.29 -20.05 0.99
C PHE A 72 -7.59 -20.02 1.80
N SER A 73 -8.69 -19.99 1.08
CA SER A 73 -10.04 -19.90 1.62
C SER A 73 -11.02 -20.43 0.59
N CYS A 74 -11.80 -21.42 1.00
CA CYS A 74 -12.94 -21.88 0.21
C CYS A 74 -14.00 -20.77 0.28
N ASN A 75 -14.29 -20.13 -0.86
CA ASN A 75 -15.17 -18.95 -0.90
C ASN A 75 -16.60 -19.24 -0.38
N ILE A 76 -16.96 -20.53 -0.24
CA ILE A 76 -18.33 -20.93 0.16
C ILE A 76 -18.42 -21.39 1.64
N CYS A 77 -17.35 -21.99 2.24
CA CYS A 77 -17.42 -22.48 3.66
C CYS A 77 -16.17 -22.14 4.48
N GLY A 78 -15.14 -21.55 3.84
CA GLY A 78 -13.93 -21.10 4.54
C GLY A 78 -13.18 -22.23 5.23
N LYS A 79 -13.22 -23.42 4.61
CA LYS A 79 -12.63 -24.65 5.14
C LYS A 79 -11.07 -24.57 5.22
N LYS A 80 -10.43 -23.87 4.23
CA LYS A 80 -8.95 -23.76 4.10
C LYS A 80 -8.35 -25.08 3.59
N PHE A 81 -7.69 -25.02 2.44
CA PHE A 81 -6.95 -26.15 1.85
C PHE A 81 -5.52 -25.72 1.49
N GLU A 82 -4.64 -26.70 1.28
CA GLU A 82 -3.23 -26.47 0.97
C GLU A 82 -3.03 -25.91 -0.45
N LYS A 83 -3.95 -26.24 -1.37
CA LYS A 83 -3.91 -25.76 -2.75
C LYS A 83 -5.34 -25.52 -3.23
N LYS A 84 -5.48 -24.57 -4.16
CA LYS A 84 -6.77 -24.16 -4.71
C LYS A 84 -7.45 -25.27 -5.53
N ASP A 85 -6.67 -26.22 -6.09
CA ASP A 85 -7.27 -27.37 -6.80
C ASP A 85 -7.96 -28.30 -5.80
N SER A 86 -7.47 -28.32 -4.54
CA SER A 86 -8.15 -29.04 -3.44
C SER A 86 -9.50 -28.36 -3.10
N VAL A 87 -9.55 -27.03 -3.28
CA VAL A 87 -10.74 -26.20 -2.97
C VAL A 87 -11.82 -26.40 -4.04
N VAL A 88 -11.37 -26.31 -5.30
CA VAL A 88 -12.22 -26.34 -6.50
C VAL A 88 -12.74 -27.76 -6.75
N ALA A 89 -11.88 -28.77 -6.43
CA ALA A 89 -12.27 -30.19 -6.48
C ALA A 89 -13.35 -30.44 -5.41
N HIS A 90 -13.13 -29.85 -4.24
CA HIS A 90 -14.05 -29.94 -3.09
C HIS A 90 -15.34 -29.13 -3.35
N LYS A 91 -15.23 -28.06 -4.13
CA LYS A 91 -16.34 -27.12 -4.44
C LYS A 91 -17.34 -27.81 -5.38
N ALA A 92 -16.78 -28.54 -6.35
CA ALA A 92 -17.54 -29.29 -7.35
C ALA A 92 -18.29 -30.50 -6.72
N LYS A 93 -17.85 -30.93 -5.53
CA LYS A 93 -18.40 -32.12 -4.83
C LYS A 93 -19.30 -31.74 -3.64
N SER A 94 -18.87 -30.74 -2.86
CA SER A 94 -19.52 -30.34 -1.59
C SER A 94 -20.53 -29.22 -1.82
N HIS A 95 -20.36 -28.45 -2.91
CA HIS A 95 -21.18 -27.25 -3.21
C HIS A 95 -21.74 -27.23 -4.68
N PRO A 96 -22.28 -28.35 -5.28
CA PRO A 96 -22.97 -28.28 -6.62
C PRO A 96 -24.20 -27.36 -6.57
N GLU A 97 -24.90 -27.35 -5.42
CA GLU A 97 -26.08 -26.53 -5.18
C GLU A 97 -25.75 -25.49 -4.11
N VAL A 98 -25.41 -24.28 -4.55
CA VAL A 98 -25.19 -23.10 -3.70
C VAL A 98 -26.44 -22.18 -3.76
ZN ZN B . 5.06 17.06 0.58
ZN ZN C . -1.95 -3.16 3.35
ZN ZN D . -16.18 -25.51 0.86
N HIS A 10 5.15 23.38 -13.50
CA HIS A 10 4.75 24.50 -14.37
C HIS A 10 3.65 24.04 -15.35
N MET A 11 3.80 22.81 -15.88
CA MET A 11 2.85 22.25 -16.87
C MET A 11 2.87 20.71 -16.83
N ARG A 12 4.01 20.12 -17.22
CA ARG A 12 4.21 18.65 -17.28
C ARG A 12 5.13 18.22 -16.11
N ASP A 13 5.01 18.98 -15.02
CA ASP A 13 5.91 18.96 -13.88
C ASP A 13 5.20 19.67 -12.72
N TYR A 14 4.90 18.89 -11.68
CA TYR A 14 4.18 19.37 -10.49
C TYR A 14 5.00 19.15 -9.24
N ILE A 15 5.28 20.26 -8.55
CA ILE A 15 6.11 20.27 -7.36
C ILE A 15 5.21 20.35 -6.13
N CYS A 16 5.15 19.24 -5.36
CA CYS A 16 4.73 19.31 -3.94
C CYS A 16 5.73 20.19 -3.21
N GLU A 17 5.40 21.50 -3.17
CA GLU A 17 6.08 22.62 -2.45
C GLU A 17 7.53 22.37 -1.99
N TYR A 18 7.71 21.35 -1.16
CA TYR A 18 8.96 21.15 -0.38
C TYR A 18 9.62 19.80 -0.69
N CYS A 19 8.79 18.78 -0.86
CA CYS A 19 9.25 17.37 -0.94
C CYS A 19 9.52 16.89 -2.39
N ALA A 20 8.90 17.55 -3.39
CA ALA A 20 8.93 17.04 -4.79
C ALA A 20 10.13 17.57 -5.58
N ARG A 21 10.88 16.61 -6.15
CA ARG A 21 11.83 16.86 -7.23
C ARG A 21 11.05 17.22 -8.53
N ALA A 22 10.07 16.36 -8.91
CA ALA A 22 8.96 16.68 -9.85
C ALA A 22 8.04 15.46 -9.96
N PHE A 23 6.72 15.69 -9.95
CA PHE A 23 5.72 14.66 -10.23
C PHE A 23 5.16 14.87 -11.64
N LYS A 24 4.72 13.77 -12.25
CA LYS A 24 4.10 13.78 -13.57
C LYS A 24 2.78 14.59 -13.55
N SER A 25 2.03 14.52 -12.43
CA SER A 25 0.66 15.04 -12.34
C SER A 25 0.33 15.60 -10.93
N SER A 26 -0.62 16.54 -10.91
CA SER A 26 -1.15 17.18 -9.68
C SER A 26 -1.80 16.15 -8.72
N HIS A 27 -2.63 15.26 -9.30
CA HIS A 27 -3.30 14.18 -8.53
C HIS A 27 -2.28 13.14 -8.03
N ASN A 28 -1.25 12.87 -8.86
CA ASN A 28 -0.16 11.93 -8.52
C ASN A 28 0.53 12.32 -7.19
N LEU A 29 0.93 13.61 -7.12
CA LEU A 29 1.55 14.21 -5.92
C LEU A 29 0.57 14.20 -4.73
N ALA A 30 -0.72 14.43 -5.04
CA ALA A 30 -1.80 14.51 -4.03
C ALA A 30 -1.95 13.20 -3.21
N VAL A 31 -1.61 12.05 -3.85
CA VAL A 31 -1.61 10.73 -3.19
C VAL A 31 -0.56 10.67 -2.05
N HIS A 32 0.67 11.17 -2.34
CA HIS A 32 1.77 11.24 -1.36
C HIS A 32 1.46 12.34 -0.31
N ARG A 33 0.82 13.41 -0.80
CA ARG A 33 0.49 14.63 -0.04
C ARG A 33 -0.47 14.34 1.14
N MET A 34 -1.01 13.08 1.22
CA MET A 34 -1.99 12.61 2.26
C MET A 34 -1.67 12.98 3.76
N ILE A 35 -0.44 13.45 4.00
CA ILE A 35 -0.01 13.98 5.30
C ILE A 35 -0.43 15.50 5.39
N HIS A 36 -0.03 16.28 4.37
CA HIS A 36 -0.25 17.76 4.29
C HIS A 36 -1.43 18.13 3.36
N THR A 37 -2.27 17.13 3.00
CA THR A 37 -3.06 17.14 1.75
C THR A 37 -4.03 18.35 1.56
N GLY A 38 -5.13 18.43 2.33
CA GLY A 38 -6.20 19.41 2.04
C GLY A 38 -6.82 19.16 0.66
N GLU A 39 -6.84 17.87 0.30
CA GLU A 39 -7.24 17.33 -1.02
C GLU A 39 -7.90 15.97 -0.78
N LYS A 40 -7.25 15.21 0.15
CA LYS A 40 -7.71 13.92 0.69
C LYS A 40 -7.83 12.84 -0.41
N PRO A 41 -6.79 11.96 -0.59
CA PRO A 41 -6.95 10.67 -1.30
C PRO A 41 -7.66 9.64 -0.39
N LEU A 42 -7.76 8.39 -0.83
CA LEU A 42 -8.50 7.33 -0.10
C LEU A 42 -7.56 6.19 0.26
N GLN A 43 -7.40 5.93 1.56
CA GLN A 43 -6.51 4.88 2.09
C GLN A 43 -7.35 3.83 2.82
N CYS A 44 -6.89 2.57 2.78
CA CYS A 44 -7.39 1.50 3.64
C CYS A 44 -7.04 1.79 5.10
N GLU A 45 -8.06 2.14 5.88
CA GLU A 45 -7.92 2.49 7.31
C GLU A 45 -7.72 1.24 8.21
N ILE A 46 -7.53 0.05 7.61
CA ILE A 46 -7.26 -1.19 8.34
C ILE A 46 -5.75 -1.29 8.54
N CYS A 47 -5.03 -1.25 7.41
CA CYS A 47 -3.59 -1.24 7.39
C CYS A 47 -3.24 0.08 6.69
N GLY A 48 -2.75 0.02 5.47
CA GLY A 48 -2.77 1.14 4.54
C GLY A 48 -2.89 0.60 3.12
N PHE A 49 -3.23 1.46 2.13
CA PHE A 49 -3.36 1.12 0.71
C PHE A 49 -4.08 2.32 0.11
N THR A 50 -3.40 3.09 -0.73
CA THR A 50 -3.88 4.41 -1.11
C THR A 50 -4.17 4.45 -2.61
N CYS A 51 -5.31 5.03 -2.93
CA CYS A 51 -5.83 5.15 -4.29
C CYS A 51 -6.70 6.39 -4.41
N ARG A 52 -6.96 6.79 -5.66
CA ARG A 52 -7.86 7.90 -5.99
C ARG A 52 -9.33 7.43 -5.96
N GLN A 53 -9.54 6.15 -6.30
CA GLN A 53 -10.87 5.54 -6.45
C GLN A 53 -11.17 4.66 -5.23
N LYS A 54 -12.33 4.90 -4.60
CA LYS A 54 -12.82 4.08 -3.46
C LYS A 54 -12.91 2.59 -3.82
N ALA A 55 -13.18 2.30 -5.12
CA ALA A 55 -13.34 0.93 -5.66
C ALA A 55 -12.12 0.03 -5.40
N SER A 56 -10.91 0.59 -5.61
CA SER A 56 -9.64 -0.15 -5.48
C SER A 56 -9.45 -0.71 -4.06
N LEU A 57 -9.54 0.17 -3.06
CA LEU A 57 -9.44 -0.18 -1.63
C LEU A 57 -10.72 -0.87 -1.11
N ASN A 58 -11.87 -0.63 -1.77
CA ASN A 58 -13.16 -1.30 -1.45
C ASN A 58 -13.04 -2.83 -1.41
N TRP A 59 -12.33 -3.40 -2.38
CA TRP A 59 -12.13 -4.85 -2.43
C TRP A 59 -11.02 -5.23 -1.45
N HIS A 60 -9.89 -4.50 -1.52
CA HIS A 60 -8.78 -4.64 -0.58
C HIS A 60 -9.20 -4.65 0.95
N MET A 61 -10.16 -3.81 1.37
CA MET A 61 -10.65 -3.86 2.78
C MET A 61 -11.48 -5.13 3.03
N LYS A 62 -12.25 -5.53 2.01
CA LYS A 62 -13.04 -6.78 2.02
C LYS A 62 -12.12 -8.04 2.04
N LYS A 63 -10.89 -7.88 1.51
CA LYS A 63 -9.85 -8.94 1.59
C LYS A 63 -9.50 -9.22 3.06
N HIS A 64 -9.52 -8.15 3.91
CA HIS A 64 -9.25 -8.27 5.36
C HIS A 64 -10.39 -9.02 6.09
N ASP A 65 -11.54 -9.14 5.44
CA ASP A 65 -12.71 -9.86 5.99
C ASP A 65 -12.54 -11.38 5.78
N ALA A 66 -11.76 -11.75 4.75
CA ALA A 66 -11.62 -13.14 4.28
C ALA A 66 -10.26 -13.75 4.64
N ASP A 67 -9.20 -12.92 4.66
CA ASP A 67 -7.79 -13.40 4.53
C ASP A 67 -7.32 -14.25 5.73
N SER A 68 -7.99 -14.06 6.87
CA SER A 68 -7.62 -14.66 8.15
C SER A 68 -7.79 -16.20 8.13
N PHE A 69 -8.99 -16.68 7.76
CA PHE A 69 -9.33 -18.13 7.74
C PHE A 69 -10.09 -18.49 6.47
N TYR A 70 -11.07 -17.64 6.10
CA TYR A 70 -12.00 -17.90 4.99
C TYR A 70 -11.53 -17.16 3.75
N GLN A 71 -10.29 -17.47 3.31
CA GLN A 71 -9.55 -16.69 2.27
C GLN A 71 -10.30 -16.70 0.92
N PHE A 72 -11.28 -17.62 0.79
CA PHE A 72 -12.17 -17.73 -0.35
C PHE A 72 -13.60 -17.91 0.18
N SER A 73 -14.54 -17.28 -0.51
CA SER A 73 -15.96 -17.24 -0.13
C SER A 73 -16.82 -17.65 -1.33
N CYS A 74 -18.11 -17.87 -1.10
CA CYS A 74 -19.06 -18.19 -2.16
C CYS A 74 -20.19 -17.16 -2.08
N ASN A 75 -20.13 -16.09 -2.89
CA ASN A 75 -21.05 -14.91 -2.76
C ASN A 75 -22.56 -15.25 -2.80
N ILE A 76 -22.91 -16.48 -3.26
CA ILE A 76 -24.32 -16.90 -3.42
C ILE A 76 -24.88 -17.50 -2.11
N CYS A 77 -24.00 -18.01 -1.21
CA CYS A 77 -24.45 -18.60 0.09
C CYS A 77 -23.44 -18.39 1.25
N GLY A 78 -22.34 -17.64 0.98
CA GLY A 78 -21.26 -17.39 1.95
C GLY A 78 -20.67 -18.63 2.59
N LYS A 79 -20.54 -19.71 1.79
CA LYS A 79 -20.14 -21.03 2.29
C LYS A 79 -18.69 -21.04 2.80
N LYS A 80 -17.79 -20.29 2.10
CA LYS A 80 -16.37 -20.10 2.46
C LYS A 80 -15.58 -21.39 2.21
N PHE A 81 -14.61 -21.34 1.30
CA PHE A 81 -13.77 -22.52 0.96
C PHE A 81 -12.28 -22.24 1.11
N GLU A 82 -11.49 -23.34 1.12
CA GLU A 82 -10.03 -23.32 1.18
C GLU A 82 -9.43 -22.65 -0.07
N LYS A 83 -10.02 -22.94 -1.24
CA LYS A 83 -9.54 -22.43 -2.53
C LYS A 83 -10.72 -22.17 -3.46
N LYS A 84 -10.51 -21.26 -4.44
CA LYS A 84 -11.55 -20.86 -5.42
C LYS A 84 -11.96 -22.04 -6.32
N ASP A 85 -11.06 -23.02 -6.48
CA ASP A 85 -11.37 -24.30 -7.15
C ASP A 85 -12.56 -25.00 -6.47
N SER A 86 -12.51 -25.05 -5.13
CA SER A 86 -13.56 -25.67 -4.32
C SER A 86 -14.88 -24.88 -4.41
N VAL A 87 -14.79 -23.54 -4.62
CA VAL A 87 -15.96 -22.63 -4.67
C VAL A 87 -16.72 -22.83 -5.98
N VAL A 88 -15.97 -22.82 -7.08
CA VAL A 88 -16.48 -22.86 -8.47
C VAL A 88 -17.03 -24.26 -8.75
N ALA A 89 -16.34 -25.26 -8.17
CA ALA A 89 -16.76 -26.67 -8.23
C ALA A 89 -18.11 -26.84 -7.53
N HIS A 90 -18.22 -26.20 -6.35
CA HIS A 90 -19.44 -26.26 -5.51
C HIS A 90 -20.59 -25.43 -6.11
N LYS A 91 -20.23 -24.30 -6.75
CA LYS A 91 -21.19 -23.28 -7.25
C LYS A 91 -21.96 -23.85 -8.43
N ALA A 92 -21.23 -24.60 -9.26
CA ALA A 92 -21.80 -25.26 -10.43
C ALA A 92 -22.81 -26.36 -10.03
N LYS A 93 -22.68 -26.88 -8.79
CA LYS A 93 -23.56 -27.96 -8.28
C LYS A 93 -24.78 -27.39 -7.56
N SER A 94 -24.48 -26.47 -6.63
CA SER A 94 -25.43 -25.94 -5.65
C SER A 94 -26.25 -24.77 -6.22
N HIS A 95 -25.69 -24.08 -7.25
CA HIS A 95 -26.28 -22.83 -7.79
C HIS A 95 -26.35 -22.86 -9.35
N PRO A 96 -27.08 -23.86 -9.99
CA PRO A 96 -27.37 -23.81 -11.44
C PRO A 96 -28.41 -22.72 -11.77
N GLU A 97 -29.33 -22.48 -10.82
CA GLU A 97 -30.36 -21.47 -10.89
C GLU A 97 -30.31 -20.65 -9.59
N VAL A 98 -29.65 -19.51 -9.69
CA VAL A 98 -29.48 -18.55 -8.59
C VAL A 98 -30.84 -17.87 -8.27
ZN ZN B . 4.66 16.53 -0.08
ZN ZN C . -5.43 -3.01 3.99
ZN ZN D . -22.49 -21.60 -2.49
N HIS A 10 2.05 26.03 -15.05
CA HIS A 10 3.26 25.18 -15.14
C HIS A 10 2.81 23.70 -15.29
N MET A 11 2.58 23.29 -16.55
CA MET A 11 1.96 21.97 -16.88
C MET A 11 3.01 20.86 -17.11
N ARG A 12 4.19 21.03 -16.52
CA ARG A 12 5.30 20.07 -16.59
C ARG A 12 6.04 20.06 -15.24
N ASP A 13 6.29 18.86 -14.69
CA ASP A 13 6.95 18.63 -13.37
C ASP A 13 6.15 19.28 -12.22
N TYR A 14 5.31 18.46 -11.59
CA TYR A 14 4.41 18.88 -10.49
C TYR A 14 5.04 18.56 -9.14
N ILE A 15 5.41 19.61 -8.38
CA ILE A 15 6.27 19.48 -7.19
C ILE A 15 5.42 19.62 -5.91
N CYS A 16 5.91 19.08 -4.78
CA CYS A 16 5.27 19.26 -3.46
C CYS A 16 5.84 20.50 -2.72
N GLU A 17 6.61 21.33 -3.48
CA GLU A 17 7.10 22.66 -3.06
C GLU A 17 8.45 22.52 -2.33
N TYR A 18 8.59 21.47 -1.49
CA TYR A 18 9.85 21.17 -0.79
C TYR A 18 10.13 19.66 -0.84
N CYS A 19 9.15 18.86 -0.37
CA CYS A 19 9.30 17.38 -0.26
C CYS A 19 8.72 16.64 -1.50
N ALA A 20 9.26 16.97 -2.69
CA ALA A 20 9.16 16.13 -3.91
C ALA A 20 10.14 16.62 -4.97
N ARG A 21 10.76 15.68 -5.72
CA ARG A 21 11.51 16.03 -6.93
C ARG A 21 10.54 16.55 -8.02
N ALA A 22 9.55 15.69 -8.41
CA ALA A 22 8.51 15.99 -9.41
C ALA A 22 7.70 14.71 -9.66
N PHE A 23 6.38 14.83 -9.68
CA PHE A 23 5.48 13.74 -10.11
C PHE A 23 4.89 14.10 -11.47
N LYS A 24 4.32 13.08 -12.12
CA LYS A 24 3.72 13.16 -13.45
C LYS A 24 2.63 14.25 -13.51
N SER A 25 1.78 14.25 -12.48
CA SER A 25 0.64 15.17 -12.37
C SER A 25 0.39 15.54 -10.89
N SER A 26 -0.47 16.55 -10.68
CA SER A 26 -0.79 17.11 -9.35
C SER A 26 -1.49 16.09 -8.44
N HIS A 27 -2.41 15.29 -9.03
CA HIS A 27 -3.17 14.24 -8.31
C HIS A 27 -2.29 13.02 -8.02
N ASN A 28 -1.39 12.68 -8.97
CA ASN A 28 -0.29 11.70 -8.78
C ASN A 28 0.60 12.11 -7.58
N LEU A 29 0.85 13.42 -7.50
CA LEU A 29 1.63 14.05 -6.44
C LEU A 29 0.83 14.09 -5.14
N ALA A 30 -0.50 14.25 -5.25
CA ALA A 30 -1.44 14.34 -4.10
C ALA A 30 -1.45 13.03 -3.27
N VAL A 31 -1.16 11.89 -3.96
CA VAL A 31 -0.88 10.59 -3.31
C VAL A 31 0.20 10.73 -2.17
N HIS A 32 1.29 11.45 -2.49
CA HIS A 32 2.31 11.83 -1.48
C HIS A 32 1.80 13.01 -0.64
N ARG A 33 1.24 14.02 -1.33
CA ARG A 33 0.86 15.31 -0.78
C ARG A 33 -0.47 15.20 0.00
N MET A 34 -0.63 14.09 0.75
CA MET A 34 -1.93 13.62 1.23
C MET A 34 -2.62 14.64 2.16
N ILE A 35 -1.93 15.14 3.22
CA ILE A 35 -2.45 16.21 4.08
C ILE A 35 -2.19 17.67 3.59
N HIS A 36 -1.24 17.94 2.65
CA HIS A 36 -0.65 19.32 2.57
C HIS A 36 -1.58 20.23 1.73
N THR A 37 -2.05 19.66 0.61
CA THR A 37 -2.70 20.42 -0.49
C THR A 37 -4.09 20.98 -0.12
N GLY A 38 -4.77 20.32 0.82
CA GLY A 38 -6.12 20.71 1.25
C GLY A 38 -7.21 20.10 0.37
N GLU A 39 -6.95 18.88 -0.12
CA GLU A 39 -7.87 18.10 -0.98
C GLU A 39 -8.41 16.89 -0.20
N LYS A 40 -7.57 16.37 0.73
CA LYS A 40 -7.75 15.11 1.48
C LYS A 40 -8.23 13.94 0.57
N PRO A 41 -7.30 13.38 -0.30
CA PRO A 41 -7.61 12.20 -1.13
C PRO A 41 -7.92 10.95 -0.27
N LEU A 42 -8.81 10.09 -0.77
CA LEU A 42 -9.36 8.96 -0.02
C LEU A 42 -8.36 7.81 -0.05
N GLN A 43 -8.15 7.13 1.09
CA GLN A 43 -7.04 6.19 1.25
C GLN A 43 -7.58 4.78 1.51
N CYS A 44 -6.94 3.77 0.89
CA CYS A 44 -7.23 2.35 1.12
C CYS A 44 -6.91 1.95 2.56
N GLU A 45 -7.94 1.62 3.34
CA GLU A 45 -7.80 1.25 4.77
C GLU A 45 -7.40 -0.25 4.96
N ILE A 46 -6.70 -0.83 3.97
CA ILE A 46 -6.05 -2.14 4.08
C ILE A 46 -4.53 -1.89 4.20
N CYS A 47 -4.00 -1.12 3.24
CA CYS A 47 -2.60 -0.68 3.25
C CYS A 47 -2.69 0.85 3.30
N GLY A 48 -2.34 1.52 2.21
CA GLY A 48 -2.83 2.85 1.88
C GLY A 48 -2.88 2.98 0.36
N PHE A 49 -3.56 4.00 -0.18
CA PHE A 49 -3.64 4.28 -1.61
C PHE A 49 -4.59 5.45 -1.71
N THR A 50 -4.09 6.61 -2.10
CA THR A 50 -4.85 7.85 -2.07
C THR A 50 -5.25 8.21 -3.51
N CYS A 51 -6.55 8.42 -3.73
CA CYS A 51 -7.11 8.71 -5.06
C CYS A 51 -8.28 9.73 -4.98
N ARG A 52 -8.64 10.28 -6.15
CA ARG A 52 -9.73 11.27 -6.32
C ARG A 52 -11.11 10.62 -6.09
N GLN A 53 -11.29 9.40 -6.65
CA GLN A 53 -12.56 8.64 -6.56
C GLN A 53 -12.37 7.40 -5.67
N LYS A 54 -13.31 7.22 -4.71
CA LYS A 54 -13.43 6.02 -3.85
C LYS A 54 -13.41 4.73 -4.68
N ALA A 55 -14.06 4.77 -5.86
CA ALA A 55 -14.22 3.62 -6.77
C ALA A 55 -12.87 2.93 -7.10
N SER A 56 -11.79 3.72 -7.23
CA SER A 56 -10.45 3.19 -7.53
C SER A 56 -9.87 2.41 -6.32
N LEU A 57 -9.80 3.07 -5.15
CA LEU A 57 -9.14 2.53 -3.95
C LEU A 57 -9.98 1.45 -3.22
N ASN A 58 -11.30 1.70 -3.10
CA ASN A 58 -12.25 0.77 -2.47
C ASN A 58 -12.12 -0.64 -3.02
N TRP A 59 -12.22 -0.74 -4.35
CA TRP A 59 -12.26 -2.04 -5.01
C TRP A 59 -10.84 -2.62 -5.09
N HIS A 60 -9.81 -1.74 -5.25
CA HIS A 60 -8.38 -2.10 -4.99
C HIS A 60 -8.19 -2.89 -3.67
N MET A 61 -8.91 -2.49 -2.59
CA MET A 61 -8.83 -3.21 -1.30
C MET A 61 -9.32 -4.66 -1.45
N LYS A 62 -10.49 -4.83 -2.10
CA LYS A 62 -11.08 -6.16 -2.41
C LYS A 62 -10.12 -7.01 -3.25
N LYS A 63 -9.43 -6.34 -4.22
CA LYS A 63 -8.44 -6.99 -5.11
C LYS A 63 -7.31 -7.64 -4.28
N HIS A 64 -6.77 -6.89 -3.29
CA HIS A 64 -5.57 -7.32 -2.54
C HIS A 64 -5.90 -7.76 -1.08
N ASP A 65 -7.19 -7.88 -0.75
CA ASP A 65 -7.66 -8.46 0.54
C ASP A 65 -7.07 -9.88 0.75
N ALA A 66 -6.91 -10.62 -0.35
CA ALA A 66 -6.19 -11.90 -0.36
C ALA A 66 -4.74 -11.71 -0.87
N ASP A 67 -4.56 -10.73 -1.80
CA ASP A 67 -3.28 -10.43 -2.51
C ASP A 67 -3.01 -11.51 -3.57
N SER A 68 -4.06 -12.28 -3.94
CA SER A 68 -3.93 -13.49 -4.78
C SER A 68 -3.31 -13.16 -6.17
N PHE A 69 -3.50 -11.91 -6.61
CA PHE A 69 -3.00 -11.42 -7.91
C PHE A 69 -1.46 -11.30 -7.92
N TYR A 70 -0.90 -10.69 -6.85
CA TYR A 70 0.55 -10.32 -6.76
C TYR A 70 1.09 -9.66 -8.06
N GLN A 71 0.24 -8.85 -8.73
CA GLN A 71 0.50 -8.37 -10.11
C GLN A 71 1.38 -7.12 -10.15
N PHE A 72 1.72 -6.54 -8.97
CA PHE A 72 2.50 -5.33 -8.87
C PHE A 72 3.46 -5.52 -7.70
N SER A 73 4.71 -5.20 -7.95
CA SER A 73 5.79 -5.21 -6.97
C SER A 73 6.89 -4.27 -7.44
N CYS A 74 7.79 -3.96 -6.52
CA CYS A 74 8.97 -3.15 -6.81
C CYS A 74 10.07 -4.07 -7.31
N ASN A 75 10.62 -3.81 -8.51
CA ASN A 75 11.71 -4.61 -9.09
C ASN A 75 12.99 -4.55 -8.20
N ILE A 76 13.12 -3.44 -7.44
CA ILE A 76 14.34 -3.15 -6.67
C ILE A 76 14.25 -3.70 -5.21
N CYS A 77 13.09 -3.53 -4.49
CA CYS A 77 13.00 -3.99 -3.07
C CYS A 77 11.67 -4.72 -2.75
N GLY A 78 10.87 -5.01 -3.80
CA GLY A 78 9.72 -5.95 -3.75
C GLY A 78 8.74 -5.80 -2.60
N LYS A 79 8.43 -4.56 -2.18
CA LYS A 79 7.44 -4.29 -1.11
C LYS A 79 5.99 -4.64 -1.53
N LYS A 80 5.72 -4.56 -2.86
CA LYS A 80 4.39 -4.68 -3.49
C LYS A 80 3.60 -3.37 -3.32
N PHE A 81 3.20 -2.79 -4.45
CA PHE A 81 2.37 -1.58 -4.50
C PHE A 81 1.07 -1.85 -5.21
N GLU A 82 0.20 -0.85 -5.11
CA GLU A 82 -1.17 -0.89 -5.61
C GLU A 82 -1.22 -0.90 -7.15
N LYS A 83 -0.18 -0.28 -7.76
CA LYS A 83 -0.07 -0.14 -9.22
C LYS A 83 1.38 0.19 -9.59
N LYS A 84 1.68 0.07 -10.89
CA LYS A 84 3.03 0.30 -11.45
C LYS A 84 3.48 1.74 -11.21
N ASP A 85 2.51 2.67 -11.30
CA ASP A 85 2.75 4.10 -11.08
C ASP A 85 3.19 4.39 -9.64
N SER A 86 2.61 3.66 -8.66
CA SER A 86 2.97 3.78 -7.24
C SER A 86 4.42 3.30 -6.99
N VAL A 87 4.86 2.33 -7.81
CA VAL A 87 6.20 1.70 -7.73
C VAL A 87 7.26 2.68 -8.24
N VAL A 88 6.99 3.25 -9.41
CA VAL A 88 7.92 4.14 -10.13
C VAL A 88 8.00 5.50 -9.44
N ALA A 89 6.85 5.93 -8.88
CA ALA A 89 6.78 7.15 -8.06
C ALA A 89 7.62 6.96 -6.78
N HIS A 90 7.57 5.72 -6.24
CA HIS A 90 8.38 5.31 -5.07
C HIS A 90 9.87 5.14 -5.45
N LYS A 91 10.13 4.72 -6.70
CA LYS A 91 11.48 4.43 -7.22
C LYS A 91 12.27 5.74 -7.36
N ALA A 92 11.53 6.78 -7.78
CA ALA A 92 12.05 8.14 -7.90
C ALA A 92 12.49 8.67 -6.51
N LYS A 93 11.73 8.30 -5.47
CA LYS A 93 11.90 8.87 -4.12
C LYS A 93 12.94 8.08 -3.30
N SER A 94 12.81 6.75 -3.32
CA SER A 94 13.52 5.84 -2.40
C SER A 94 14.69 5.14 -3.10
N HIS A 95 14.83 5.32 -4.43
CA HIS A 95 15.95 4.75 -5.23
C HIS A 95 16.55 5.81 -6.22
N PRO A 96 16.92 7.08 -5.77
CA PRO A 96 17.62 8.08 -6.65
C PRO A 96 18.86 7.48 -7.35
N GLU A 97 19.73 6.87 -6.54
CA GLU A 97 20.88 6.11 -7.02
C GLU A 97 21.05 4.88 -6.10
N VAL A 98 20.50 3.74 -6.53
CA VAL A 98 20.62 2.47 -5.81
C VAL A 98 21.83 1.66 -6.34
ZN ZN B . 5.16 16.74 0.69
ZN ZN C . -4.46 -1.33 -0.48
ZN ZN D . 11.69 -0.12 -3.92
N HIS A 10 7.53 23.45 -20.18
CA HIS A 10 7.64 22.70 -18.92
C HIS A 10 6.66 23.28 -17.88
N MET A 11 5.47 22.67 -17.77
CA MET A 11 4.45 23.01 -16.75
C MET A 11 3.88 21.74 -16.09
N ARG A 12 4.32 20.55 -16.59
CA ARG A 12 3.94 19.24 -16.01
C ARG A 12 4.88 18.91 -14.84
N ASP A 13 4.81 19.75 -13.81
CA ASP A 13 5.60 19.65 -12.59
C ASP A 13 4.76 20.21 -11.43
N TYR A 14 4.11 19.28 -10.76
CA TYR A 14 3.21 19.55 -9.64
C TYR A 14 4.02 19.43 -8.36
N ILE A 15 4.38 20.58 -7.79
CA ILE A 15 5.39 20.67 -6.75
C ILE A 15 4.70 20.83 -5.38
N CYS A 16 4.69 19.73 -4.62
CA CYS A 16 4.48 19.76 -3.17
C CYS A 16 5.59 20.61 -2.55
N GLU A 17 5.28 21.92 -2.39
CA GLU A 17 6.00 22.95 -1.60
C GLU A 17 7.53 22.79 -1.52
N TYR A 18 7.96 21.67 -0.92
CA TYR A 18 9.39 21.37 -0.67
C TYR A 18 9.72 19.93 -1.08
N CYS A 19 8.80 19.03 -0.72
CA CYS A 19 8.98 17.56 -0.83
C CYS A 19 8.35 17.00 -2.12
N ALA A 20 8.40 17.77 -3.21
CA ALA A 20 8.27 17.25 -4.58
C ALA A 20 9.36 17.79 -5.49
N ARG A 21 10.13 16.87 -6.08
CA ARG A 21 11.07 17.22 -7.16
C ARG A 21 10.25 17.60 -8.42
N ALA A 22 9.31 16.72 -8.85
CA ALA A 22 8.23 17.07 -9.80
C ALA A 22 7.27 15.88 -9.97
N PHE A 23 5.97 16.10 -9.76
CA PHE A 23 4.94 15.10 -10.07
C PHE A 23 4.34 15.42 -11.44
N LYS A 24 3.95 14.38 -12.17
CA LYS A 24 3.30 14.52 -13.47
C LYS A 24 1.90 15.15 -13.33
N SER A 25 1.23 14.91 -12.18
CA SER A 25 -0.17 15.34 -11.97
C SER A 25 -0.55 15.35 -10.46
N SER A 26 -1.60 16.13 -10.14
CA SER A 26 -1.99 16.44 -8.74
C SER A 26 -2.48 15.22 -7.91
N HIS A 27 -3.11 14.21 -8.55
CA HIS A 27 -3.58 12.97 -7.87
C HIS A 27 -2.38 12.05 -7.53
N ASN A 28 -1.39 12.01 -8.44
CA ASN A 28 -0.11 11.28 -8.22
C ASN A 28 0.61 11.83 -6.97
N LEU A 29 0.67 13.16 -6.95
CA LEU A 29 1.08 13.99 -5.81
C LEU A 29 0.25 13.70 -4.55
N ALA A 30 -1.08 13.58 -4.71
CA ALA A 30 -2.03 13.31 -3.59
C ALA A 30 -1.70 12.02 -2.83
N VAL A 31 -1.10 11.04 -3.55
CA VAL A 31 -0.66 9.75 -2.96
C VAL A 31 0.41 9.99 -1.87
N HIS A 32 1.40 10.84 -2.19
CA HIS A 32 2.45 11.29 -1.25
C HIS A 32 1.88 12.30 -0.22
N ARG A 33 1.01 13.19 -0.72
CA ARG A 33 0.45 14.32 0.05
C ARG A 33 -0.52 13.84 1.16
N MET A 34 -0.75 12.52 1.24
CA MET A 34 -1.55 11.81 2.30
C MET A 34 -1.26 12.30 3.77
N ILE A 35 -0.11 12.98 3.94
CA ILE A 35 0.34 13.58 5.18
C ILE A 35 -0.26 15.02 5.34
N HIS A 36 -0.01 15.91 4.35
CA HIS A 36 -0.37 17.37 4.43
C HIS A 36 -1.62 17.75 3.59
N THR A 37 -2.31 16.77 3.02
CA THR A 37 -3.38 16.99 2.00
C THR A 37 -4.57 17.80 2.54
N GLY A 38 -5.10 17.39 3.70
CA GLY A 38 -6.36 17.90 4.23
C GLY A 38 -7.59 17.19 3.66
N GLU A 39 -7.48 16.69 2.39
CA GLU A 39 -8.56 15.95 1.70
C GLU A 39 -8.81 14.56 2.28
N LYS A 40 -7.85 14.04 3.08
CA LYS A 40 -7.86 12.69 3.69
C LYS A 40 -8.28 11.58 2.66
N PRO A 41 -7.33 11.08 1.81
CA PRO A 41 -7.56 9.92 0.92
C PRO A 41 -7.33 8.61 1.69
N LEU A 42 -7.64 7.48 1.05
CA LEU A 42 -7.62 6.15 1.67
C LEU A 42 -6.30 5.46 1.33
N GLN A 43 -5.61 4.90 2.34
CA GLN A 43 -4.32 4.24 2.15
C GLN A 43 -4.40 2.77 2.59
N CYS A 44 -3.73 1.89 1.83
CA CYS A 44 -3.51 0.50 2.20
C CYS A 44 -2.63 0.44 3.45
N GLU A 45 -3.24 0.05 4.58
CA GLU A 45 -2.58 -0.06 5.91
C GLU A 45 -1.63 -1.30 5.99
N ILE A 46 -1.44 -2.01 4.85
CA ILE A 46 -0.68 -3.27 4.81
C ILE A 46 0.77 -2.90 4.50
N CYS A 47 0.93 -2.10 3.44
CA CYS A 47 2.19 -1.45 3.11
C CYS A 47 1.85 0.04 3.14
N GLY A 48 1.89 0.70 2.00
CA GLY A 48 1.17 1.93 1.76
C GLY A 48 0.77 1.97 0.30
N PHE A 49 -0.25 2.76 -0.09
CA PHE A 49 -0.80 2.81 -1.43
C PHE A 49 -2.03 3.69 -1.23
N THR A 50 -2.01 4.89 -1.76
CA THR A 50 -3.02 5.89 -1.41
C THR A 50 -3.78 6.29 -2.67
N CYS A 51 -5.09 6.40 -2.53
CA CYS A 51 -5.99 6.76 -3.62
C CYS A 51 -7.32 7.27 -3.07
N ARG A 52 -8.01 8.07 -3.89
CA ARG A 52 -9.35 8.58 -3.57
C ARG A 52 -10.44 7.55 -4.00
N GLN A 53 -9.97 6.39 -4.52
CA GLN A 53 -10.83 5.29 -4.96
C GLN A 53 -10.75 4.17 -3.91
N LYS A 54 -11.80 4.02 -3.08
CA LYS A 54 -11.91 2.92 -2.08
C LYS A 54 -11.66 1.55 -2.74
N ALA A 55 -12.28 1.35 -3.90
CA ALA A 55 -12.17 0.11 -4.72
C ALA A 55 -10.70 -0.26 -5.05
N SER A 56 -9.88 0.77 -5.36
CA SER A 56 -8.48 0.59 -5.81
C SER A 56 -7.61 -0.11 -4.73
N LEU A 57 -7.58 0.45 -3.49
CA LEU A 57 -6.80 -0.13 -2.38
C LEU A 57 -7.50 -1.37 -1.80
N ASN A 58 -8.84 -1.36 -1.75
CA ASN A 58 -9.68 -2.48 -1.23
C ASN A 58 -9.30 -3.83 -1.84
N TRP A 59 -9.05 -3.84 -3.15
CA TRP A 59 -8.60 -5.04 -3.85
C TRP A 59 -7.11 -5.23 -3.64
N HIS A 60 -6.29 -4.19 -3.96
CA HIS A 60 -4.80 -4.21 -3.85
C HIS A 60 -4.29 -4.90 -2.54
N MET A 61 -4.88 -4.54 -1.40
CA MET A 61 -4.50 -5.13 -0.09
C MET A 61 -4.74 -6.66 -0.04
N LYS A 62 -5.92 -7.11 -0.49
CA LYS A 62 -6.29 -8.56 -0.51
C LYS A 62 -5.44 -9.34 -1.53
N LYS A 63 -5.17 -8.67 -2.65
CA LYS A 63 -4.37 -9.23 -3.75
C LYS A 63 -2.90 -9.44 -3.33
N HIS A 64 -2.37 -8.56 -2.46
CA HIS A 64 -0.98 -8.68 -1.97
C HIS A 64 -0.92 -9.16 -0.50
N ASP A 65 -2.11 -9.48 0.07
CA ASP A 65 -2.22 -10.18 1.37
C ASP A 65 -1.67 -11.60 1.21
N ALA A 66 -2.05 -12.22 0.09
CA ALA A 66 -1.57 -13.54 -0.34
C ALA A 66 -0.48 -13.39 -1.44
N ASP A 67 0.06 -12.16 -1.58
CA ASP A 67 1.03 -11.73 -2.63
C ASP A 67 0.84 -12.44 -4.00
N SER A 68 -0.43 -12.49 -4.45
CA SER A 68 -0.82 -13.13 -5.72
C SER A 68 -0.20 -12.45 -6.97
N PHE A 69 0.17 -11.15 -6.83
CA PHE A 69 0.80 -10.37 -7.90
C PHE A 69 2.35 -10.40 -7.81
N TYR A 70 2.92 -11.01 -6.75
CA TYR A 70 4.38 -11.16 -6.60
C TYR A 70 4.93 -12.07 -7.73
N GLN A 71 4.79 -13.41 -7.56
CA GLN A 71 4.99 -14.38 -8.63
C GLN A 71 3.59 -14.87 -9.07
N PHE A 72 3.09 -15.90 -8.34
CA PHE A 72 1.81 -16.56 -8.58
C PHE A 72 1.48 -17.23 -7.26
N SER A 73 0.25 -17.09 -6.81
CA SER A 73 -0.21 -17.62 -5.53
C SER A 73 -1.63 -18.14 -5.62
N CYS A 74 -1.97 -18.94 -4.61
CA CYS A 74 -3.33 -19.37 -4.33
C CYS A 74 -3.79 -18.56 -3.13
N ASN A 75 -4.85 -17.74 -3.29
CA ASN A 75 -5.31 -16.84 -2.21
C ASN A 75 -5.86 -17.65 -1.00
N ILE A 76 -6.26 -18.90 -1.24
CA ILE A 76 -6.94 -19.72 -0.23
C ILE A 76 -5.93 -20.43 0.70
N CYS A 77 -4.81 -20.98 0.16
CA CYS A 77 -3.84 -21.74 1.00
C CYS A 77 -2.37 -21.40 0.69
N GLY A 78 -2.13 -20.49 -0.29
CA GLY A 78 -0.78 -20.01 -0.61
C GLY A 78 0.17 -21.08 -1.08
N LYS A 79 -0.35 -22.03 -1.88
CA LYS A 79 0.43 -23.18 -2.36
C LYS A 79 1.60 -22.74 -3.27
N LYS A 80 1.36 -21.69 -4.11
CA LYS A 80 2.36 -21.06 -5.02
C LYS A 80 2.62 -21.97 -6.22
N PHE A 81 2.25 -21.51 -7.43
CA PHE A 81 2.43 -22.27 -8.68
C PHE A 81 3.27 -21.47 -9.67
N GLU A 82 3.80 -22.13 -10.72
CA GLU A 82 4.57 -21.44 -11.77
C GLU A 82 3.67 -20.81 -12.86
N LYS A 83 2.33 -20.97 -12.75
CA LYS A 83 1.36 -20.30 -13.61
C LYS A 83 0.00 -20.27 -12.89
N LYS A 84 -0.74 -19.17 -13.11
CA LYS A 84 -2.11 -18.98 -12.62
C LYS A 84 -3.04 -20.09 -13.15
N ASP A 85 -2.70 -20.65 -14.33
CA ASP A 85 -3.40 -21.82 -14.91
C ASP A 85 -3.45 -22.99 -13.92
N SER A 86 -2.30 -23.25 -13.26
CA SER A 86 -2.18 -24.31 -12.26
C SER A 86 -2.96 -23.97 -10.97
N VAL A 87 -3.09 -22.67 -10.67
CA VAL A 87 -3.74 -22.16 -9.43
C VAL A 87 -5.26 -22.36 -9.51
N VAL A 88 -5.82 -22.00 -10.67
CA VAL A 88 -7.28 -22.03 -10.94
C VAL A 88 -7.74 -23.49 -11.05
N ALA A 89 -6.86 -24.31 -11.67
CA ALA A 89 -7.10 -25.75 -11.83
C ALA A 89 -7.03 -26.44 -10.45
N HIS A 90 -6.11 -25.95 -9.60
CA HIS A 90 -5.92 -26.42 -8.22
C HIS A 90 -7.06 -25.99 -7.31
N LYS A 91 -7.62 -24.79 -7.56
CA LYS A 91 -8.70 -24.24 -6.73
C LYS A 91 -10.01 -24.98 -7.02
N ALA A 92 -10.15 -25.41 -8.27
CA ALA A 92 -11.27 -26.25 -8.72
C ALA A 92 -11.20 -27.66 -8.09
N LYS A 93 -9.96 -28.14 -7.85
CA LYS A 93 -9.71 -29.51 -7.33
C LYS A 93 -9.75 -29.55 -5.78
N SER A 94 -8.86 -28.75 -5.19
CA SER A 94 -8.52 -28.79 -3.76
C SER A 94 -9.40 -27.83 -2.94
N HIS A 95 -10.21 -26.99 -3.62
CA HIS A 95 -11.13 -26.02 -2.96
C HIS A 95 -12.53 -26.02 -3.65
N PRO A 96 -13.24 -27.20 -3.80
CA PRO A 96 -14.57 -27.24 -4.46
C PRO A 96 -15.67 -26.61 -3.58
N GLU A 97 -15.48 -26.64 -2.25
CA GLU A 97 -16.37 -26.07 -1.27
C GLU A 97 -15.54 -25.39 -0.15
N VAL A 98 -15.41 -24.06 -0.23
CA VAL A 98 -14.79 -23.24 0.82
C VAL A 98 -15.88 -22.34 1.46
ZN ZN B . 4.88 16.73 0.52
ZN ZN C . -0.39 -2.54 -0.05
ZN ZN D . -4.98 -23.67 -2.56
N HIS A 10 8.42 22.40 -19.47
CA HIS A 10 6.99 22.37 -19.88
C HIS A 10 6.10 22.23 -18.64
N MET A 11 4.91 22.86 -18.69
CA MET A 11 3.95 22.90 -17.55
C MET A 11 3.43 21.48 -17.23
N ARG A 12 4.13 20.81 -16.30
CA ARG A 12 3.74 19.49 -15.78
C ARG A 12 4.63 19.18 -14.56
N ASP A 13 4.74 20.17 -13.66
CA ASP A 13 5.63 20.11 -12.49
C ASP A 13 4.82 20.40 -11.24
N TYR A 14 4.27 19.35 -10.66
CA TYR A 14 3.47 19.41 -9.44
C TYR A 14 4.38 19.17 -8.22
N ILE A 15 4.53 20.22 -7.40
CA ILE A 15 5.49 20.28 -6.29
C ILE A 15 4.72 20.48 -4.97
N CYS A 16 5.35 20.12 -3.85
CA CYS A 16 4.80 20.29 -2.49
C CYS A 16 5.47 21.49 -1.77
N GLU A 17 6.55 22.00 -2.41
CA GLU A 17 7.27 23.27 -2.07
C GLU A 17 8.38 23.05 -1.02
N TYR A 18 8.35 21.91 -0.32
CA TYR A 18 9.39 21.57 0.69
C TYR A 18 9.81 20.11 0.48
N CYS A 19 8.80 19.23 0.44
CA CYS A 19 8.98 17.79 0.24
C CYS A 19 8.19 17.32 -0.99
N ALA A 20 8.69 17.64 -2.19
CA ALA A 20 8.33 16.92 -3.42
C ALA A 20 9.29 17.20 -4.57
N ARG A 21 9.48 16.16 -5.38
CA ARG A 21 10.04 16.27 -6.73
C ARG A 21 8.95 16.79 -7.69
N ALA A 22 9.25 16.78 -8.99
CA ALA A 22 8.29 17.17 -10.02
C ALA A 22 7.38 15.97 -10.34
N PHE A 23 6.06 16.18 -10.24
CA PHE A 23 5.06 15.14 -10.55
C PHE A 23 4.30 15.47 -11.83
N LYS A 24 3.92 14.42 -12.56
CA LYS A 24 3.08 14.51 -13.77
C LYS A 24 1.73 15.18 -13.50
N SER A 25 1.14 14.90 -12.33
CA SER A 25 -0.26 15.25 -12.04
C SER A 25 -0.46 15.58 -10.56
N SER A 26 -1.51 16.37 -10.30
CA SER A 26 -2.01 16.67 -8.94
C SER A 26 -2.36 15.38 -8.17
N HIS A 27 -2.72 14.30 -8.91
CA HIS A 27 -3.02 12.98 -8.31
C HIS A 27 -1.73 12.32 -7.80
N ASN A 28 -0.65 12.43 -8.59
CA ASN A 28 0.68 11.86 -8.27
C ASN A 28 1.22 12.46 -6.96
N LEU A 29 1.15 13.79 -6.91
CA LEU A 29 1.46 14.59 -5.72
C LEU A 29 0.46 14.31 -4.57
N ALA A 30 -0.81 14.05 -4.91
CA ALA A 30 -1.86 13.65 -3.92
C ALA A 30 -1.52 12.33 -3.20
N VAL A 31 -0.83 11.43 -3.92
CA VAL A 31 -0.33 10.17 -3.35
C VAL A 31 0.71 10.48 -2.26
N HIS A 32 1.69 11.35 -2.59
CA HIS A 32 2.71 11.85 -1.63
C HIS A 32 2.04 12.60 -0.45
N ARG A 33 0.99 13.36 -0.80
CA ARG A 33 0.25 14.24 0.11
C ARG A 33 -0.53 13.43 1.19
N MET A 34 -0.39 12.08 1.17
CA MET A 34 -0.93 11.13 2.19
C MET A 34 -0.68 11.60 3.66
N ILE A 35 0.34 12.46 3.84
CA ILE A 35 0.71 13.05 5.12
C ILE A 35 -0.11 14.35 5.37
N HIS A 36 -0.14 15.28 4.38
CA HIS A 36 -0.73 16.65 4.55
C HIS A 36 -2.18 16.72 4.00
N THR A 37 -2.72 15.58 3.59
CA THR A 37 -3.92 15.49 2.75
C THR A 37 -5.17 16.15 3.36
N GLY A 38 -5.60 15.67 4.54
CA GLY A 38 -6.90 16.04 5.12
C GLY A 38 -8.09 15.37 4.43
N GLU A 39 -7.97 15.13 3.10
CA GLU A 39 -8.93 14.34 2.30
C GLU A 39 -8.86 12.86 2.69
N LYS A 40 -7.60 12.39 2.86
CA LYS A 40 -7.23 10.99 3.08
C LYS A 40 -7.47 10.15 1.81
N PRO A 41 -6.41 9.84 1.00
CA PRO A 41 -6.50 8.86 -0.11
C PRO A 41 -6.64 7.41 0.41
N LEU A 42 -6.38 6.43 -0.46
CA LEU A 42 -6.52 5.01 -0.13
C LEU A 42 -5.12 4.45 0.18
N GLN A 43 -4.85 4.20 1.47
CA GLN A 43 -3.51 3.87 1.97
C GLN A 43 -3.57 2.64 2.89
N CYS A 44 -2.61 1.71 2.70
CA CYS A 44 -2.49 0.48 3.50
C CYS A 44 -2.14 0.80 4.95
N GLU A 45 -3.12 0.62 5.85
CA GLU A 45 -2.93 0.85 7.29
C GLU A 45 -2.40 -0.43 7.98
N ILE A 46 -1.27 -0.92 7.49
CA ILE A 46 -0.41 -1.89 8.15
C ILE A 46 0.98 -1.27 8.17
N CYS A 47 1.44 -0.89 6.97
CA CYS A 47 2.68 -0.20 6.76
C CYS A 47 2.26 1.12 6.13
N GLY A 48 2.66 1.39 4.91
CA GLY A 48 1.96 2.30 4.03
C GLY A 48 2.09 1.82 2.58
N PHE A 49 1.24 2.33 1.66
CA PHE A 49 1.15 1.89 0.26
C PHE A 49 -0.09 2.63 -0.22
N THR A 50 0.06 3.58 -1.12
CA THR A 50 -1.04 4.46 -1.47
C THR A 50 -1.32 4.34 -2.96
N CYS A 51 -2.58 4.13 -3.26
CA CYS A 51 -3.09 3.87 -4.61
C CYS A 51 -4.43 4.58 -4.83
N ARG A 52 -4.79 4.72 -6.11
CA ARG A 52 -6.08 5.28 -6.54
C ARG A 52 -7.24 4.28 -6.34
N GLN A 53 -6.90 2.99 -6.26
CA GLN A 53 -7.85 1.88 -6.13
C GLN A 53 -7.63 1.14 -4.79
N LYS A 54 -8.64 1.19 -3.92
CA LYS A 54 -8.64 0.53 -2.59
C LYS A 54 -8.40 -0.99 -2.72
N ALA A 55 -8.94 -1.58 -3.80
CA ALA A 55 -8.75 -3.01 -4.12
C ALA A 55 -7.26 -3.39 -4.25
N SER A 56 -6.43 -2.47 -4.79
CA SER A 56 -4.99 -2.72 -5.00
C SER A 56 -4.26 -2.97 -3.67
N LEU A 57 -4.39 -2.02 -2.73
CA LEU A 57 -3.78 -2.11 -1.39
C LEU A 57 -4.48 -3.16 -0.52
N ASN A 58 -5.77 -3.40 -0.79
CA ASN A 58 -6.54 -4.51 -0.17
C ASN A 58 -5.85 -5.87 -0.34
N TRP A 59 -5.32 -6.16 -1.55
CA TRP A 59 -4.68 -7.45 -1.83
C TRP A 59 -3.28 -7.46 -1.21
N HIS A 60 -2.55 -6.36 -1.40
CA HIS A 60 -1.28 -6.07 -0.68
C HIS A 60 -1.38 -6.31 0.86
N MET A 61 -2.49 -5.93 1.52
CA MET A 61 -2.72 -6.22 2.97
C MET A 61 -3.00 -7.72 3.22
N LYS A 62 -3.74 -8.38 2.32
CA LYS A 62 -3.89 -9.86 2.31
C LYS A 62 -2.50 -10.56 2.22
N LYS A 63 -1.55 -9.90 1.52
CA LYS A 63 -0.17 -10.38 1.40
C LYS A 63 0.56 -10.30 2.76
N HIS A 64 0.34 -9.17 3.49
CA HIS A 64 0.81 -9.01 4.89
C HIS A 64 0.26 -10.12 5.81
N ASP A 65 -0.98 -10.54 5.53
CA ASP A 65 -1.70 -11.53 6.37
C ASP A 65 -1.09 -12.95 6.18
N ALA A 66 -0.22 -13.10 5.15
CA ALA A 66 0.42 -14.36 4.79
C ALA A 66 1.91 -14.40 5.18
N ASP A 67 2.50 -13.29 5.70
CA ASP A 67 3.97 -13.25 5.98
C ASP A 67 4.38 -12.22 7.06
N SER A 68 3.78 -11.03 6.99
CA SER A 68 4.25 -9.83 7.74
C SER A 68 4.18 -9.95 9.27
N PHE A 69 3.53 -10.98 9.79
CA PHE A 69 3.23 -11.10 11.23
C PHE A 69 3.84 -12.39 11.80
N TYR A 70 4.66 -13.11 10.97
CA TYR A 70 5.28 -14.39 11.37
C TYR A 70 6.73 -14.54 10.82
N GLN A 71 6.99 -14.03 9.61
CA GLN A 71 8.20 -14.38 8.84
C GLN A 71 9.41 -13.55 9.31
N PHE A 72 9.27 -12.21 9.27
CA PHE A 72 10.35 -11.30 9.63
C PHE A 72 9.67 -10.12 10.34
N SER A 73 10.22 -9.77 11.47
CA SER A 73 9.82 -8.64 12.27
C SER A 73 10.98 -8.34 13.21
N CYS A 74 11.49 -7.13 13.16
CA CYS A 74 12.49 -6.68 14.12
C CYS A 74 11.84 -6.59 15.50
N ASN A 75 12.31 -7.43 16.43
CA ASN A 75 11.73 -7.52 17.79
C ASN A 75 11.82 -6.19 18.56
N ILE A 76 12.73 -5.29 18.10
CA ILE A 76 13.02 -4.01 18.77
C ILE A 76 12.21 -2.83 18.15
N CYS A 77 12.11 -2.73 16.79
CA CYS A 77 11.41 -1.58 16.15
C CYS A 77 10.45 -2.00 15.00
N GLY A 78 10.44 -3.31 14.65
CA GLY A 78 9.52 -3.86 13.64
C GLY A 78 9.69 -3.24 12.26
N LYS A 79 10.95 -2.86 11.95
CA LYS A 79 11.26 -2.06 10.74
C LYS A 79 11.10 -2.84 9.41
N LYS A 80 11.01 -4.21 9.48
CA LYS A 80 10.58 -5.09 8.35
C LYS A 80 11.69 -5.26 7.29
N PHE A 81 12.22 -6.50 7.18
CA PHE A 81 13.37 -6.82 6.28
C PHE A 81 13.12 -8.10 5.48
N GLU A 82 13.68 -8.13 4.26
CA GLU A 82 13.48 -9.19 3.27
C GLU A 82 14.09 -10.57 3.67
N LYS A 83 15.02 -10.58 4.64
CA LYS A 83 15.63 -11.79 5.17
C LYS A 83 15.90 -11.60 6.66
N LYS A 84 15.81 -12.71 7.42
CA LYS A 84 16.05 -12.73 8.87
C LYS A 84 17.49 -12.35 9.19
N ASP A 85 18.39 -12.70 8.24
CA ASP A 85 19.80 -12.27 8.24
C ASP A 85 19.92 -10.74 8.28
N SER A 86 19.05 -10.06 7.50
CA SER A 86 19.05 -8.59 7.43
C SER A 86 18.56 -7.97 8.75
N VAL A 87 17.67 -8.69 9.46
CA VAL A 87 17.03 -8.22 10.71
C VAL A 87 18.07 -8.22 11.85
N VAL A 88 18.81 -9.33 11.90
CA VAL A 88 19.85 -9.61 12.91
C VAL A 88 21.09 -8.75 12.65
N ALA A 89 21.40 -8.56 11.34
CA ALA A 89 22.48 -7.66 10.89
C ALA A 89 22.13 -6.22 11.27
N HIS A 90 20.84 -5.90 11.10
CA HIS A 90 20.27 -4.58 11.45
C HIS A 90 20.21 -4.40 12.97
N LYS A 91 20.07 -5.49 13.72
CA LYS A 91 20.01 -5.42 15.18
C LYS A 91 21.40 -5.09 15.76
N ALA A 92 22.42 -5.72 15.15
CA ALA A 92 23.82 -5.52 15.50
C ALA A 92 24.33 -4.12 15.08
N LYS A 93 23.66 -3.52 14.08
CA LYS A 93 24.04 -2.24 13.46
C LYS A 93 23.23 -1.05 14.04
N SER A 94 21.91 -1.20 14.03
CA SER A 94 20.93 -0.12 14.32
C SER A 94 20.54 -0.11 15.80
N HIS A 95 20.87 -1.19 16.53
CA HIS A 95 20.56 -1.32 17.97
C HIS A 95 21.80 -1.77 18.78
N PRO A 96 22.98 -1.02 18.71
CA PRO A 96 24.18 -1.36 19.51
C PRO A 96 23.93 -1.09 21.02
N GLU A 97 23.09 -0.08 21.29
CA GLU A 97 22.61 0.25 22.62
C GLU A 97 21.08 0.33 22.52
N VAL A 98 20.43 -0.75 22.94
CA VAL A 98 18.96 -0.85 22.98
C VAL A 98 18.42 -0.07 24.21
ZN ZN B . 4.95 17.07 1.23
ZN ZN C . 1.37 -2.58 3.47
ZN ZN D . 15.13 -2.55 14.52
N HIS A 10 8.72 23.34 -17.68
CA HIS A 10 7.80 23.23 -16.54
C HIS A 10 6.38 23.54 -17.02
N MET A 11 5.59 22.48 -17.29
CA MET A 11 4.21 22.60 -17.82
C MET A 11 3.28 21.64 -17.09
N ARG A 12 3.72 20.38 -16.95
CA ARG A 12 2.99 19.31 -16.23
C ARG A 12 3.91 18.79 -15.11
N ASP A 13 4.42 19.74 -14.31
CA ASP A 13 5.41 19.49 -13.25
C ASP A 13 4.87 20.05 -11.95
N TYR A 14 4.05 19.24 -11.32
CA TYR A 14 3.32 19.57 -10.09
C TYR A 14 4.23 19.41 -8.88
N ILE A 15 4.51 20.53 -8.21
CA ILE A 15 5.43 20.60 -7.08
C ILE A 15 4.61 20.73 -5.79
N CYS A 16 5.01 19.98 -4.76
CA CYS A 16 4.34 20.02 -3.44
C CYS A 16 4.82 21.25 -2.62
N GLU A 17 6.06 21.73 -2.97
CA GLU A 17 6.69 23.04 -2.55
C GLU A 17 7.97 22.80 -1.72
N TYR A 18 7.99 21.66 -1.02
CA TYR A 18 9.05 21.30 -0.05
C TYR A 18 9.48 19.86 -0.33
N CYS A 19 8.48 19.01 -0.56
CA CYS A 19 8.67 17.57 -0.81
C CYS A 19 8.07 17.15 -2.17
N ALA A 20 8.67 17.67 -3.25
CA ALA A 20 8.52 17.13 -4.62
C ALA A 20 9.58 17.70 -5.57
N ARG A 21 10.35 16.81 -6.22
CA ARG A 21 11.25 17.24 -7.32
C ARG A 21 10.35 17.69 -8.51
N ALA A 22 9.41 16.80 -8.92
CA ALA A 22 8.24 17.13 -9.77
C ALA A 22 7.40 15.87 -9.96
N PHE A 23 6.09 15.98 -9.77
CA PHE A 23 5.14 14.92 -10.09
C PHE A 23 4.48 15.25 -11.43
N LYS A 24 4.38 14.24 -12.30
CA LYS A 24 3.76 14.39 -13.63
C LYS A 24 2.22 14.49 -13.52
N SER A 25 1.66 14.21 -12.32
CA SER A 25 0.22 14.17 -12.11
C SER A 25 -0.14 14.64 -10.69
N SER A 26 -1.17 15.50 -10.63
CA SER A 26 -1.74 16.02 -9.37
C SER A 26 -2.27 14.88 -8.48
N HIS A 27 -2.82 13.83 -9.13
CA HIS A 27 -3.32 12.62 -8.47
C HIS A 27 -2.18 11.89 -7.73
N ASN A 28 -1.03 11.75 -8.41
CA ASN A 28 0.15 11.03 -7.86
C ASN A 28 0.73 11.79 -6.65
N LEU A 29 0.81 13.11 -6.80
CA LEU A 29 1.28 14.02 -5.74
C LEU A 29 0.35 13.95 -4.52
N ALA A 30 -0.97 13.76 -4.76
CA ALA A 30 -1.98 13.63 -3.70
C ALA A 30 -1.81 12.33 -2.89
N VAL A 31 -1.27 11.27 -3.55
CA VAL A 31 -0.93 9.99 -2.89
C VAL A 31 0.18 10.24 -1.84
N HIS A 32 1.22 10.97 -2.27
CA HIS A 32 2.34 11.42 -1.41
C HIS A 32 1.82 12.37 -0.32
N ARG A 33 0.88 13.25 -0.71
CA ARG A 33 0.36 14.34 0.13
C ARG A 33 -0.49 13.80 1.32
N MET A 34 -0.52 12.46 1.49
CA MET A 34 -1.20 11.72 2.60
C MET A 34 -1.01 12.34 4.01
N ILE A 35 0.04 13.16 4.15
CA ILE A 35 0.41 13.87 5.36
C ILE A 35 -0.38 15.23 5.41
N HIS A 36 -0.20 16.07 4.37
CA HIS A 36 -0.69 17.48 4.34
C HIS A 36 -1.95 17.67 3.44
N THR A 37 -2.56 16.55 3.00
CA THR A 37 -3.56 16.53 1.88
C THR A 37 -4.79 17.44 2.12
N GLY A 38 -5.63 17.14 3.12
CA GLY A 38 -6.89 17.88 3.32
C GLY A 38 -7.87 17.64 2.18
N GLU A 39 -7.84 16.39 1.70
CA GLU A 39 -8.50 15.93 0.45
C GLU A 39 -8.87 14.45 0.65
N LYS A 40 -8.00 13.73 1.40
CA LYS A 40 -8.11 12.29 1.77
C LYS A 40 -8.49 11.43 0.54
N PRO A 41 -7.49 11.15 -0.38
CA PRO A 41 -7.72 10.39 -1.62
C PRO A 41 -8.25 8.96 -1.34
N LEU A 42 -7.38 8.07 -0.87
CA LEU A 42 -7.74 6.73 -0.35
C LEU A 42 -6.77 6.43 0.79
N GLN A 43 -7.24 6.63 2.02
CA GLN A 43 -6.42 6.63 3.24
C GLN A 43 -7.11 5.71 4.26
N CYS A 44 -6.32 4.94 5.03
CA CYS A 44 -6.85 4.11 6.11
C CYS A 44 -7.43 5.02 7.21
N GLU A 45 -8.76 5.12 7.25
CA GLU A 45 -9.50 5.91 8.25
C GLU A 45 -9.52 5.21 9.62
N ILE A 46 -8.90 4.02 9.72
CA ILE A 46 -8.75 3.31 10.98
C ILE A 46 -7.50 3.87 11.66
N CYS A 47 -6.35 3.84 10.95
CA CYS A 47 -5.09 4.41 11.43
C CYS A 47 -4.44 5.27 10.32
N GLY A 48 -3.47 4.70 9.60
CA GLY A 48 -2.67 5.42 8.60
C GLY A 48 -2.14 4.42 7.58
N PHE A 49 -2.28 4.66 6.26
CA PHE A 49 -1.76 3.82 5.16
C PHE A 49 -2.52 4.36 3.95
N THR A 50 -1.83 4.98 2.99
CA THR A 50 -2.50 5.73 1.94
C THR A 50 -1.96 5.26 0.59
N CYS A 51 -2.87 4.88 -0.27
CA CYS A 51 -2.57 4.32 -1.58
C CYS A 51 -3.69 4.65 -2.56
N ARG A 52 -3.31 4.96 -3.80
CA ARG A 52 -4.26 5.23 -4.89
C ARG A 52 -5.02 3.96 -5.32
N GLN A 53 -4.54 2.79 -4.84
CA GLN A 53 -5.23 1.51 -5.01
C GLN A 53 -5.97 1.16 -3.72
N LYS A 54 -7.31 1.27 -3.77
CA LYS A 54 -8.24 0.92 -2.66
C LYS A 54 -7.91 -0.48 -2.06
N ALA A 55 -7.61 -1.42 -2.96
CA ALA A 55 -7.25 -2.81 -2.62
C ALA A 55 -6.03 -2.90 -1.65
N SER A 56 -5.12 -1.92 -1.70
CA SER A 56 -3.92 -1.88 -0.82
C SER A 56 -4.32 -1.61 0.65
N LEU A 57 -5.01 -0.48 0.89
CA LEU A 57 -5.35 -0.01 2.26
C LEU A 57 -6.51 -0.85 2.86
N ASN A 58 -7.61 -1.03 2.11
CA ASN A 58 -8.80 -1.78 2.58
C ASN A 58 -8.46 -3.21 3.03
N TRP A 59 -7.44 -3.81 2.41
CA TRP A 59 -6.98 -5.15 2.79
C TRP A 59 -6.01 -5.08 3.97
N HIS A 60 -5.12 -4.05 4.00
CA HIS A 60 -4.34 -3.66 5.22
C HIS A 60 -5.22 -3.57 6.50
N MET A 61 -6.46 -3.08 6.37
CA MET A 61 -7.45 -3.04 7.46
C MET A 61 -7.80 -4.46 7.95
N LYS A 62 -8.07 -5.34 6.99
CA LYS A 62 -8.31 -6.78 7.25
C LYS A 62 -7.07 -7.45 7.91
N LYS A 63 -5.87 -7.02 7.47
CA LYS A 63 -4.57 -7.45 8.04
C LYS A 63 -4.45 -7.05 9.52
N HIS A 64 -5.03 -5.87 9.88
CA HIS A 64 -4.97 -5.35 11.26
C HIS A 64 -6.32 -5.46 11.98
N ASP A 65 -7.17 -6.40 11.51
CA ASP A 65 -8.25 -6.97 12.35
C ASP A 65 -7.67 -7.52 13.68
N ALA A 66 -6.44 -8.05 13.59
CA ALA A 66 -5.66 -8.50 14.78
C ALA A 66 -4.90 -7.32 15.45
N ASP A 67 -4.54 -6.31 14.61
CA ASP A 67 -3.98 -4.99 14.99
C ASP A 67 -2.46 -5.00 15.21
N SER A 68 -2.00 -5.87 16.11
CA SER A 68 -0.63 -5.87 16.69
C SER A 68 0.53 -5.67 15.67
N PHE A 69 0.39 -6.18 14.44
CA PHE A 69 1.50 -6.22 13.45
C PHE A 69 1.32 -5.17 12.33
N TYR A 70 0.23 -4.36 12.38
CA TYR A 70 -0.11 -3.39 11.31
C TYR A 70 -0.87 -2.15 11.88
N GLN A 71 -0.55 -1.77 13.13
CA GLN A 71 -1.09 -0.52 13.74
C GLN A 71 -0.21 0.68 13.37
N PHE A 72 1.05 0.40 12.97
CA PHE A 72 2.04 1.40 12.60
C PHE A 72 2.77 0.78 11.42
N SER A 73 2.93 1.53 10.36
CA SER A 73 3.66 1.11 9.16
C SER A 73 4.12 2.33 8.36
N CYS A 74 5.21 2.13 7.62
CA CYS A 74 5.66 3.07 6.59
C CYS A 74 4.95 2.68 5.30
N ASN A 75 4.14 3.57 4.74
CA ASN A 75 3.41 3.25 3.48
C ASN A 75 4.40 3.11 2.29
N ILE A 76 5.62 3.65 2.45
CA ILE A 76 6.61 3.72 1.37
C ILE A 76 7.49 2.43 1.32
N CYS A 77 7.87 1.82 2.50
CA CYS A 77 8.73 0.60 2.50
C CYS A 77 8.47 -0.33 3.72
N GLY A 78 7.32 -0.11 4.38
CA GLY A 78 6.68 -1.09 5.28
C GLY A 78 7.56 -1.74 6.33
N LYS A 79 8.36 -0.94 7.04
CA LYS A 79 9.16 -1.45 8.18
C LYS A 79 8.25 -1.94 9.33
N LYS A 80 7.20 -1.14 9.67
CA LYS A 80 6.38 -1.30 10.89
C LYS A 80 7.25 -0.95 12.13
N PHE A 81 6.88 0.16 12.80
CA PHE A 81 7.59 0.69 13.98
C PHE A 81 6.74 0.54 15.24
N GLU A 82 7.35 0.75 16.41
CA GLU A 82 6.66 0.74 17.71
C GLU A 82 5.69 1.93 17.87
N LYS A 83 6.02 3.09 17.26
CA LYS A 83 5.17 4.27 17.30
C LYS A 83 5.16 4.96 15.94
N LYS A 84 4.07 5.71 15.70
CA LYS A 84 3.88 6.54 14.49
C LYS A 84 4.96 7.63 14.41
N ASP A 85 5.41 8.08 15.59
CA ASP A 85 6.48 9.09 15.72
C ASP A 85 7.77 8.61 15.05
N SER A 86 8.08 7.28 15.20
CA SER A 86 9.24 6.66 14.54
C SER A 86 9.04 6.55 13.01
N VAL A 87 7.77 6.41 12.57
CA VAL A 87 7.42 6.25 11.14
C VAL A 87 7.63 7.59 10.39
N VAL A 88 7.17 8.67 11.05
CA VAL A 88 7.24 10.05 10.54
C VAL A 88 8.69 10.53 10.57
N ALA A 89 9.40 10.13 11.64
CA ALA A 89 10.84 10.43 11.83
C ALA A 89 11.65 9.71 10.75
N HIS A 90 11.21 8.48 10.43
CA HIS A 90 11.85 7.62 9.41
C HIS A 90 11.58 8.14 7.99
N LYS A 91 10.35 8.59 7.75
CA LYS A 91 9.88 8.99 6.40
C LYS A 91 10.57 10.31 6.00
N ALA A 92 10.72 11.20 6.98
CA ALA A 92 11.41 12.48 6.81
C ALA A 92 12.92 12.28 6.54
N LYS A 93 13.48 11.18 7.07
CA LYS A 93 14.91 10.89 7.05
C LYS A 93 15.30 10.06 5.81
N SER A 94 14.49 9.02 5.53
CA SER A 94 14.78 7.97 4.54
C SER A 94 14.16 8.31 3.18
N HIS A 95 13.10 9.16 3.18
CA HIS A 95 12.34 9.51 1.96
C HIS A 95 12.16 11.06 1.76
N PRO A 96 13.25 11.92 1.85
CA PRO A 96 13.16 13.33 1.40
C PRO A 96 13.28 13.44 -0.14
N GLU A 97 14.14 12.62 -0.76
CA GLU A 97 14.31 12.55 -2.20
C GLU A 97 13.62 11.28 -2.70
N VAL A 98 12.40 11.47 -3.16
CA VAL A 98 11.63 10.42 -3.87
C VAL A 98 11.95 10.52 -5.39
ZN ZN B . 4.58 16.98 0.42
ZN ZN C . -4.70 0.91 9.28
ZN ZN D . 10.19 3.84 4.58
N HIS A 10 7.68 23.96 -15.43
CA HIS A 10 6.24 24.23 -15.39
C HIS A 10 5.60 23.88 -16.76
N MET A 11 4.94 22.71 -16.79
CA MET A 11 4.27 22.17 -18.00
C MET A 11 3.46 20.94 -17.56
N ARG A 12 4.12 20.09 -16.76
CA ARG A 12 3.53 18.91 -16.11
C ARG A 12 4.27 18.68 -14.78
N ASP A 13 4.62 19.80 -14.12
CA ASP A 13 5.51 19.82 -12.97
C ASP A 13 4.67 20.09 -11.72
N TYR A 14 4.05 19.03 -11.24
CA TYR A 14 3.20 19.07 -10.04
C TYR A 14 4.08 19.00 -8.79
N ILE A 15 4.24 20.16 -8.15
CA ILE A 15 5.20 20.37 -7.04
C ILE A 15 4.43 20.62 -5.72
N CYS A 16 5.09 20.37 -4.59
CA CYS A 16 4.53 20.42 -3.23
C CYS A 16 5.32 21.47 -2.41
N GLU A 17 5.66 22.56 -3.15
CA GLU A 17 6.52 23.71 -2.74
C GLU A 17 7.95 23.37 -2.17
N TYR A 18 8.08 22.28 -1.41
CA TYR A 18 9.28 21.99 -0.60
C TYR A 18 9.70 20.52 -0.78
N CYS A 19 8.72 19.63 -0.64
CA CYS A 19 8.95 18.17 -0.52
C CYS A 19 8.40 17.38 -1.73
N ALA A 20 8.39 17.99 -2.92
CA ALA A 20 8.16 17.27 -4.18
C ALA A 20 9.40 17.27 -5.07
N ARG A 21 9.58 16.12 -5.71
CA ARG A 21 10.47 15.94 -6.86
C ARG A 21 9.84 16.63 -8.10
N ALA A 22 9.44 15.88 -9.13
CA ALA A 22 8.50 16.34 -10.16
C ALA A 22 7.53 15.20 -10.43
N PHE A 23 6.23 15.47 -10.29
CA PHE A 23 5.16 14.49 -10.57
C PHE A 23 4.46 14.95 -11.85
N LYS A 24 4.17 14.02 -12.77
CA LYS A 24 3.57 14.39 -14.07
C LYS A 24 2.03 14.44 -14.01
N SER A 25 1.44 14.18 -12.82
CA SER A 25 -0.02 14.05 -12.67
C SER A 25 -0.45 14.59 -11.29
N SER A 26 -1.60 15.30 -11.27
CA SER A 26 -2.25 15.87 -10.05
C SER A 26 -2.33 14.87 -8.87
N HIS A 27 -2.95 13.71 -9.13
CA HIS A 27 -3.21 12.67 -8.11
C HIS A 27 -1.92 11.98 -7.65
N ASN A 28 -0.96 11.84 -8.57
CA ASN A 28 0.40 11.29 -8.29
C ASN A 28 1.06 12.01 -7.08
N LEU A 29 1.15 13.33 -7.20
CA LEU A 29 1.55 14.23 -6.11
C LEU A 29 0.64 14.11 -4.87
N ALA A 30 -0.69 14.09 -5.11
CA ALA A 30 -1.72 13.95 -4.04
C ALA A 30 -1.51 12.67 -3.17
N VAL A 31 -0.89 11.63 -3.77
CA VAL A 31 -0.53 10.38 -3.06
C VAL A 31 0.54 10.67 -1.97
N HIS A 32 1.63 11.36 -2.37
CA HIS A 32 2.70 11.80 -1.43
C HIS A 32 2.12 12.76 -0.38
N ARG A 33 1.23 13.63 -0.87
CA ARG A 33 0.59 14.69 -0.09
C ARG A 33 -0.37 14.14 1.01
N MET A 34 -0.43 12.79 1.17
CA MET A 34 -1.20 12.07 2.24
C MET A 34 -1.04 12.66 3.69
N ILE A 35 0.01 13.48 3.87
CA ILE A 35 0.32 14.19 5.10
C ILE A 35 -0.47 15.55 5.10
N HIS A 36 -0.21 16.41 4.09
CA HIS A 36 -0.73 17.83 4.04
C HIS A 36 -1.95 18.00 3.09
N THR A 37 -2.51 16.89 2.60
CA THR A 37 -3.54 16.88 1.53
C THR A 37 -4.81 17.69 1.90
N GLY A 38 -5.43 17.33 3.02
CA GLY A 38 -6.74 17.85 3.39
C GLY A 38 -7.89 17.08 2.73
N GLU A 39 -7.66 16.58 1.48
CA GLU A 39 -8.63 15.73 0.75
C GLU A 39 -8.73 14.33 1.37
N LYS A 40 -7.58 13.81 1.83
CA LYS A 40 -7.39 12.42 2.28
C LYS A 40 -7.51 11.40 1.12
N PRO A 41 -6.38 10.74 0.69
CA PRO A 41 -6.43 9.54 -0.20
C PRO A 41 -6.83 8.30 0.62
N LEU A 42 -6.63 7.11 0.06
CA LEU A 42 -7.01 5.83 0.69
C LEU A 42 -5.76 4.99 0.95
N GLN A 43 -5.34 4.96 2.23
CA GLN A 43 -4.03 4.42 2.65
C GLN A 43 -4.25 3.36 3.76
N CYS A 44 -3.45 2.28 3.72
CA CYS A 44 -3.53 1.16 4.68
C CYS A 44 -3.06 1.57 6.08
N GLU A 45 -4.01 1.71 7.00
CA GLU A 45 -3.77 2.05 8.41
C GLU A 45 -2.79 1.08 9.12
N ILE A 46 -2.72 -0.19 8.66
CA ILE A 46 -1.92 -1.24 9.30
C ILE A 46 -0.43 -1.01 9.00
N CYS A 47 -0.07 -0.96 7.72
CA CYS A 47 1.33 -0.77 7.31
C CYS A 47 1.42 0.37 6.28
N GLY A 48 1.26 0.03 5.00
CA GLY A 48 1.36 0.93 3.88
C GLY A 48 0.53 0.38 2.74
N PHE A 49 -0.10 1.25 1.91
CA PHE A 49 -0.70 0.90 0.62
C PHE A 49 -1.56 2.12 0.32
N THR A 50 -1.21 2.92 -0.68
CA THR A 50 -1.93 4.16 -0.93
C THR A 50 -2.54 4.09 -2.34
N CYS A 51 -3.77 4.52 -2.42
CA CYS A 51 -4.58 4.49 -3.64
C CYS A 51 -5.71 5.54 -3.55
N ARG A 52 -6.60 5.52 -4.55
CA ARG A 52 -7.83 6.33 -4.56
C ARG A 52 -9.04 5.42 -4.80
N GLN A 53 -8.80 4.09 -4.68
CA GLN A 53 -9.79 3.04 -4.93
C GLN A 53 -9.95 2.22 -3.64
N LYS A 54 -11.08 2.44 -2.95
CA LYS A 54 -11.41 1.81 -1.65
C LYS A 54 -11.39 0.28 -1.72
N ALA A 55 -11.75 -0.25 -2.89
CA ALA A 55 -11.68 -1.70 -3.18
C ALA A 55 -10.24 -2.26 -3.04
N SER A 56 -9.27 -1.49 -3.54
CA SER A 56 -7.86 -1.93 -3.66
C SER A 56 -7.23 -2.27 -2.28
N LEU A 57 -7.25 -1.29 -1.34
CA LEU A 57 -6.73 -1.49 0.02
C LEU A 57 -7.70 -2.33 0.88
N ASN A 58 -9.02 -2.30 0.58
CA ASN A 58 -10.04 -3.16 1.26
C ASN A 58 -9.63 -4.64 1.30
N TRP A 59 -9.15 -5.17 0.18
CA TRP A 59 -8.71 -6.57 0.11
C TRP A 59 -7.30 -6.73 0.70
N HIS A 60 -6.41 -5.75 0.45
CA HIS A 60 -5.09 -5.67 1.14
C HIS A 60 -5.17 -5.84 2.69
N MET A 61 -6.14 -5.20 3.38
CA MET A 61 -6.37 -5.43 4.83
C MET A 61 -7.02 -6.82 5.11
N LYS A 62 -7.88 -7.27 4.19
CA LYS A 62 -8.40 -8.68 4.17
C LYS A 62 -7.22 -9.70 4.06
N LYS A 63 -6.11 -9.26 3.44
CA LYS A 63 -4.86 -10.06 3.36
C LYS A 63 -4.16 -10.08 4.74
N HIS A 64 -4.24 -8.95 5.48
CA HIS A 64 -3.67 -8.83 6.86
C HIS A 64 -4.44 -9.72 7.85
N ASP A 65 -5.71 -10.05 7.54
CA ASP A 65 -6.64 -10.75 8.45
C ASP A 65 -6.08 -12.10 8.96
N ALA A 66 -5.23 -12.73 8.14
CA ALA A 66 -4.40 -13.88 8.57
C ALA A 66 -2.94 -13.42 8.71
N ASP A 67 -2.43 -12.83 7.62
CA ASP A 67 -0.98 -12.60 7.40
C ASP A 67 -0.25 -11.89 8.57
N SER A 68 -0.90 -10.88 9.17
CA SER A 68 -0.26 -10.01 10.19
C SER A 68 0.21 -10.82 11.43
N PHE A 69 -0.74 -11.32 12.23
CA PHE A 69 -0.45 -12.05 13.50
C PHE A 69 -1.37 -13.28 13.63
N TYR A 70 -2.51 -13.25 12.91
CA TYR A 70 -3.61 -14.23 13.05
C TYR A 70 -3.41 -15.34 12.00
N GLN A 71 -2.15 -15.80 11.90
CA GLN A 71 -1.62 -16.54 10.74
C GLN A 71 -1.64 -18.07 11.01
N PHE A 72 -2.15 -18.46 12.20
CA PHE A 72 -2.10 -19.83 12.69
C PHE A 72 -3.46 -20.14 13.30
N SER A 73 -3.97 -21.32 13.01
CA SER A 73 -5.24 -21.80 13.52
C SER A 73 -5.25 -23.32 13.40
N CYS A 74 -5.59 -23.98 14.48
CA CYS A 74 -5.87 -25.42 14.46
C CYS A 74 -7.15 -25.68 13.65
N ASN A 75 -7.05 -26.51 12.61
CA ASN A 75 -8.16 -26.78 11.66
C ASN A 75 -9.47 -27.22 12.36
N ILE A 76 -9.35 -27.85 13.55
CA ILE A 76 -10.49 -28.47 14.25
C ILE A 76 -10.95 -27.71 15.54
N CYS A 77 -10.06 -26.92 16.23
CA CYS A 77 -10.51 -26.16 17.45
C CYS A 77 -9.90 -24.75 17.54
N GLY A 78 -9.16 -24.33 16.50
CA GLY A 78 -8.62 -22.96 16.39
C GLY A 78 -7.85 -22.49 17.61
N LYS A 79 -6.99 -23.37 18.16
CA LYS A 79 -6.22 -23.11 19.39
C LYS A 79 -5.17 -21.97 19.22
N LYS A 80 -4.48 -21.91 18.05
CA LYS A 80 -3.36 -20.97 17.75
C LYS A 80 -2.05 -21.41 18.43
N PHE A 81 -1.03 -21.60 17.59
CA PHE A 81 0.35 -21.97 18.00
C PHE A 81 1.34 -21.10 17.20
N GLU A 82 2.49 -20.77 17.79
CA GLU A 82 3.48 -19.85 17.18
C GLU A 82 4.13 -20.42 15.90
N LYS A 83 4.06 -21.75 15.72
CA LYS A 83 4.58 -22.46 14.56
C LYS A 83 3.51 -23.45 14.08
N LYS A 84 3.37 -23.57 12.75
CA LYS A 84 2.47 -24.52 12.09
C LYS A 84 2.82 -25.97 12.48
N ASP A 85 4.11 -26.18 12.82
CA ASP A 85 4.62 -27.45 13.35
C ASP A 85 3.86 -27.86 14.62
N SER A 86 3.68 -26.92 15.57
CA SER A 86 2.96 -27.17 16.82
C SER A 86 1.46 -27.43 16.57
N VAL A 87 0.92 -26.85 15.48
CA VAL A 87 -0.50 -26.95 15.12
C VAL A 87 -0.82 -28.38 14.63
N VAL A 88 0.08 -28.90 13.78
CA VAL A 88 -0.02 -30.23 13.16
C VAL A 88 0.30 -31.30 14.22
N ALA A 89 1.30 -30.98 15.08
CA ALA A 89 1.73 -31.86 16.18
C ALA A 89 0.57 -32.04 17.17
N HIS A 90 -0.15 -30.94 17.40
CA HIS A 90 -1.33 -30.89 18.28
C HIS A 90 -2.53 -31.59 17.62
N LYS A 91 -2.71 -31.42 16.31
CA LYS A 91 -3.95 -31.84 15.59
C LYS A 91 -4.03 -33.36 15.46
N ALA A 92 -2.86 -33.97 15.23
CA ALA A 92 -2.72 -35.43 15.15
C ALA A 92 -2.93 -36.08 16.54
N LYS A 93 -2.58 -35.34 17.60
CA LYS A 93 -2.54 -35.84 18.98
C LYS A 93 -3.89 -35.65 19.69
N SER A 94 -4.44 -34.44 19.55
CA SER A 94 -5.64 -33.99 20.26
C SER A 94 -6.91 -34.37 19.48
N HIS A 95 -6.75 -34.66 18.17
CA HIS A 95 -7.87 -34.97 17.25
C HIS A 95 -7.45 -36.13 16.30
N PRO A 96 -7.07 -37.34 16.84
CA PRO A 96 -6.58 -38.47 16.01
C PRO A 96 -7.60 -38.94 14.94
N GLU A 97 -8.90 -38.98 15.32
CA GLU A 97 -10.00 -39.31 14.41
C GLU A 97 -11.22 -38.41 14.68
N VAL A 98 -11.35 -37.35 13.87
CA VAL A 98 -12.56 -36.49 13.84
C VAL A 98 -13.26 -36.70 12.47
ZN ZN B . 4.75 17.41 0.46
ZN ZN C . -0.98 -3.13 4.83
ZN ZN D . -7.10 -28.46 18.05
N HIS A 10 8.67 24.56 -20.31
CA HIS A 10 7.92 23.35 -19.92
C HIS A 10 7.03 23.61 -18.69
N MET A 11 5.93 22.84 -18.58
CA MET A 11 5.02 22.88 -17.42
C MET A 11 4.35 21.50 -17.26
N ARG A 12 4.89 20.70 -16.35
CA ARG A 12 4.37 19.36 -16.01
C ARG A 12 4.88 19.00 -14.60
N ASP A 13 5.00 20.06 -13.77
CA ASP A 13 5.78 20.04 -12.54
C ASP A 13 4.87 20.36 -11.37
N TYR A 14 4.22 19.32 -10.87
CA TYR A 14 3.25 19.42 -9.77
C TYR A 14 3.96 19.16 -8.45
N ILE A 15 4.05 20.24 -7.64
CA ILE A 15 4.91 20.32 -6.45
C ILE A 15 4.04 20.27 -5.19
N CYS A 16 4.58 19.65 -4.13
CA CYS A 16 3.94 19.56 -2.82
C CYS A 16 4.57 20.64 -1.91
N GLU A 17 4.70 21.85 -2.52
CA GLU A 17 5.41 23.08 -2.03
C GLU A 17 6.90 22.90 -1.64
N TYR A 18 7.23 21.78 -0.99
CA TYR A 18 8.49 21.56 -0.27
C TYR A 18 9.03 20.17 -0.62
N CYS A 19 8.11 19.19 -0.62
CA CYS A 19 8.44 17.76 -0.76
C CYS A 19 7.82 17.15 -2.03
N ALA A 20 8.10 17.80 -3.18
CA ALA A 20 8.01 17.16 -4.50
C ALA A 20 8.94 17.85 -5.52
N ARG A 21 9.79 17.05 -6.20
CA ARG A 21 10.62 17.55 -7.32
C ARG A 21 9.70 17.86 -8.51
N ALA A 22 8.94 16.86 -8.99
CA ALA A 22 7.78 17.06 -9.88
C ALA A 22 7.00 15.75 -10.07
N PHE A 23 5.69 15.80 -9.83
CA PHE A 23 4.76 14.69 -10.13
C PHE A 23 3.99 15.02 -11.41
N LYS A 24 3.47 13.97 -12.06
CA LYS A 24 2.65 14.08 -13.27
C LYS A 24 1.38 14.93 -13.04
N SER A 25 0.77 14.81 -11.84
CA SER A 25 -0.50 15.48 -11.51
C SER A 25 -0.54 15.90 -10.03
N SER A 26 -1.36 16.93 -9.74
CA SER A 26 -1.69 17.36 -8.37
C SER A 26 -2.34 16.22 -7.54
N HIS A 27 -3.14 15.37 -8.22
CA HIS A 27 -3.77 14.18 -7.60
C HIS A 27 -2.73 13.06 -7.37
N ASN A 28 -1.74 12.99 -8.29
CA ASN A 28 -0.59 12.05 -8.20
C ASN A 28 0.27 12.31 -6.94
N LEU A 29 0.65 13.58 -6.75
CA LEU A 29 1.41 14.04 -5.54
C LEU A 29 0.58 13.86 -4.27
N ALA A 30 -0.75 14.03 -4.42
CA ALA A 30 -1.73 13.84 -3.31
C ALA A 30 -1.60 12.45 -2.64
N VAL A 31 -1.11 11.46 -3.42
CA VAL A 31 -0.84 10.10 -2.94
C VAL A 31 0.28 10.08 -1.87
N HIS A 32 1.41 10.77 -2.15
CA HIS A 32 2.53 10.92 -1.18
C HIS A 32 2.06 11.80 -0.01
N ARG A 33 1.25 12.81 -0.37
CA ARG A 33 0.71 13.82 0.52
C ARG A 33 -0.23 13.22 1.61
N MET A 34 -0.48 11.88 1.56
CA MET A 34 -1.32 11.10 2.55
C MET A 34 -1.07 11.42 4.06
N ILE A 35 0.06 12.07 4.34
CA ILE A 35 0.47 12.53 5.66
C ILE A 35 -0.14 13.94 5.95
N HIS A 36 0.03 14.91 5.02
CA HIS A 36 -0.46 16.33 5.13
C HIS A 36 -1.71 16.62 4.26
N THR A 37 -2.35 15.55 3.71
CA THR A 37 -3.29 15.63 2.56
C THR A 37 -4.51 16.55 2.76
N GLY A 38 -5.30 16.34 3.83
CA GLY A 38 -6.58 17.06 4.01
C GLY A 38 -7.61 16.66 2.96
N GLU A 39 -7.58 15.36 2.61
CA GLU A 39 -8.31 14.76 1.45
C GLU A 39 -8.43 13.25 1.74
N LYS A 40 -7.24 12.64 1.91
CA LYS A 40 -7.02 11.21 2.19
C LYS A 40 -7.20 10.35 0.93
N PRO A 41 -6.06 9.99 0.21
CA PRO A 41 -6.06 8.92 -0.80
C PRO A 41 -6.25 7.53 -0.14
N LEU A 42 -6.43 6.49 -0.95
CA LEU A 42 -6.84 5.17 -0.48
C LEU A 42 -5.59 4.35 -0.14
N GLN A 43 -5.64 3.62 0.97
CA GLN A 43 -4.47 2.94 1.52
C GLN A 43 -4.85 1.53 2.02
N CYS A 44 -4.00 0.55 1.70
CA CYS A 44 -4.15 -0.84 2.17
C CYS A 44 -3.85 -0.90 3.67
N GLU A 45 -4.91 -1.06 4.47
CA GLU A 45 -4.82 -1.11 5.95
C GLU A 45 -4.38 -2.50 6.47
N ILE A 46 -3.81 -3.33 5.58
CA ILE A 46 -3.33 -4.69 5.90
C ILE A 46 -1.84 -4.56 6.22
N CYS A 47 -1.11 -3.99 5.24
CA CYS A 47 0.29 -3.64 5.39
C CYS A 47 0.31 -2.11 5.24
N GLY A 48 0.82 -1.60 4.14
CA GLY A 48 0.47 -0.28 3.62
C GLY A 48 0.59 -0.31 2.10
N PHE A 49 -0.05 0.62 1.36
CA PHE A 49 -0.02 0.67 -0.11
C PHE A 49 -1.00 1.78 -0.43
N THR A 50 -0.53 2.90 -0.93
CA THR A 50 -1.38 4.07 -1.09
C THR A 50 -1.43 4.45 -2.57
N CYS A 51 -2.62 4.73 -3.04
CA CYS A 51 -2.89 5.15 -4.41
C CYS A 51 -4.20 5.92 -4.50
N ARG A 52 -4.30 6.71 -5.57
CA ARG A 52 -5.50 7.49 -5.91
C ARG A 52 -6.57 6.61 -6.59
N GLN A 53 -6.15 5.48 -7.15
CA GLN A 53 -7.01 4.57 -7.92
C GLN A 53 -7.45 3.42 -7.00
N LYS A 54 -8.77 3.34 -6.73
CA LYS A 54 -9.36 2.26 -5.93
C LYS A 54 -9.02 0.86 -6.48
N ALA A 55 -8.92 0.76 -7.82
CA ALA A 55 -8.53 -0.48 -8.52
C ALA A 55 -7.16 -1.01 -8.02
N SER A 56 -6.19 -0.10 -7.79
CA SER A 56 -4.81 -0.46 -7.43
C SER A 56 -4.74 -1.32 -6.15
N LEU A 57 -5.31 -0.81 -5.04
CA LEU A 57 -5.36 -1.54 -3.75
C LEU A 57 -6.45 -2.64 -3.76
N ASN A 58 -7.51 -2.45 -4.58
CA ASN A 58 -8.58 -3.49 -4.80
C ASN A 58 -8.00 -4.86 -5.17
N TRP A 59 -7.05 -4.90 -6.10
CA TRP A 59 -6.40 -6.15 -6.53
C TRP A 59 -5.31 -6.54 -5.51
N HIS A 60 -4.47 -5.54 -5.12
CA HIS A 60 -3.41 -5.68 -4.10
C HIS A 60 -3.83 -6.43 -2.79
N MET A 61 -5.02 -6.14 -2.24
CA MET A 61 -5.56 -6.89 -1.06
C MET A 61 -5.78 -8.37 -1.39
N LYS A 62 -6.30 -8.65 -2.60
CA LYS A 62 -6.48 -10.04 -3.08
C LYS A 62 -5.11 -10.74 -3.36
N LYS A 63 -4.07 -9.93 -3.63
CA LYS A 63 -2.67 -10.44 -3.73
C LYS A 63 -2.20 -11.02 -2.38
N HIS A 64 -2.73 -10.48 -1.26
CA HIS A 64 -2.43 -10.93 0.12
C HIS A 64 -3.05 -12.33 0.43
N ASP A 65 -3.90 -12.84 -0.49
CA ASP A 65 -4.57 -14.15 -0.32
C ASP A 65 -3.51 -15.26 -0.23
N ALA A 66 -2.60 -15.32 -1.21
CA ALA A 66 -1.45 -16.24 -1.21
C ALA A 66 -0.12 -15.51 -0.93
N ASP A 67 -0.14 -14.15 -0.99
CA ASP A 67 1.08 -13.28 -0.95
C ASP A 67 2.04 -13.67 -2.09
N SER A 68 1.46 -13.90 -3.27
CA SER A 68 2.15 -14.49 -4.40
C SER A 68 3.16 -13.50 -5.02
N PHE A 69 2.66 -12.37 -5.56
CA PHE A 69 3.49 -11.32 -6.21
C PHE A 69 4.46 -10.61 -5.22
N TYR A 70 4.34 -10.92 -3.91
CA TYR A 70 5.33 -10.52 -2.88
C TYR A 70 6.64 -11.34 -3.05
N GLN A 71 6.48 -12.60 -3.47
CA GLN A 71 7.56 -13.59 -3.57
C GLN A 71 7.85 -13.96 -5.04
N PHE A 72 7.30 -13.20 -6.00
CA PHE A 72 7.49 -13.44 -7.44
C PHE A 72 7.77 -12.08 -8.11
N SER A 73 8.77 -12.07 -9.00
CA SER A 73 9.18 -10.90 -9.79
C SER A 73 9.91 -11.36 -11.06
N CYS A 74 10.11 -10.41 -11.98
CA CYS A 74 11.08 -10.56 -13.05
C CYS A 74 12.37 -9.84 -12.61
N ASN A 75 13.47 -10.57 -12.62
CA ASN A 75 14.80 -10.05 -12.22
C ASN A 75 15.31 -8.90 -13.13
N ILE A 76 14.76 -8.79 -14.36
CA ILE A 76 15.23 -7.79 -15.35
C ILE A 76 14.26 -6.58 -15.49
N CYS A 77 12.91 -6.78 -15.42
CA CYS A 77 11.95 -5.65 -15.61
C CYS A 77 10.83 -5.62 -14.57
N GLY A 78 10.99 -6.42 -13.47
CA GLY A 78 10.08 -6.37 -12.30
C GLY A 78 8.59 -6.46 -12.63
N LYS A 79 8.27 -7.21 -13.71
CA LYS A 79 6.92 -7.33 -14.25
C LYS A 79 5.92 -7.99 -13.26
N LYS A 80 6.41 -8.97 -12.45
CA LYS A 80 5.60 -9.72 -11.45
C LYS A 80 4.69 -10.74 -12.17
N PHE A 81 4.95 -12.03 -11.89
CA PHE A 81 4.23 -13.16 -12.52
C PHE A 81 3.60 -14.07 -11.48
N GLU A 82 2.54 -14.77 -11.89
CA GLU A 82 1.87 -15.82 -11.12
C GLU A 82 2.82 -17.00 -10.83
N LYS A 83 3.60 -17.37 -11.86
CA LYS A 83 4.47 -18.56 -11.83
C LYS A 83 5.92 -18.11 -12.07
N LYS A 84 6.86 -18.78 -11.41
CA LYS A 84 8.29 -18.69 -11.74
C LYS A 84 8.52 -19.27 -13.14
N ASP A 85 7.68 -20.27 -13.49
CA ASP A 85 7.57 -20.82 -14.85
C ASP A 85 7.30 -19.70 -15.88
N SER A 86 6.34 -18.80 -15.55
CA SER A 86 6.02 -17.64 -16.39
C SER A 86 7.23 -16.68 -16.53
N VAL A 87 8.07 -16.58 -15.48
CA VAL A 87 9.21 -15.62 -15.44
C VAL A 87 10.36 -16.13 -16.33
N VAL A 88 10.64 -17.43 -16.20
CA VAL A 88 11.76 -18.12 -16.89
C VAL A 88 11.45 -18.23 -18.39
N ALA A 89 10.16 -18.47 -18.68
CA ALA A 89 9.65 -18.55 -20.06
C ALA A 89 9.70 -17.17 -20.71
N HIS A 90 9.39 -16.14 -19.89
CA HIS A 90 9.41 -14.72 -20.31
C HIS A 90 10.84 -14.19 -20.47
N LYS A 91 11.77 -14.68 -19.64
CA LYS A 91 13.16 -14.22 -19.62
C LYS A 91 13.93 -14.73 -20.85
N ALA A 92 13.74 -16.04 -21.14
CA ALA A 92 14.37 -16.71 -22.28
C ALA A 92 13.83 -16.17 -23.63
N LYS A 93 12.64 -15.55 -23.59
CA LYS A 93 11.92 -15.06 -24.77
C LYS A 93 12.11 -13.53 -24.98
N SER A 94 11.87 -12.76 -23.90
CA SER A 94 11.77 -11.28 -23.94
C SER A 94 13.07 -10.61 -23.51
N HIS A 95 14.05 -11.42 -23.07
CA HIS A 95 15.38 -10.96 -22.62
C HIS A 95 16.51 -11.90 -23.17
N PRO A 96 16.61 -12.11 -24.54
CA PRO A 96 17.71 -12.90 -25.16
C PRO A 96 19.12 -12.37 -24.79
N GLU A 97 19.29 -11.02 -24.85
CA GLU A 97 20.56 -10.34 -24.58
C GLU A 97 20.30 -9.08 -23.75
N VAL A 98 20.46 -9.21 -22.42
CA VAL A 98 20.43 -8.10 -21.46
C VAL A 98 21.03 -8.57 -20.10
ZN ZN B . 4.50 16.47 0.74
ZN ZN C . -1.06 -4.63 1.45
ZN ZN D . 11.20 -9.16 -17.77
N HIS A 10 4.61 26.49 -19.11
CA HIS A 10 3.83 25.58 -18.25
C HIS A 10 4.68 24.36 -17.87
N MET A 11 4.39 23.79 -16.69
CA MET A 11 5.11 22.61 -16.16
C MET A 11 4.15 21.41 -16.09
N ARG A 12 4.59 20.27 -16.65
CA ARG A 12 3.85 18.97 -16.58
C ARG A 12 4.28 18.20 -15.31
N ASP A 13 4.91 18.92 -14.39
CA ASP A 13 5.64 18.37 -13.25
C ASP A 13 5.25 19.17 -12.00
N TYR A 14 4.24 18.65 -11.31
CA TYR A 14 3.71 19.18 -10.05
C TYR A 14 4.62 18.77 -8.89
N ILE A 15 5.26 19.75 -8.27
CA ILE A 15 6.23 19.54 -7.21
C ILE A 15 5.66 20.02 -5.87
N CYS A 16 5.80 19.20 -4.82
CA CYS A 16 5.72 19.68 -3.44
C CYS A 16 7.09 20.32 -3.14
N GLU A 17 7.14 21.64 -3.16
CA GLU A 17 8.40 22.44 -3.14
C GLU A 17 9.29 22.14 -1.90
N TYR A 18 8.70 21.48 -0.88
CA TYR A 18 9.36 21.29 0.42
C TYR A 18 9.81 19.84 0.59
N CYS A 19 8.95 18.90 0.12
CA CYS A 19 9.22 17.46 0.23
C CYS A 19 8.74 16.69 -1.02
N ALA A 20 9.11 17.18 -2.23
CA ALA A 20 9.03 16.37 -3.46
C ALA A 20 10.00 16.85 -4.54
N ARG A 21 10.46 15.87 -5.34
CA ARG A 21 11.21 16.11 -6.58
C ARG A 21 10.28 16.66 -7.70
N ALA A 22 9.39 15.81 -8.27
CA ALA A 22 8.33 16.23 -9.22
C ALA A 22 7.38 15.05 -9.48
N PHE A 23 6.13 15.34 -9.86
CA PHE A 23 5.12 14.32 -10.23
C PHE A 23 4.46 14.72 -11.55
N LYS A 24 4.15 13.74 -12.41
CA LYS A 24 3.60 14.02 -13.75
C LYS A 24 2.13 14.50 -13.69
N SER A 25 1.50 14.46 -12.51
CA SER A 25 0.12 14.93 -12.30
C SER A 25 -0.07 15.46 -10.86
N SER A 26 -1.03 16.40 -10.69
CA SER A 26 -1.43 16.93 -9.36
C SER A 26 -2.00 15.82 -8.46
N HIS A 27 -2.70 14.84 -9.06
CA HIS A 27 -3.24 13.68 -8.33
C HIS A 27 -2.11 12.70 -7.95
N ASN A 28 -1.14 12.55 -8.86
CA ASN A 28 0.10 11.77 -8.61
C ASN A 28 0.83 12.30 -7.36
N LEU A 29 0.95 13.62 -7.33
CA LEU A 29 1.45 14.38 -6.18
C LEU A 29 0.55 14.23 -4.95
N ALA A 30 -0.79 14.21 -5.14
CA ALA A 30 -1.78 14.00 -4.05
C ALA A 30 -1.51 12.70 -3.24
N VAL A 31 -0.89 11.71 -3.91
CA VAL A 31 -0.47 10.42 -3.31
C VAL A 31 0.62 10.65 -2.22
N HIS A 32 1.61 11.52 -2.52
CA HIS A 32 2.60 12.01 -1.54
C HIS A 32 1.92 12.95 -0.54
N ARG A 33 1.11 13.84 -1.09
CA ARG A 33 0.49 14.96 -0.38
C ARG A 33 -0.60 14.46 0.58
N MET A 34 -0.74 13.13 0.70
CA MET A 34 -1.59 12.43 1.72
C MET A 34 -1.46 13.03 3.16
N ILE A 35 -0.33 13.72 3.40
CA ILE A 35 -0.01 14.38 4.64
C ILE A 35 -0.67 15.79 4.68
N HIS A 36 -0.54 16.57 3.59
CA HIS A 36 -0.99 18.01 3.55
C HIS A 36 -2.34 18.19 2.82
N THR A 37 -2.82 17.14 2.13
CA THR A 37 -3.73 17.28 0.95
C THR A 37 -5.07 18.01 1.24
N GLY A 38 -5.71 17.70 2.37
CA GLY A 38 -6.99 18.32 2.72
C GLY A 38 -8.12 17.88 1.79
N GLU A 39 -8.12 16.58 1.43
CA GLU A 39 -9.02 16.03 0.39
C GLU A 39 -9.66 14.75 0.96
N LYS A 40 -8.90 13.62 0.90
CA LYS A 40 -9.30 12.26 1.32
C LYS A 40 -8.30 11.22 0.72
N PRO A 41 -7.23 10.83 1.49
CA PRO A 41 -6.29 9.75 1.10
C PRO A 41 -6.67 8.41 1.77
N LEU A 42 -5.69 7.49 1.96
CA LEU A 42 -5.92 6.25 2.73
C LEU A 42 -5.50 6.54 4.16
N GLN A 43 -6.42 7.13 4.92
CA GLN A 43 -6.13 7.65 6.26
C GLN A 43 -6.99 6.93 7.29
N CYS A 44 -6.37 6.55 8.41
CA CYS A 44 -7.07 6.05 9.57
C CYS A 44 -7.88 7.19 10.22
N GLU A 45 -9.20 7.14 10.04
CA GLU A 45 -10.14 8.13 10.59
C GLU A 45 -10.64 7.60 11.96
N ILE A 46 -9.65 7.27 12.81
CA ILE A 46 -9.84 6.68 14.16
C ILE A 46 -8.93 7.44 15.17
N CYS A 47 -8.07 8.33 14.64
CA CYS A 47 -6.97 8.94 15.38
C CYS A 47 -6.33 9.89 14.36
N GLY A 48 -5.09 9.68 14.01
CA GLY A 48 -4.48 10.23 12.81
C GLY A 48 -3.39 9.27 12.35
N PHE A 49 -3.28 8.92 11.04
CA PHE A 49 -2.26 8.02 10.52
C PHE A 49 -2.63 7.94 9.05
N THR A 50 -1.77 8.36 8.15
CA THR A 50 -2.10 8.38 6.74
C THR A 50 -1.06 7.59 5.95
N CYS A 51 -1.55 6.98 4.88
CA CYS A 51 -0.76 6.24 3.92
C CYS A 51 -1.41 6.33 2.53
N ARG A 52 -0.75 5.70 1.57
CA ARG A 52 -1.18 5.58 0.18
C ARG A 52 -1.19 4.08 -0.20
N GLN A 53 -1.31 3.26 0.85
CA GLN A 53 -1.09 1.80 0.81
C GLN A 53 -2.05 1.13 1.80
N LYS A 54 -2.94 0.27 1.27
CA LYS A 54 -4.01 -0.40 2.03
C LYS A 54 -3.49 -1.16 3.27
N ALA A 55 -2.42 -1.95 3.08
CA ALA A 55 -1.79 -2.76 4.15
C ALA A 55 -1.30 -1.90 5.35
N SER A 56 -0.83 -0.67 5.06
CA SER A 56 -0.26 0.23 6.08
C SER A 56 -1.31 0.64 7.16
N LEU A 57 -2.46 1.21 6.75
CA LEU A 57 -3.53 1.58 7.69
C LEU A 57 -4.32 0.33 8.14
N ASN A 58 -4.36 -0.73 7.30
CA ASN A 58 -4.97 -2.04 7.65
C ASN A 58 -4.38 -2.67 8.92
N TRP A 59 -3.05 -2.75 9.04
CA TRP A 59 -2.45 -3.40 10.23
C TRP A 59 -2.48 -2.41 11.41
N HIS A 60 -2.34 -1.12 11.09
CA HIS A 60 -2.62 -0.02 12.02
C HIS A 60 -4.05 -0.03 12.66
N MET A 61 -5.11 -0.40 11.91
CA MET A 61 -6.47 -0.54 12.52
C MET A 61 -6.54 -1.84 13.35
N LYS A 62 -5.78 -2.85 12.92
CA LYS A 62 -5.51 -4.07 13.73
C LYS A 62 -4.77 -3.73 15.05
N LYS A 63 -3.99 -2.62 15.04
CA LYS A 63 -3.38 -2.03 16.27
C LYS A 63 -4.49 -1.54 17.25
N HIS A 64 -5.51 -0.85 16.70
CA HIS A 64 -6.73 -0.46 17.46
C HIS A 64 -7.55 -1.70 17.88
N ASP A 65 -7.48 -2.75 17.04
CA ASP A 65 -8.25 -4.00 17.24
C ASP A 65 -7.50 -4.88 18.28
N ALA A 66 -6.19 -4.60 18.44
CA ALA A 66 -5.34 -5.25 19.43
C ALA A 66 -5.71 -4.83 20.85
N ASP A 67 -6.11 -3.53 20.99
CA ASP A 67 -6.62 -2.93 22.26
C ASP A 67 -5.46 -2.53 23.21
N SER A 68 -4.39 -3.33 23.20
CA SER A 68 -3.20 -3.14 24.06
C SER A 68 -2.38 -1.92 23.61
N PHE A 69 -2.30 -1.70 22.29
CA PHE A 69 -1.64 -0.52 21.69
C PHE A 69 -2.34 0.77 22.14
N TYR A 70 -3.68 0.75 22.12
CA TYR A 70 -4.50 1.95 22.36
C TYR A 70 -4.92 2.02 23.84
N GLN A 71 -3.92 2.20 24.69
CA GLN A 71 -4.10 2.52 26.11
C GLN A 71 -3.90 4.01 26.31
N PHE A 72 -2.93 4.56 25.55
CA PHE A 72 -2.57 5.96 25.53
C PHE A 72 -2.08 6.24 24.12
N SER A 73 -2.55 7.33 23.55
CA SER A 73 -2.12 7.84 22.26
C SER A 73 -2.55 9.28 22.15
N CYS A 74 -1.63 10.15 21.75
CA CYS A 74 -1.96 11.50 21.30
C CYS A 74 -2.62 11.38 19.93
N ASN A 75 -3.84 11.89 19.82
CA ASN A 75 -4.65 11.87 18.57
C ASN A 75 -3.92 12.56 17.40
N ILE A 76 -3.04 13.51 17.73
CA ILE A 76 -2.33 14.34 16.75
C ILE A 76 -0.93 13.75 16.39
N CYS A 77 -0.07 13.43 17.40
CA CYS A 77 1.34 13.02 17.12
C CYS A 77 1.73 11.71 17.82
N GLY A 78 0.72 10.98 18.38
CA GLY A 78 0.92 9.62 18.93
C GLY A 78 2.11 9.48 19.87
N LYS A 79 2.30 10.48 20.74
CA LYS A 79 3.42 10.54 21.68
C LYS A 79 3.37 9.41 22.76
N LYS A 80 2.15 9.11 23.32
CA LYS A 80 1.94 8.12 24.42
C LYS A 80 2.48 8.66 25.76
N PHE A 81 1.58 8.75 26.75
CA PHE A 81 1.87 9.28 28.11
C PHE A 81 1.45 8.28 29.21
N GLU A 82 1.99 8.48 30.43
CA GLU A 82 1.73 7.58 31.58
C GLU A 82 0.28 7.64 32.11
N LYS A 83 -0.45 8.72 31.77
CA LYS A 83 -1.85 8.87 32.11
C LYS A 83 -2.53 9.66 30.98
N LYS A 84 -3.81 9.35 30.75
CA LYS A 84 -4.61 10.01 29.71
C LYS A 84 -4.79 11.51 30.01
N ASP A 85 -4.70 11.86 31.31
CA ASP A 85 -4.70 13.26 31.77
C ASP A 85 -3.51 14.03 31.18
N SER A 86 -2.34 13.36 31.08
CA SER A 86 -1.13 13.94 30.48
C SER A 86 -1.30 14.13 28.96
N VAL A 87 -2.11 13.26 28.32
CA VAL A 87 -2.32 13.27 26.84
C VAL A 87 -3.18 14.49 26.44
N VAL A 88 -4.25 14.70 27.23
CA VAL A 88 -5.23 15.79 27.04
C VAL A 88 -4.58 17.12 27.41
N ALA A 89 -3.75 17.09 28.48
CA ALA A 89 -2.99 18.25 28.94
C ALA A 89 -1.96 18.64 27.89
N HIS A 90 -1.37 17.62 27.24
CA HIS A 90 -0.35 17.77 26.17
C HIS A 90 -0.98 18.31 24.88
N LYS A 91 -2.25 17.96 24.63
CA LYS A 91 -2.97 18.44 23.43
C LYS A 91 -3.28 19.93 23.59
N ALA A 92 -3.62 20.30 24.83
CA ALA A 92 -3.88 21.68 25.23
C ALA A 92 -2.57 22.50 25.32
N LYS A 93 -1.45 21.83 25.59
CA LYS A 93 -0.14 22.45 25.83
C LYS A 93 0.63 22.64 24.52
N SER A 94 0.75 21.53 23.76
CA SER A 94 1.65 21.41 22.63
C SER A 94 0.92 21.67 21.30
N HIS A 95 -0.44 21.61 21.34
CA HIS A 95 -1.28 21.79 20.13
C HIS A 95 -2.50 22.74 20.37
N PRO A 96 -2.42 23.87 21.18
CA PRO A 96 -3.62 24.65 21.58
C PRO A 96 -4.28 25.37 20.37
N GLU A 97 -3.44 25.80 19.41
CA GLU A 97 -3.88 26.35 18.12
C GLU A 97 -3.02 25.69 17.05
N VAL A 98 -3.53 24.60 16.45
CA VAL A 98 -2.84 23.85 15.41
C VAL A 98 -3.64 23.98 14.08
ZN ZN B . 5.08 17.38 0.81
ZN ZN C . -5.32 4.98 13.98
ZN ZN D . 0.84 15.45 20.46
N HIS A 10 7.60 24.13 -20.30
CA HIS A 10 6.95 22.85 -20.01
C HIS A 10 6.10 22.95 -18.71
N MET A 11 4.78 23.19 -18.85
CA MET A 11 3.85 23.23 -17.70
C MET A 11 3.39 21.79 -17.38
N ARG A 12 4.17 21.09 -16.53
CA ARG A 12 3.93 19.68 -16.15
C ARG A 12 4.77 19.34 -14.90
N ASP A 13 4.82 20.28 -13.95
CA ASP A 13 5.72 20.20 -12.78
C ASP A 13 4.91 20.49 -11.51
N TYR A 14 4.28 19.45 -11.01
CA TYR A 14 3.40 19.47 -9.84
C TYR A 14 4.20 19.06 -8.62
N ILE A 15 4.31 19.99 -7.66
CA ILE A 15 5.21 19.87 -6.52
C ILE A 15 4.39 20.04 -5.23
N CYS A 16 4.89 19.51 -4.11
CA CYS A 16 4.29 19.65 -2.77
C CYS A 16 4.88 20.90 -2.06
N GLU A 17 5.59 21.72 -2.86
CA GLU A 17 6.07 23.06 -2.53
C GLU A 17 7.46 23.00 -1.87
N TYR A 18 7.69 21.99 -1.00
CA TYR A 18 8.96 21.84 -0.26
C TYR A 18 9.39 20.37 -0.22
N CYS A 19 8.45 19.51 0.23
CA CYS A 19 8.65 18.06 0.32
C CYS A 19 8.01 17.34 -0.88
N ALA A 20 8.62 17.52 -2.07
CA ALA A 20 8.37 16.64 -3.23
C ALA A 20 9.59 16.50 -4.14
N ARG A 21 9.39 15.84 -5.30
CA ARG A 21 10.38 15.68 -6.37
C ARG A 21 9.85 16.51 -7.58
N ALA A 22 9.31 15.83 -8.62
CA ALA A 22 8.43 16.45 -9.63
C ALA A 22 7.39 15.42 -10.05
N PHE A 23 6.12 15.84 -10.12
CA PHE A 23 5.00 15.00 -10.60
C PHE A 23 4.39 15.62 -11.84
N LYS A 24 3.57 14.83 -12.55
CA LYS A 24 2.84 15.27 -13.76
C LYS A 24 1.35 15.53 -13.43
N SER A 25 1.02 15.54 -12.13
CA SER A 25 -0.37 15.65 -11.63
C SER A 25 -0.37 15.90 -10.11
N SER A 26 -1.27 16.79 -9.65
CA SER A 26 -1.44 17.15 -8.23
C SER A 26 -2.13 16.01 -7.45
N HIS A 27 -3.10 15.36 -8.12
CA HIS A 27 -3.83 14.19 -7.57
C HIS A 27 -2.90 12.96 -7.49
N ASN A 28 -2.00 12.84 -8.48
CA ASN A 28 -0.91 11.84 -8.46
C ASN A 28 -0.02 12.06 -7.21
N LEU A 29 0.45 13.30 -7.10
CA LEU A 29 1.29 13.78 -5.98
C LEU A 29 0.64 13.54 -4.60
N ALA A 30 -0.70 13.55 -4.56
CA ALA A 30 -1.49 13.25 -3.34
C ALA A 30 -1.10 11.91 -2.66
N VAL A 31 -0.53 10.95 -3.44
CA VAL A 31 0.04 9.72 -2.85
C VAL A 31 1.08 10.04 -1.73
N HIS A 32 2.02 10.95 -2.01
CA HIS A 32 2.97 11.46 -1.00
C HIS A 32 2.23 12.44 -0.09
N ARG A 33 1.49 13.34 -0.74
CA ARG A 33 0.80 14.46 -0.13
C ARG A 33 -0.48 13.96 0.58
N MET A 34 -0.36 12.81 1.29
CA MET A 34 -1.51 12.02 1.71
C MET A 34 -2.35 12.77 2.77
N ILE A 35 -1.76 13.19 3.91
CA ILE A 35 -2.42 14.12 4.83
C ILE A 35 -2.62 15.58 4.34
N HIS A 36 -1.79 16.14 3.40
CA HIS A 36 -1.72 17.62 3.31
C HIS A 36 -2.95 18.14 2.52
N THR A 37 -3.36 17.32 1.52
CA THR A 37 -4.32 17.73 0.46
C THR A 37 -5.78 17.90 1.00
N GLY A 38 -6.17 17.04 1.94
CA GLY A 38 -7.52 17.07 2.53
C GLY A 38 -8.41 15.96 1.97
N GLU A 39 -8.17 15.57 0.69
CA GLU A 39 -8.78 14.38 0.03
C GLU A 39 -8.76 13.10 0.89
N LYS A 40 -7.63 12.89 1.62
CA LYS A 40 -7.39 11.70 2.45
C LYS A 40 -7.45 10.39 1.62
N PRO A 41 -6.31 9.94 0.98
CA PRO A 41 -6.22 8.57 0.41
C PRO A 41 -6.10 7.51 1.52
N LEU A 42 -5.99 6.24 1.12
CA LEU A 42 -5.92 5.10 2.05
C LEU A 42 -4.52 4.49 1.94
N GLN A 43 -3.87 4.27 3.08
CA GLN A 43 -2.48 3.80 3.14
C GLN A 43 -2.42 2.37 3.70
N CYS A 44 -1.57 1.55 3.08
CA CYS A 44 -1.36 0.15 3.47
C CYS A 44 -0.78 0.07 4.89
N GLU A 45 -1.55 -0.55 5.80
CA GLU A 45 -1.27 -0.58 7.25
C GLU A 45 -0.19 -1.64 7.61
N ILE A 46 0.77 -1.86 6.70
CA ILE A 46 1.79 -2.92 6.78
C ILE A 46 3.18 -2.30 6.46
N CYS A 47 3.15 -1.02 6.05
CA CYS A 47 4.23 -0.35 5.31
C CYS A 47 3.65 1.03 4.95
N GLY A 48 3.87 1.53 3.76
CA GLY A 48 3.24 2.75 3.25
C GLY A 48 2.98 2.57 1.76
N PHE A 49 1.79 2.93 1.24
CA PHE A 49 1.37 2.66 -0.13
C PHE A 49 -0.02 3.26 -0.18
N THR A 50 -0.22 4.29 -0.98
CA THR A 50 -1.40 5.12 -0.92
C THR A 50 -2.22 4.99 -2.21
N CYS A 51 -3.52 4.75 -2.04
CA CYS A 51 -4.46 4.58 -3.15
C CYS A 51 -5.86 5.06 -2.74
N ARG A 52 -6.64 5.52 -3.73
CA ARG A 52 -8.00 6.02 -3.54
C ARG A 52 -8.99 4.85 -3.44
N GLN A 53 -8.64 3.75 -4.13
CA GLN A 53 -9.48 2.55 -4.24
C GLN A 53 -9.08 1.57 -3.13
N LYS A 54 -10.00 1.37 -2.16
CA LYS A 54 -9.78 0.54 -0.95
C LYS A 54 -9.31 -0.89 -1.29
N ALA A 55 -9.81 -1.43 -2.40
CA ALA A 55 -9.40 -2.74 -2.92
C ALA A 55 -7.90 -2.75 -3.31
N SER A 56 -7.46 -1.73 -4.08
CA SER A 56 -6.07 -1.69 -4.66
C SER A 56 -4.97 -1.90 -3.60
N LEU A 57 -5.03 -1.13 -2.50
CA LEU A 57 -4.05 -1.27 -1.39
C LEU A 57 -4.31 -2.56 -0.59
N ASN A 58 -5.59 -2.97 -0.48
CA ASN A 58 -5.99 -4.27 0.15
C ASN A 58 -5.33 -5.47 -0.55
N TRP A 59 -5.22 -5.38 -1.89
CA TRP A 59 -4.68 -6.48 -2.72
C TRP A 59 -3.16 -6.44 -2.63
N HIS A 60 -2.61 -5.23 -2.37
CA HIS A 60 -1.19 -5.00 -2.21
C HIS A 60 -0.74 -5.48 -0.80
N MET A 61 -1.66 -5.42 0.18
CA MET A 61 -1.41 -5.91 1.55
C MET A 61 -1.31 -7.44 1.57
N LYS A 62 -2.16 -8.09 0.75
CA LYS A 62 -2.16 -9.55 0.56
C LYS A 62 -0.85 -10.05 -0.10
N LYS A 63 -0.22 -9.19 -0.91
CA LYS A 63 1.14 -9.44 -1.45
C LYS A 63 2.16 -9.70 -0.30
N HIS A 64 2.01 -8.98 0.84
CA HIS A 64 2.86 -9.17 2.05
C HIS A 64 2.49 -10.46 2.81
N ASP A 65 1.29 -10.98 2.55
CA ASP A 65 0.72 -12.10 3.31
C ASP A 65 1.08 -13.41 2.60
N ALA A 66 1.23 -13.31 1.28
CA ALA A 66 1.50 -14.44 0.39
C ALA A 66 2.99 -14.55 0.04
N ASP A 67 3.67 -13.38 -0.09
CA ASP A 67 5.02 -13.28 -0.71
C ASP A 67 4.96 -13.87 -2.15
N SER A 68 3.83 -13.62 -2.80
CA SER A 68 3.56 -14.10 -4.17
C SER A 68 4.54 -13.52 -5.21
N PHE A 69 5.10 -12.34 -4.90
CA PHE A 69 6.04 -11.64 -5.78
C PHE A 69 7.42 -12.31 -5.78
N TYR A 70 7.81 -12.85 -4.60
CA TYR A 70 9.19 -13.32 -4.32
C TYR A 70 10.21 -12.25 -4.74
N GLN A 71 10.36 -11.25 -3.87
CA GLN A 71 11.21 -10.08 -4.14
C GLN A 71 12.68 -10.50 -4.07
N PHE A 72 13.00 -11.25 -3.02
CA PHE A 72 14.33 -11.78 -2.72
C PHE A 72 14.05 -13.05 -1.91
N SER A 73 14.76 -14.13 -2.22
CA SER A 73 14.59 -15.42 -1.55
C SER A 73 15.86 -16.25 -1.71
N CYS A 74 16.48 -16.58 -0.58
CA CYS A 74 17.61 -17.51 -0.50
C CYS A 74 17.16 -18.91 -0.96
N ASN A 75 17.81 -19.46 -2.01
CA ASN A 75 17.44 -20.76 -2.60
C ASN A 75 17.50 -21.91 -1.55
N ILE A 76 18.37 -21.75 -0.52
CA ILE A 76 18.64 -22.81 0.46
C ILE A 76 17.75 -22.70 1.72
N CYS A 77 17.47 -21.47 2.25
CA CYS A 77 16.66 -21.36 3.50
C CYS A 77 15.57 -20.28 3.43
N GLY A 78 15.49 -19.55 2.28
CA GLY A 78 14.39 -18.60 2.00
C GLY A 78 14.24 -17.49 3.04
N LYS A 79 15.38 -17.04 3.59
CA LYS A 79 15.42 -16.07 4.70
C LYS A 79 14.83 -14.68 4.32
N LYS A 80 15.12 -14.19 3.08
CA LYS A 80 14.73 -12.82 2.58
C LYS A 80 15.73 -11.76 3.10
N PHE A 81 16.39 -11.08 2.15
CA PHE A 81 17.32 -9.96 2.43
C PHE A 81 16.99 -8.80 1.48
N GLU A 82 17.23 -7.55 1.92
CA GLU A 82 16.83 -6.34 1.16
C GLU A 82 17.54 -6.18 -0.21
N LYS A 83 18.55 -7.02 -0.50
CA LYS A 83 19.20 -7.08 -1.81
C LYS A 83 19.73 -8.51 -2.03
N LYS A 84 19.73 -8.94 -3.29
CA LYS A 84 20.26 -10.25 -3.71
C LYS A 84 21.76 -10.36 -3.38
N ASP A 85 22.44 -9.20 -3.36
CA ASP A 85 23.84 -9.09 -2.92
C ASP A 85 24.04 -9.66 -1.51
N SER A 86 23.09 -9.35 -0.60
CA SER A 86 23.11 -9.89 0.77
C SER A 86 22.78 -11.38 0.78
N VAL A 87 21.96 -11.84 -0.20
CA VAL A 87 21.47 -13.26 -0.28
C VAL A 87 22.63 -14.20 -0.70
N VAL A 88 23.38 -13.74 -1.70
CA VAL A 88 24.50 -14.48 -2.30
C VAL A 88 25.70 -14.45 -1.34
N ALA A 89 25.88 -13.30 -0.68
CA ALA A 89 26.93 -13.10 0.33
C ALA A 89 26.63 -13.98 1.55
N HIS A 90 25.33 -14.08 1.87
CA HIS A 90 24.83 -14.91 2.99
C HIS A 90 24.93 -16.40 2.65
N LYS A 91 24.79 -16.75 1.37
CA LYS A 91 24.84 -18.16 0.93
C LYS A 91 26.27 -18.68 1.02
N ALA A 92 27.22 -17.80 0.67
CA ALA A 92 28.65 -18.11 0.72
C ALA A 92 29.19 -18.06 2.18
N LYS A 93 28.43 -17.41 3.09
CA LYS A 93 28.82 -17.25 4.49
C LYS A 93 28.16 -18.32 5.40
N SER A 94 26.86 -18.54 5.19
CA SER A 94 25.99 -19.33 6.10
C SER A 94 25.77 -20.75 5.54
N HIS A 95 26.10 -20.95 4.24
CA HIS A 95 25.99 -22.26 3.56
C HIS A 95 27.30 -22.54 2.75
N PRO A 96 28.54 -22.25 3.29
CA PRO A 96 29.79 -22.18 2.46
C PRO A 96 30.18 -23.52 1.81
N GLU A 97 29.83 -24.64 2.47
CA GLU A 97 29.99 -25.99 1.92
C GLU A 97 28.74 -26.82 2.31
N VAL A 98 27.79 -26.91 1.38
CA VAL A 98 26.55 -27.71 1.52
C VAL A 98 26.33 -28.57 0.26
ZN ZN B . 4.58 16.94 1.23
ZN ZN C . 2.33 -2.52 1.76
ZN ZN D . 20.16 -19.10 3.45
N HIS A 10 9.09 22.81 -16.88
CA HIS A 10 8.00 23.14 -15.95
C HIS A 10 6.72 23.46 -16.74
N MET A 11 5.78 22.49 -16.75
CA MET A 11 4.42 22.66 -17.32
C MET A 11 3.53 21.47 -16.89
N ARG A 12 4.14 20.27 -16.87
CA ARG A 12 3.47 19.03 -16.43
C ARG A 12 4.15 18.54 -15.15
N ASP A 13 4.64 19.53 -14.37
CA ASP A 13 5.52 19.30 -13.23
C ASP A 13 4.84 19.88 -11.99
N TYR A 14 3.94 19.08 -11.47
CA TYR A 14 3.08 19.39 -10.33
C TYR A 14 3.87 19.23 -9.04
N ILE A 15 4.01 20.33 -8.31
CA ILE A 15 4.89 20.39 -7.15
C ILE A 15 4.05 20.34 -5.86
N CYS A 16 4.18 19.23 -5.09
CA CYS A 16 3.78 19.18 -3.69
C CYS A 16 4.57 20.23 -2.90
N GLU A 17 3.88 21.36 -2.63
CA GLU A 17 4.17 22.38 -1.60
C GLU A 17 5.67 22.59 -1.25
N TYR A 18 6.27 21.54 -0.69
CA TYR A 18 7.59 21.59 -0.02
C TYR A 18 8.57 20.56 -0.63
N CYS A 19 8.02 19.39 -0.91
CA CYS A 19 8.82 18.16 -1.16
C CYS A 19 9.24 18.01 -2.62
N ALA A 20 8.26 18.22 -3.53
CA ALA A 20 8.30 17.66 -4.89
C ALA A 20 9.41 18.21 -5.77
N ARG A 21 10.19 17.28 -6.33
CA ARG A 21 11.05 17.56 -7.48
C ARG A 21 10.14 17.80 -8.71
N ALA A 22 9.34 16.79 -9.13
CA ALA A 22 8.20 16.98 -10.06
C ALA A 22 7.32 15.72 -10.12
N PHE A 23 6.01 15.88 -9.90
CA PHE A 23 5.02 14.84 -10.14
C PHE A 23 4.36 15.12 -11.51
N LYS A 24 4.03 14.06 -12.25
CA LYS A 24 3.37 14.21 -13.57
C LYS A 24 1.91 14.67 -13.43
N SER A 25 1.31 14.50 -12.23
CA SER A 25 -0.10 14.80 -11.97
C SER A 25 -0.26 15.38 -10.55
N SER A 26 -1.20 16.33 -10.41
CA SER A 26 -1.68 16.83 -9.11
C SER A 26 -2.26 15.69 -8.26
N HIS A 27 -2.86 14.70 -8.92
CA HIS A 27 -3.44 13.51 -8.28
C HIS A 27 -2.32 12.64 -7.69
N ASN A 28 -1.20 12.56 -8.43
CA ASN A 28 0.00 11.77 -8.04
C ASN A 28 0.59 12.31 -6.72
N LEU A 29 0.79 13.64 -6.69
CA LEU A 29 1.32 14.35 -5.51
C LEU A 29 0.39 14.16 -4.31
N ALA A 30 -0.91 14.13 -4.59
CA ALA A 30 -1.98 13.94 -3.58
C ALA A 30 -1.89 12.55 -2.90
N VAL A 31 -1.40 11.54 -3.64
CA VAL A 31 -1.21 10.16 -3.13
C VAL A 31 -0.10 10.15 -2.05
N HIS A 32 1.03 10.83 -2.35
CA HIS A 32 2.17 10.97 -1.42
C HIS A 32 1.79 11.93 -0.26
N ARG A 33 0.96 12.93 -0.60
CA ARG A 33 0.52 14.00 0.31
C ARG A 33 -0.29 13.46 1.51
N MET A 34 -0.54 12.14 1.55
CA MET A 34 -1.17 11.39 2.68
C MET A 34 -0.62 11.74 4.10
N ILE A 35 0.51 12.47 4.14
CA ILE A 35 1.05 13.09 5.33
C ILE A 35 0.35 14.49 5.57
N HIS A 36 0.47 15.44 4.61
CA HIS A 36 0.00 16.87 4.76
C HIS A 36 -1.34 17.18 4.01
N THR A 37 -2.02 16.14 3.51
CA THR A 37 -3.14 16.29 2.55
C THR A 37 -4.36 17.07 3.09
N GLY A 38 -4.92 16.61 4.23
CA GLY A 38 -6.22 17.06 4.72
C GLY A 38 -7.38 16.27 4.10
N GLU A 39 -7.23 15.82 2.83
CA GLU A 39 -8.22 14.98 2.12
C GLU A 39 -8.25 13.56 2.70
N LYS A 40 -7.05 12.98 2.89
CA LYS A 40 -6.83 11.65 3.49
C LYS A 40 -7.30 10.53 2.52
N PRO A 41 -6.37 9.95 1.69
CA PRO A 41 -6.68 8.79 0.83
C PRO A 41 -6.88 7.50 1.69
N LEU A 42 -7.12 6.38 1.01
CA LEU A 42 -7.52 5.12 1.66
C LEU A 42 -6.37 4.11 1.57
N GLN A 43 -5.72 3.83 2.71
CA GLN A 43 -4.58 2.90 2.79
C GLN A 43 -5.00 1.66 3.61
N CYS A 44 -4.45 0.49 3.24
CA CYS A 44 -4.60 -0.75 4.00
C CYS A 44 -3.92 -0.62 5.37
N GLU A 45 -4.75 -0.53 6.43
CA GLU A 45 -4.31 -0.42 7.84
C GLU A 45 -3.60 -1.69 8.39
N ILE A 46 -3.36 -2.69 7.53
CA ILE A 46 -2.75 -3.96 7.92
C ILE A 46 -1.25 -3.88 7.64
N CYS A 47 -0.93 -3.55 6.39
CA CYS A 47 0.42 -3.31 5.94
C CYS A 47 0.40 -1.88 5.43
N GLY A 48 0.52 -1.68 4.14
CA GLY A 48 0.05 -0.50 3.46
C GLY A 48 -0.41 -0.88 2.05
N PHE A 49 -1.17 -0.02 1.37
CA PHE A 49 -1.69 -0.24 0.01
C PHE A 49 -2.63 0.93 -0.17
N THR A 50 -2.30 1.88 -1.03
CA THR A 50 -2.96 3.18 -1.02
C THR A 50 -3.70 3.38 -2.36
N CYS A 51 -4.93 3.81 -2.22
CA CYS A 51 -5.88 3.95 -3.31
C CYS A 51 -6.89 5.06 -2.96
N ARG A 52 -7.66 5.51 -3.95
CA ARG A 52 -8.74 6.50 -3.74
C ARG A 52 -10.11 5.79 -3.70
N GLN A 53 -10.11 4.48 -3.99
CA GLN A 53 -11.31 3.64 -4.09
C GLN A 53 -11.31 2.61 -2.95
N LYS A 54 -12.26 2.76 -2.01
CA LYS A 54 -12.41 1.88 -0.83
C LYS A 54 -12.46 0.38 -1.22
N ALA A 55 -13.14 0.09 -2.35
CA ALA A 55 -13.33 -1.28 -2.86
C ALA A 55 -11.98 -2.00 -3.15
N SER A 56 -11.01 -1.23 -3.71
CA SER A 56 -9.70 -1.78 -4.13
C SER A 56 -8.95 -2.42 -2.93
N LEU A 57 -8.76 -1.64 -1.85
CA LEU A 57 -8.09 -2.13 -0.63
C LEU A 57 -9.02 -3.02 0.23
N ASN A 58 -10.34 -2.78 0.16
CA ASN A 58 -11.37 -3.58 0.91
C ASN A 58 -11.25 -5.08 0.64
N TRP A 59 -10.92 -5.48 -0.60
CA TRP A 59 -10.67 -6.89 -0.94
C TRP A 59 -9.25 -7.28 -0.52
N HIS A 60 -8.26 -6.44 -0.88
CA HIS A 60 -6.84 -6.62 -0.46
C HIS A 60 -6.63 -6.98 1.04
N MET A 61 -7.36 -6.34 1.97
CA MET A 61 -7.31 -6.69 3.42
C MET A 61 -7.91 -8.09 3.71
N LYS A 62 -9.00 -8.43 3.00
CA LYS A 62 -9.60 -9.79 3.03
C LYS A 62 -8.62 -10.86 2.46
N LYS A 63 -7.77 -10.42 1.52
CA LYS A 63 -6.73 -11.28 0.92
C LYS A 63 -5.66 -11.67 1.95
N HIS A 64 -5.44 -10.79 2.96
CA HIS A 64 -4.53 -11.06 4.10
C HIS A 64 -5.06 -12.22 4.97
N ASP A 65 -6.39 -12.50 4.92
CA ASP A 65 -7.03 -13.50 5.80
C ASP A 65 -6.51 -14.91 5.46
N ALA A 66 -6.66 -15.29 4.18
CA ALA A 66 -6.06 -16.53 3.64
C ALA A 66 -4.58 -16.34 3.25
N ASP A 67 -4.11 -15.07 3.29
CA ASP A 67 -2.72 -14.63 2.97
C ASP A 67 -2.40 -14.69 1.45
N SER A 68 -2.51 -15.90 0.88
CA SER A 68 -1.99 -16.24 -0.45
C SER A 68 -2.71 -15.52 -1.61
N PHE A 69 -3.98 -15.87 -1.82
CA PHE A 69 -4.77 -15.45 -3.01
C PHE A 69 -6.19 -15.07 -2.58
N TYR A 70 -6.42 -14.97 -1.24
CA TYR A 70 -7.78 -14.94 -0.62
C TYR A 70 -8.49 -16.32 -0.79
N GLN A 71 -7.73 -17.33 -1.27
CA GLN A 71 -8.25 -18.67 -1.57
C GLN A 71 -7.73 -19.69 -0.52
N PHE A 72 -6.92 -20.70 -0.94
CA PHE A 72 -6.61 -21.88 -0.14
C PHE A 72 -5.17 -22.28 -0.45
N SER A 73 -4.44 -22.65 0.57
CA SER A 73 -3.02 -23.00 0.50
C SER A 73 -2.75 -24.28 1.26
N CYS A 74 -1.64 -24.92 0.90
CA CYS A 74 -1.05 -26.02 1.64
C CYS A 74 0.07 -25.41 2.50
N ASN A 75 -0.06 -25.46 3.83
CA ASN A 75 0.97 -24.90 4.74
C ASN A 75 2.32 -25.67 4.62
N ILE A 76 2.26 -26.90 4.08
CA ILE A 76 3.43 -27.79 4.00
C ILE A 76 4.27 -27.53 2.72
N CYS A 77 3.62 -27.27 1.55
CA CYS A 77 4.40 -27.05 0.28
C CYS A 77 3.80 -25.93 -0.61
N GLY A 78 2.68 -25.33 -0.18
CA GLY A 78 2.07 -24.18 -0.87
C GLY A 78 1.63 -24.47 -2.30
N LYS A 79 1.05 -25.66 -2.50
CA LYS A 79 0.57 -26.11 -3.82
C LYS A 79 -0.64 -25.26 -4.33
N LYS A 80 -1.45 -24.71 -3.38
CA LYS A 80 -2.56 -23.73 -3.64
C LYS A 80 -3.75 -24.43 -4.32
N PHE A 81 -4.88 -24.58 -3.59
CA PHE A 81 -6.04 -25.38 -4.08
C PHE A 81 -7.34 -24.57 -4.20
N GLU A 82 -8.31 -25.17 -4.92
CA GLU A 82 -9.66 -24.62 -5.11
C GLU A 82 -10.50 -24.62 -3.81
N LYS A 83 -10.32 -25.65 -2.95
CA LYS A 83 -11.00 -25.69 -1.64
C LYS A 83 -10.19 -26.50 -0.61
N LYS A 84 -10.65 -26.42 0.66
CA LYS A 84 -10.04 -27.10 1.82
C LYS A 84 -10.00 -28.62 1.59
N ASP A 85 -11.08 -29.18 0.99
CA ASP A 85 -11.20 -30.62 0.69
C ASP A 85 -9.99 -31.12 -0.13
N SER A 86 -9.62 -30.34 -1.15
CA SER A 86 -8.47 -30.66 -2.01
C SER A 86 -7.15 -30.65 -1.23
N VAL A 87 -7.04 -29.74 -0.23
CA VAL A 87 -5.79 -29.54 0.54
C VAL A 87 -5.60 -30.68 1.57
N VAL A 88 -6.72 -31.07 2.20
CA VAL A 88 -6.79 -32.08 3.27
C VAL A 88 -6.58 -33.48 2.64
N ALA A 89 -7.17 -33.66 1.44
CA ALA A 89 -7.02 -34.88 0.66
C ALA A 89 -5.55 -35.04 0.25
N HIS A 90 -4.96 -33.90 -0.14
CA HIS A 90 -3.56 -33.80 -0.61
C HIS A 90 -2.56 -33.99 0.55
N LYS A 91 -2.93 -33.57 1.77
CA LYS A 91 -2.05 -33.68 2.96
C LYS A 91 -1.97 -35.15 3.38
N ALA A 92 -3.14 -35.80 3.40
CA ALA A 92 -3.28 -37.21 3.76
C ALA A 92 -2.52 -38.10 2.77
N LYS A 93 -2.48 -37.67 1.50
CA LYS A 93 -1.95 -38.47 0.40
C LYS A 93 -0.45 -38.18 0.16
N SER A 94 -0.08 -36.89 0.11
CA SER A 94 1.25 -36.44 -0.33
C SER A 94 2.15 -36.04 0.85
N HIS A 95 1.60 -36.01 2.08
CA HIS A 95 2.38 -35.69 3.31
C HIS A 95 2.08 -36.66 4.51
N PRO A 96 1.95 -38.03 4.31
CA PRO A 96 1.73 -38.95 5.44
C PRO A 96 3.01 -39.09 6.30
N GLU A 97 4.18 -39.01 5.64
CA GLU A 97 5.49 -38.92 6.28
C GLU A 97 6.09 -37.57 5.86
N VAL A 98 5.94 -36.59 6.74
CA VAL A 98 6.54 -35.26 6.58
C VAL A 98 7.56 -35.04 7.74
ZN ZN B . 4.63 16.41 0.18
ZN ZN C . -2.25 -4.95 3.01
ZN ZN D . 1.42 -29.98 0.09
#